data_6XJU
#
_entry.id   6XJU
#
_cell.length_a   105.965
_cell.length_b   105.965
_cell.length_c   305.398
_cell.angle_alpha   90.000
_cell.angle_beta   90.000
_cell.angle_gamma   90.000
#
_symmetry.space_group_name_H-M   'P 43 21 2'
#
loop_
_entity.id
_entity.type
_entity.pdbx_description
1 polymer 'GTP-binding nuclear protein Ran'
2 polymer 'Ran-specific GTPase-activating protein 1'
3 polymer Exportin-1
4 non-polymer 'PHOSPHOAMINOPHOSPHONIC ACID-GUANYLATE ESTER'
5 non-polymer 'MAGNESIUM ION'
6 non-polymer (2R)-3-{3-[3,5-bis(trifluoromethyl)phenyl]-1H-1,2,4-triazol-1-yl}-2-(pyrimidin-5-yl)propanamide
7 water water
#
loop_
_entity_poly.entity_id
_entity_poly.type
_entity_poly.pdbx_seq_one_letter_code
_entity_poly.pdbx_strand_id
1 'polypeptide(L)'
;MAAQGEPQVQFKLVLVGDGGTGKTTFVKRHLTGEFEKKYVATLGVEVHPLVFHTNRGPIKFNVWDTAGQEKFGGLRDGYY
IQAQCAIIMFDVTSRVTYKNVPNWHRDLVRVCENIPIVLCGNKVDIKDRKVKAKSIVFHRKKNLQYYDISAKSNYNFEKP
FLWLARKLIGDPNLEFVAMPALAPPEVVMDPALAAQYEHDLEVAQTTALPDEDDDL
;
A
2 'polypeptide(L)'
;DIHFEPVVHLEKVDVKTMEEDEEVLYKVRAKLFRFDADAKEWKERGTGDCKFLKNKKTNKVRILMRRDKTLKICANHIIA
PEYTLKPNVGSDRSWVYACTADIAEGEAEAFTFAIRFGSKENADKFKEEFEKAQEINKKA
;
B
3 'polypeptide(L)'
;GGSMEGILDFSNDLDIALLDQVVSTFYQGSGVQQKQAQEILTKFQDNPDAWQKADQILQFSTNPQSKFIALSILDKLITR
KWKLLPNDHRIGIRNFVVGMIISMCQDDEVFKTQKNLINKSDLTLVQILKQEWPQNWPEFIPELIGSSSSSVNVCENNMI
VLKLLSEEVFDFSAEQMTQAKALHLKNSMSKEFEQIFKLCFQVLEQGSSSSLIVATLESLLRYLHWIPYRYIYETNILEL
LSTKFMTSPDTRAITLKCLTEVSNLKIPQDNDLIKRQTVLFFQNTLQQIATSVMPVTADLKATYANANGNDQSFLQDLAM
FLTTYLARNRALLESDESLRELLLNAHQYLIQLSKIEERELFKTTLDYWHNLVADLFYEPLKKHIYEEICSQLRLVIIEN
MVRPEEVLVVENDEGEIVREFVKESDTIQLYKSEREVLVYLTHLNVIDTEEIMISKLARQIDGSEWSWHNINTLSWAIGS
ISGTMSEDTEKRFVVTVIKDLLGLCEQKRGKDNKAVVASDIMYVVGQYPRFLKAHWNFLRTVILKLFKFMHETHEGVQDM
ACDTFIKIVQKCKYHFVIQQPRESEPFIQTIIRDIQKTTADLQPQQVHTFYKACGIIISEERSVAERNRLLSDLMQLPNM
AWDTIVEQSTANPTLLLDSETVKIIANIIKTNVAVCTSMGADFYPQLGHIYYNMLQLYRAVSSMISAQVAAEGLIATKTP
KVRGLRTIKKEILKLVETYISKARNLDDVVKVLVEPLLNAVLEDYMNNVPDARDAEVLNCMTTVVEKVGHMIPQGVILIL
QSVFECTLDMINKDFTEYPEHRVEFYKLLKVINEKSFAAFLELPPAAFKLFVDAICWAFKHNNRDVEVNGLQIALDLVKN
IERMGNVPFANEFHKNYFFIFVSETFFVLTDSDHKSGFSKQALLLMKLISLVYDNKISVPLYQEAEVPQGTSNQVYLSQY
LANMLSNAFPHLTSEQIASFLSALTKQCKDLVVFKGTLRDFLVQIKEVGGDPTDYLFAEDKENA
;
C
#
loop_
_chem_comp.id
_chem_comp.type
_chem_comp.name
_chem_comp.formula
6L8 non-polymer (2R)-3-{3-[3,5-bis(trifluoromethyl)phenyl]-1H-1,2,4-triazol-1-yl}-2-(pyrimidin-5-yl)propanamide 'C17 H12 F6 N6 O'
GNP non-polymer 'PHOSPHOAMINOPHOSPHONIC ACID-GUANYLATE ESTER' 'C10 H17 N6 O13 P3'
MG non-polymer 'MAGNESIUM ION' 'Mg 2'
#
# COMPACT_ATOMS: atom_id res chain seq x y z
N VAL A 9 20.10 -25.77 3.43
CA VAL A 9 19.99 -24.58 2.58
C VAL A 9 18.94 -23.62 3.17
N GLN A 10 19.30 -22.97 4.28
CA GLN A 10 18.37 -22.08 4.97
C GLN A 10 18.98 -20.69 5.15
N PHE A 11 18.13 -19.67 5.02
CA PHE A 11 18.57 -18.28 5.04
C PHE A 11 17.78 -17.49 6.07
N LYS A 12 18.46 -16.62 6.80
CA LYS A 12 17.79 -15.79 7.79
C LYS A 12 17.20 -14.57 7.10
N LEU A 13 15.90 -14.36 7.26
CA LEU A 13 15.17 -13.24 6.65
C LEU A 13 14.57 -12.40 7.76
N VAL A 14 14.86 -11.11 7.77
CA VAL A 14 14.28 -10.19 8.73
C VAL A 14 13.23 -9.35 8.02
N LEU A 15 12.10 -9.19 8.69
CA LEU A 15 10.95 -8.47 8.16
C LEU A 15 10.71 -7.28 9.07
N VAL A 16 10.76 -6.06 8.49
CA VAL A 16 10.65 -4.83 9.28
C VAL A 16 9.65 -3.88 8.64
N GLY A 17 9.12 -2.99 9.45
CA GLY A 17 8.20 -1.97 8.98
C GLY A 17 7.34 -1.46 10.11
N ASP A 18 6.70 -0.32 9.87
CA ASP A 18 5.82 0.28 10.86
C ASP A 18 4.77 -0.71 11.36
N GLY A 19 4.26 -0.49 12.57
CA GLY A 19 3.22 -1.36 13.07
C GLY A 19 1.96 -1.23 12.25
N GLY A 20 1.27 -2.36 12.08
CA GLY A 20 0.02 -2.38 11.35
C GLY A 20 0.16 -2.46 9.85
N THR A 21 1.38 -2.59 9.30
CA THR A 21 1.56 -2.67 7.86
C THR A 21 1.24 -4.04 7.29
N GLY A 22 1.15 -5.08 8.12
CA GLY A 22 0.77 -6.40 7.68
C GLY A 22 1.88 -7.42 7.61
N LYS A 23 2.99 -7.21 8.31
CA LYS A 23 4.11 -8.14 8.30
C LYS A 23 3.68 -9.53 8.78
N THR A 24 3.09 -9.61 9.98
CA THR A 24 2.72 -10.91 10.53
C THR A 24 1.61 -11.57 9.71
N THR A 25 0.61 -10.79 9.28
CA THR A 25 -0.41 -11.34 8.41
C THR A 25 0.20 -11.91 7.13
N PHE A 26 1.20 -11.22 6.58
CA PHE A 26 1.82 -11.68 5.34
C PHE A 26 2.54 -13.01 5.57
N VAL A 27 3.34 -13.10 6.63
CA VAL A 27 4.03 -14.35 6.93
C VAL A 27 3.03 -15.47 7.18
N LYS A 28 2.00 -15.18 7.98
CA LYS A 28 1.04 -16.22 8.32
C LYS A 28 0.35 -16.74 7.06
N ARG A 29 0.00 -15.86 6.14
CA ARG A 29 -0.56 -16.30 4.87
C ARG A 29 0.34 -17.32 4.20
N HIS A 30 1.66 -17.08 4.20
CA HIS A 30 2.60 -18.02 3.61
C HIS A 30 2.80 -19.26 4.45
N LEU A 31 2.63 -19.17 5.78
CA LEU A 31 2.84 -20.34 6.65
C LEU A 31 1.66 -21.31 6.54
N THR A 32 0.44 -20.81 6.73
CA THR A 32 -0.72 -21.67 6.87
C THR A 32 -1.76 -21.46 5.79
N GLY A 33 -1.67 -20.38 5.01
CA GLY A 33 -2.70 -20.03 4.05
C GLY A 33 -3.83 -19.18 4.61
N GLU A 34 -3.81 -18.87 5.89
CA GLU A 34 -4.91 -18.13 6.49
C GLU A 34 -4.72 -16.62 6.33
N PHE A 35 -5.82 -15.89 6.45
CA PHE A 35 -5.77 -14.44 6.52
C PHE A 35 -6.34 -14.00 7.87
N GLU A 36 -5.46 -13.48 8.73
CA GLU A 36 -5.83 -13.05 10.07
C GLU A 36 -6.34 -11.62 10.03
N LYS A 37 -7.63 -11.44 10.35
CA LYS A 37 -8.22 -10.11 10.30
C LYS A 37 -7.85 -9.28 11.52
N LYS A 38 -7.61 -9.92 12.67
CA LYS A 38 -7.32 -9.19 13.89
C LYS A 38 -5.91 -8.62 13.85
N TYR A 39 -5.73 -7.49 14.50
CA TYR A 39 -4.40 -6.89 14.67
C TYR A 39 -3.94 -7.18 16.10
N VAL A 40 -3.04 -8.14 16.24
CA VAL A 40 -2.38 -8.44 17.50
C VAL A 40 -0.91 -8.07 17.32
N ALA A 41 -0.49 -6.99 17.97
CA ALA A 41 0.85 -6.46 17.76
C ALA A 41 1.90 -7.51 18.11
N THR A 42 2.91 -7.63 17.26
CA THR A 42 4.02 -8.53 17.55
C THR A 42 4.85 -7.97 18.69
N LEU A 43 5.30 -8.85 19.59
CA LEU A 43 6.06 -8.46 20.78
C LEU A 43 7.51 -8.89 20.56
N GLY A 44 8.35 -7.94 20.16
CA GLY A 44 9.74 -8.24 19.90
C GLY A 44 9.94 -8.86 18.53
N VAL A 45 9.96 -10.19 18.46
CA VAL A 45 10.10 -10.91 17.20
C VAL A 45 9.43 -12.26 17.34
N GLU A 46 8.94 -12.77 16.22
CA GLU A 46 8.47 -14.15 16.11
C GLU A 46 9.23 -14.81 14.97
N VAL A 47 9.80 -15.97 15.26
CA VAL A 47 10.59 -16.72 14.28
C VAL A 47 9.75 -17.89 13.78
N HIS A 48 9.66 -18.02 12.46
N HIS A 48 9.67 -18.05 12.46
CA HIS A 48 8.92 -19.12 11.83
CA HIS A 48 8.93 -19.18 11.90
C HIS A 48 9.78 -19.64 10.67
C HIS A 48 9.60 -19.68 10.63
N PRO A 49 9.97 -20.95 10.55
CA PRO A 49 10.58 -21.47 9.33
C PRO A 49 9.56 -21.52 8.20
N LEU A 50 10.05 -21.28 6.99
CA LEU A 50 9.21 -21.20 5.81
C LEU A 50 9.99 -21.79 4.64
N VAL A 51 9.48 -22.87 4.06
CA VAL A 51 10.17 -23.59 3.00
C VAL A 51 9.39 -23.40 1.70
N PHE A 52 10.13 -23.20 0.61
CA PHE A 52 9.58 -23.19 -0.73
C PHE A 52 10.28 -24.26 -1.54
N HIS A 53 9.51 -24.91 -2.41
CA HIS A 53 10.06 -25.92 -3.32
C HIS A 53 10.35 -25.25 -4.67
N THR A 54 11.59 -25.39 -5.14
CA THR A 54 12.04 -24.78 -6.37
C THR A 54 12.60 -25.84 -7.31
N ASN A 55 12.79 -25.44 -8.57
CA ASN A 55 13.46 -26.32 -9.53
C ASN A 55 14.94 -26.49 -9.20
N ARG A 56 15.46 -25.76 -8.23
CA ARG A 56 16.82 -25.94 -7.75
C ARG A 56 16.87 -26.56 -6.37
N GLY A 57 15.75 -27.15 -5.92
CA GLY A 57 15.70 -27.78 -4.63
C GLY A 57 14.89 -26.97 -3.64
N PRO A 58 14.78 -27.48 -2.42
CA PRO A 58 14.07 -26.72 -1.38
C PRO A 58 14.93 -25.58 -0.85
N ILE A 59 14.30 -24.44 -0.62
CA ILE A 59 14.93 -23.30 0.03
C ILE A 59 14.12 -22.97 1.27
N LYS A 60 14.81 -22.82 2.39
CA LYS A 60 14.18 -22.59 3.68
C LYS A 60 14.53 -21.18 4.15
N PHE A 61 13.51 -20.40 4.47
CA PHE A 61 13.69 -19.09 5.07
C PHE A 61 13.40 -19.20 6.55
N ASN A 62 14.31 -18.69 7.39
CA ASN A 62 14.03 -18.50 8.81
C ASN A 62 13.55 -17.07 8.99
N VAL A 63 12.24 -16.88 9.06
CA VAL A 63 11.63 -15.56 8.98
C VAL A 63 11.57 -14.98 10.38
N TRP A 64 12.33 -13.90 10.59
CA TRP A 64 12.32 -13.14 11.85
C TRP A 64 11.36 -11.96 11.68
N ASP A 65 10.12 -12.18 12.09
CA ASP A 65 9.05 -11.20 11.92
C ASP A 65 9.08 -10.25 13.13
N THR A 66 9.67 -9.07 12.93
CA THR A 66 9.93 -8.17 14.05
C THR A 66 8.75 -7.22 14.28
N ALA A 67 8.78 -6.56 15.44
CA ALA A 67 7.72 -5.67 15.84
C ALA A 67 7.95 -4.28 15.25
N GLY A 68 6.88 -3.67 14.76
CA GLY A 68 6.94 -2.33 14.22
C GLY A 68 6.63 -1.26 15.25
N GLN A 69 5.81 -1.59 16.25
N GLN A 69 5.80 -1.58 16.25
CA GLN A 69 5.47 -0.61 17.28
CA GLN A 69 5.47 -0.62 17.28
C GLN A 69 6.67 -0.40 18.19
C GLN A 69 6.68 -0.40 18.17
N GLU A 70 7.02 0.88 18.42
CA GLU A 70 8.20 1.19 19.22
C GLU A 70 8.10 0.62 20.63
N LYS A 71 6.93 0.73 21.26
CA LYS A 71 6.75 0.22 22.62
C LYS A 71 6.84 -1.30 22.70
N PHE A 72 6.93 -1.99 21.56
CA PHE A 72 7.08 -3.44 21.54
C PHE A 72 8.34 -3.86 20.79
N GLY A 73 9.27 -2.94 20.58
CA GLY A 73 10.38 -3.17 19.68
C GLY A 73 11.39 -4.19 20.16
N GLY A 74 11.37 -4.54 21.44
CA GLY A 74 12.31 -5.53 21.95
C GLY A 74 13.75 -5.16 21.66
N LEU A 75 14.51 -6.11 21.12
CA LEU A 75 15.94 -5.90 20.87
C LEU A 75 16.20 -5.00 19.67
N ARG A 76 15.19 -4.64 18.89
CA ARG A 76 15.28 -3.66 17.80
C ARG A 76 16.32 -4.17 16.80
N ASP A 77 17.40 -3.43 16.52
CA ASP A 77 18.34 -3.88 15.50
C ASP A 77 19.12 -5.12 15.92
N GLY A 78 19.05 -5.54 17.18
CA GLY A 78 19.66 -6.79 17.57
C GLY A 78 19.11 -7.98 16.79
N TYR A 79 17.88 -7.87 16.31
CA TYR A 79 17.29 -8.93 15.51
C TYR A 79 17.98 -9.08 14.16
N TYR A 80 18.61 -8.02 13.66
CA TYR A 80 19.11 -8.02 12.29
C TYR A 80 20.43 -8.76 12.15
N ILE A 81 21.11 -9.07 13.25
CA ILE A 81 22.43 -9.67 13.18
C ILE A 81 22.38 -10.94 12.35
N GLN A 82 23.31 -11.06 11.40
CA GLN A 82 23.50 -12.25 10.58
C GLN A 82 22.31 -12.53 9.66
N ALA A 83 21.43 -11.57 9.45
CA ALA A 83 20.39 -11.75 8.43
C ALA A 83 21.04 -11.82 7.06
N GLN A 84 20.47 -12.65 6.19
CA GLN A 84 20.96 -12.82 4.82
C GLN A 84 20.03 -12.22 3.77
N CYS A 85 18.89 -11.68 4.19
CA CYS A 85 17.96 -11.00 3.29
C CYS A 85 16.93 -10.29 4.17
N ALA A 86 16.09 -9.49 3.55
CA ALA A 86 15.10 -8.76 4.34
C ALA A 86 13.96 -8.28 3.46
N ILE A 87 12.83 -8.01 4.11
CA ILE A 87 11.69 -7.36 3.51
C ILE A 87 11.38 -6.13 4.36
N ILE A 88 11.25 -4.98 3.72
CA ILE A 88 10.76 -3.77 4.38
C ILE A 88 9.33 -3.56 3.93
N MET A 89 8.43 -3.40 4.88
CA MET A 89 7.00 -3.36 4.63
C MET A 89 6.46 -1.97 4.96
N PHE A 90 5.59 -1.46 4.11
CA PHE A 90 4.78 -0.31 4.45
C PHE A 90 3.36 -0.53 3.95
N ASP A 91 2.49 0.43 4.21
CA ASP A 91 1.05 0.30 3.95
C ASP A 91 0.66 1.42 2.99
N VAL A 92 0.22 1.06 1.78
CA VAL A 92 -0.09 2.10 0.79
C VAL A 92 -1.30 2.94 1.15
N THR A 93 -2.00 2.62 2.23
CA THR A 93 -3.10 3.43 2.73
C THR A 93 -2.68 4.31 3.89
N SER A 94 -1.39 4.34 4.21
CA SER A 94 -0.87 5.11 5.33
C SER A 94 0.45 5.76 4.91
N ARG A 95 0.38 7.04 4.52
CA ARG A 95 1.57 7.73 4.05
C ARG A 95 2.68 7.73 5.09
N VAL A 96 2.33 7.79 6.37
CA VAL A 96 3.38 7.85 7.38
C VAL A 96 4.25 6.60 7.31
N THR A 97 3.68 5.45 6.92
CA THR A 97 4.48 4.22 6.90
C THR A 97 5.49 4.22 5.75
N TYR A 98 5.17 4.91 4.65
CA TYR A 98 6.18 5.07 3.60
C TYR A 98 7.25 6.07 4.02
N LYS A 99 6.85 7.15 4.70
CA LYS A 99 7.82 8.14 5.14
C LYS A 99 8.83 7.56 6.11
N ASN A 100 8.47 6.48 6.81
CA ASN A 100 9.39 5.82 7.73
C ASN A 100 10.22 4.74 7.06
N VAL A 101 9.95 4.42 5.80
CA VAL A 101 10.78 3.42 5.12
C VAL A 101 12.26 3.75 5.18
N PRO A 102 12.70 4.99 4.96
CA PRO A 102 14.13 5.28 5.07
C PRO A 102 14.71 5.08 6.46
N ASN A 103 13.89 5.23 7.51
CA ASN A 103 14.37 4.96 8.86
C ASN A 103 14.60 3.48 9.08
N TRP A 104 13.63 2.64 8.72
CA TRP A 104 13.82 1.20 8.84
C TRP A 104 15.03 0.75 8.02
N HIS A 105 15.15 1.25 6.79
CA HIS A 105 16.24 0.87 5.92
C HIS A 105 17.59 1.25 6.51
N ARG A 106 17.68 2.47 7.05
CA ARG A 106 18.90 2.91 7.71
C ARG A 106 19.32 1.94 8.81
N ASP A 107 18.40 1.63 9.73
CA ASP A 107 18.75 0.76 10.84
C ASP A 107 19.10 -0.64 10.36
N LEU A 108 18.54 -1.07 9.23
CA LEU A 108 18.77 -2.40 8.73
C LEU A 108 20.14 -2.54 8.07
N VAL A 109 20.50 -1.59 7.19
CA VAL A 109 21.76 -1.72 6.46
C VAL A 109 22.96 -1.32 7.29
N ARG A 110 22.76 -0.68 8.43
CA ARG A 110 23.87 -0.45 9.34
C ARG A 110 24.34 -1.76 9.96
N VAL A 111 23.44 -2.71 10.14
CA VAL A 111 23.83 -4.03 10.63
C VAL A 111 24.15 -4.97 9.47
N CYS A 112 23.34 -4.95 8.41
CA CYS A 112 23.46 -5.88 7.28
C CYS A 112 23.82 -5.05 6.05
N GLU A 113 25.12 -4.96 5.77
CA GLU A 113 25.62 -3.98 4.82
C GLU A 113 25.47 -4.39 3.37
N ASN A 114 25.23 -5.68 3.08
CA ASN A 114 25.18 -6.13 1.68
C ASN A 114 24.30 -7.37 1.58
N ILE A 115 23.00 -7.16 1.65
CA ILE A 115 22.03 -8.25 1.55
C ILE A 115 20.93 -7.87 0.58
N PRO A 116 20.28 -8.83 -0.08
CA PRO A 116 19.13 -8.48 -0.91
C PRO A 116 17.95 -8.09 -0.05
N ILE A 117 17.27 -7.01 -0.45
CA ILE A 117 16.17 -6.44 0.31
C ILE A 117 15.02 -6.16 -0.65
N VAL A 118 13.81 -6.53 -0.26
CA VAL A 118 12.60 -6.24 -1.00
C VAL A 118 11.82 -5.19 -0.23
N LEU A 119 11.34 -4.17 -0.93
CA LEU A 119 10.40 -3.21 -0.39
C LEU A 119 9.01 -3.60 -0.86
N CYS A 120 8.06 -3.66 0.06
CA CYS A 120 6.70 -4.12 -0.25
C CYS A 120 5.70 -3.08 0.24
N GLY A 121 4.88 -2.59 -0.68
CA GLY A 121 3.75 -1.75 -0.32
C GLY A 121 2.52 -2.62 -0.21
N ASN A 122 2.07 -2.86 1.02
CA ASN A 122 0.99 -3.80 1.28
C ASN A 122 -0.36 -3.10 1.24
N LYS A 123 -1.42 -3.90 1.13
CA LYS A 123 -2.80 -3.43 1.25
C LYS A 123 -3.26 -2.68 0.01
N VAL A 124 -2.77 -3.08 -1.16
CA VAL A 124 -3.27 -2.49 -2.41
C VAL A 124 -4.68 -2.92 -2.72
N ASP A 125 -5.25 -3.83 -1.94
CA ASP A 125 -6.64 -4.23 -2.11
C ASP A 125 -7.62 -3.14 -1.69
N ILE A 126 -7.18 -2.23 -0.82
N ILE A 126 -7.17 -2.18 -0.88
CA ILE A 126 -8.03 -1.13 -0.38
CA ILE A 126 -8.05 -1.15 -0.36
C ILE A 126 -8.24 -0.17 -1.54
C ILE A 126 -8.22 -0.06 -1.42
N LYS A 127 -9.48 0.30 -1.69
CA LYS A 127 -9.78 1.20 -2.80
C LYS A 127 -9.09 2.55 -2.62
N ASP A 128 -9.22 3.16 -1.44
CA ASP A 128 -8.71 4.51 -1.20
C ASP A 128 -7.21 4.42 -0.89
N ARG A 129 -6.42 4.29 -1.96
CA ARG A 129 -4.97 4.24 -1.82
C ARG A 129 -4.42 5.65 -1.59
N LYS A 130 -3.43 5.76 -0.70
CA LYS A 130 -2.85 7.06 -0.33
C LYS A 130 -1.42 7.26 -0.78
N VAL A 131 -0.60 6.21 -0.86
CA VAL A 131 0.79 6.32 -1.30
C VAL A 131 0.78 5.98 -2.79
N LYS A 132 0.70 7.01 -3.62
CA LYS A 132 0.58 6.81 -5.05
C LYS A 132 1.79 6.08 -5.60
N ALA A 133 1.54 5.23 -6.61
CA ALA A 133 2.63 4.51 -7.25
C ALA A 133 3.75 5.44 -7.67
N LYS A 134 3.40 6.57 -8.26
CA LYS A 134 4.39 7.48 -8.81
C LYS A 134 5.34 8.03 -7.76
N SER A 135 4.93 8.07 -6.49
CA SER A 135 5.79 8.63 -5.46
C SER A 135 6.64 7.57 -4.76
N ILE A 136 6.55 6.30 -5.15
CA ILE A 136 7.33 5.22 -4.54
C ILE A 136 8.63 5.09 -5.33
N VAL A 137 9.69 5.74 -4.84
CA VAL A 137 10.97 5.78 -5.53
C VAL A 137 12.14 5.49 -4.60
N PHE A 138 11.92 5.32 -3.29
CA PHE A 138 13.04 5.17 -2.36
C PHE A 138 13.96 4.02 -2.74
N HIS A 139 13.41 2.97 -3.36
CA HIS A 139 14.20 1.78 -3.67
C HIS A 139 15.23 2.00 -4.76
N ARG A 140 15.05 3.01 -5.61
CA ARG A 140 15.91 3.11 -6.79
C ARG A 140 17.36 3.31 -6.42
N LYS A 141 17.66 4.37 -5.66
CA LYS A 141 19.04 4.61 -5.27
C LYS A 141 19.58 3.55 -4.32
N LYS A 142 18.73 2.83 -3.59
CA LYS A 142 19.17 1.85 -2.62
C LYS A 142 19.18 0.42 -3.14
N ASN A 143 18.89 0.21 -4.42
CA ASN A 143 18.99 -1.12 -5.04
C ASN A 143 18.06 -2.13 -4.37
N LEU A 144 16.90 -1.67 -3.91
CA LEU A 144 15.88 -2.58 -3.39
C LEU A 144 14.95 -2.97 -4.52
N GLN A 145 14.47 -4.21 -4.49
CA GLN A 145 13.35 -4.60 -5.33
C GLN A 145 12.05 -4.10 -4.73
N TYR A 146 11.11 -3.68 -5.57
CA TYR A 146 9.82 -3.19 -5.07
C TYR A 146 8.66 -3.98 -5.67
N TYR A 147 7.66 -4.28 -4.84
CA TYR A 147 6.39 -4.87 -5.28
C TYR A 147 5.22 -4.27 -4.52
N ASP A 148 4.17 -3.88 -5.27
CA ASP A 148 2.83 -3.82 -4.71
C ASP A 148 2.38 -5.23 -4.29
N ILE A 149 1.79 -5.34 -3.11
CA ILE A 149 1.29 -6.64 -2.64
C ILE A 149 0.04 -6.44 -1.81
N SER A 150 -0.74 -7.52 -1.67
CA SER A 150 -1.86 -7.56 -0.73
C SER A 150 -1.86 -8.93 -0.06
N ALA A 151 -1.63 -8.97 1.25
CA ALA A 151 -1.82 -10.22 1.98
C ALA A 151 -3.28 -10.66 1.96
N LYS A 152 -4.22 -9.74 1.73
CA LYS A 152 -5.63 -10.10 1.80
C LYS A 152 -6.12 -10.70 0.49
N SER A 153 -5.68 -10.13 -0.64
CA SER A 153 -6.07 -10.65 -1.95
C SER A 153 -5.02 -11.55 -2.58
N ASN A 154 -3.84 -11.69 -1.95
CA ASN A 154 -2.72 -12.48 -2.45
C ASN A 154 -2.03 -11.85 -3.65
N TYR A 155 -2.38 -10.62 -4.00
CA TYR A 155 -1.74 -9.94 -5.12
C TYR A 155 -0.23 -9.91 -4.93
N ASN A 156 0.52 -10.51 -5.86
CA ASN A 156 1.97 -10.55 -5.83
C ASN A 156 2.52 -11.14 -4.54
N PHE A 157 1.73 -11.90 -3.78
CA PHE A 157 2.22 -12.32 -2.46
C PHE A 157 3.46 -13.21 -2.53
N GLU A 158 3.71 -13.88 -3.66
CA GLU A 158 4.85 -14.78 -3.76
C GLU A 158 6.11 -14.11 -4.26
N LYS A 159 6.00 -12.90 -4.81
CA LYS A 159 7.09 -12.29 -5.57
C LYS A 159 8.27 -11.91 -4.68
N PRO A 160 8.04 -11.41 -3.46
CA PRO A 160 9.19 -11.11 -2.59
C PRO A 160 10.06 -12.33 -2.31
N PHE A 161 9.45 -13.50 -2.07
CA PHE A 161 10.22 -14.70 -1.79
C PHE A 161 10.82 -15.28 -3.06
N LEU A 162 10.11 -15.22 -4.18
CA LEU A 162 10.70 -15.68 -5.43
C LEU A 162 11.93 -14.87 -5.79
N TRP A 163 11.86 -13.55 -5.67
CA TRP A 163 13.02 -12.72 -5.98
C TRP A 163 14.17 -13.02 -5.03
N LEU A 164 13.88 -13.04 -3.71
CA LEU A 164 14.93 -13.30 -2.74
C LEU A 164 15.59 -14.65 -2.99
N ALA A 165 14.80 -15.67 -3.28
CA ALA A 165 15.36 -16.99 -3.54
C ALA A 165 16.29 -16.97 -4.74
N ARG A 166 15.92 -16.21 -5.79
CA ARG A 166 16.78 -16.09 -6.96
C ARG A 166 18.10 -15.43 -6.61
N LYS A 167 18.07 -14.38 -5.79
CA LYS A 167 19.30 -13.67 -5.46
C LYS A 167 20.18 -14.51 -4.53
N LEU A 168 19.58 -15.24 -3.59
CA LEU A 168 20.35 -16.02 -2.62
C LEU A 168 20.96 -17.26 -3.27
N ILE A 169 20.18 -17.98 -4.06
CA ILE A 169 20.70 -19.16 -4.74
C ILE A 169 21.62 -18.80 -5.90
N GLY A 170 21.48 -17.59 -6.46
CA GLY A 170 22.31 -17.16 -7.55
C GLY A 170 21.85 -17.63 -8.91
N ASP A 171 20.57 -17.94 -9.07
CA ASP A 171 20.04 -18.45 -10.33
C ASP A 171 18.83 -17.61 -10.72
N PRO A 172 18.94 -16.75 -11.74
CA PRO A 172 17.79 -15.91 -12.11
C PRO A 172 16.65 -16.68 -12.75
N ASN A 173 16.86 -17.94 -13.14
CA ASN A 173 15.82 -18.75 -13.75
C ASN A 173 15.13 -19.66 -12.75
N LEU A 174 15.47 -19.55 -11.46
CA LEU A 174 14.81 -20.33 -10.44
C LEU A 174 13.32 -20.05 -10.43
N GLU A 175 12.52 -21.10 -10.28
CA GLU A 175 11.07 -20.98 -10.23
C GLU A 175 10.53 -21.90 -9.14
N PHE A 176 9.34 -21.57 -8.65
CA PHE A 176 8.65 -22.47 -7.75
C PHE A 176 8.12 -23.66 -8.54
N VAL A 177 8.17 -24.84 -7.93
CA VAL A 177 7.71 -26.07 -8.58
C VAL A 177 6.74 -26.78 -7.65
N ALA A 178 5.84 -27.55 -8.27
CA ALA A 178 4.87 -28.33 -7.51
C ALA A 178 5.59 -29.39 -6.67
N MET A 179 5.30 -29.38 -5.37
CA MET A 179 5.81 -30.43 -4.49
C MET A 179 5.14 -31.77 -4.85
N PRO A 180 5.89 -32.88 -4.82
CA PRO A 180 5.26 -34.18 -5.10
C PRO A 180 4.19 -34.52 -4.07
N ALA A 181 3.19 -35.28 -4.53
CA ALA A 181 1.98 -35.57 -3.76
C ALA A 181 1.89 -37.08 -3.50
N LEU A 182 2.35 -37.50 -2.32
CA LEU A 182 2.30 -38.91 -1.95
C LEU A 182 0.87 -39.42 -1.94
N ALA A 183 0.74 -40.74 -2.13
CA ALA A 183 -0.57 -41.37 -2.04
C ALA A 183 -1.11 -41.17 -0.63
N PRO A 184 -2.36 -40.73 -0.47
CA PRO A 184 -2.91 -40.57 0.88
C PRO A 184 -3.44 -41.87 1.42
N PRO A 185 -3.44 -42.06 2.74
CA PRO A 185 -3.85 -43.34 3.31
C PRO A 185 -5.36 -43.59 3.19
N GLU A 186 -5.73 -44.84 3.47
CA GLU A 186 -7.12 -45.28 3.43
C GLU A 186 -7.53 -45.60 4.87
N VAL A 187 -7.95 -44.58 5.61
CA VAL A 187 -8.31 -44.71 7.02
C VAL A 187 -9.83 -44.68 7.14
N VAL A 188 -10.37 -45.65 7.88
CA VAL A 188 -11.80 -45.69 8.19
C VAL A 188 -12.04 -44.90 9.46
N MET A 189 -13.18 -44.21 9.51
CA MET A 189 -13.49 -43.37 10.66
C MET A 189 -13.56 -44.22 11.92
N ASP A 190 -13.42 -43.55 13.08
CA ASP A 190 -13.34 -44.24 14.37
C ASP A 190 -14.73 -44.37 14.97
N PRO A 191 -15.29 -45.58 15.08
CA PRO A 191 -16.64 -45.70 15.67
C PRO A 191 -16.68 -45.41 17.17
N ALA A 192 -15.54 -45.34 17.84
CA ALA A 192 -15.54 -45.03 19.27
C ALA A 192 -15.87 -43.57 19.51
N LEU A 193 -15.49 -42.68 18.61
CA LEU A 193 -15.83 -41.26 18.67
C LEU A 193 -16.74 -40.82 17.53
N ALA A 194 -17.36 -41.79 16.83
CA ALA A 194 -18.30 -41.43 15.77
C ALA A 194 -19.47 -40.63 16.33
N ALA A 195 -19.93 -40.97 17.53
CA ALA A 195 -20.98 -40.20 18.18
C ALA A 195 -20.50 -38.84 18.66
N GLN A 196 -19.20 -38.55 18.55
CA GLN A 196 -18.63 -37.28 19.00
C GLN A 196 -18.44 -36.28 17.86
N TYR A 197 -18.02 -36.73 16.69
CA TYR A 197 -17.88 -35.80 15.56
C TYR A 197 -19.21 -35.34 15.03
N GLU A 198 -20.31 -35.74 15.66
CA GLU A 198 -21.57 -35.03 15.48
C GLU A 198 -21.48 -33.61 16.06
N HIS A 199 -20.81 -33.47 17.20
CA HIS A 199 -20.69 -32.18 17.89
C HIS A 199 -19.71 -31.27 17.18
N ASP A 200 -18.45 -31.72 17.02
CA ASP A 200 -17.44 -30.90 16.38
C ASP A 200 -17.87 -30.46 14.98
N LEU A 201 -18.68 -31.29 14.30
CA LEU A 201 -19.14 -30.95 12.96
C LEU A 201 -20.33 -30.01 13.01
N GLU A 202 -21.26 -30.23 13.94
CA GLU A 202 -22.37 -29.29 14.13
C GLU A 202 -21.87 -27.88 14.38
N VAL A 203 -20.91 -27.73 15.29
CA VAL A 203 -20.33 -26.40 15.55
C VAL A 203 -19.80 -25.79 14.27
N ALA A 204 -19.03 -26.57 13.50
CA ALA A 204 -18.46 -26.08 12.25
C ALA A 204 -19.53 -25.78 11.22
N GLN A 205 -20.61 -26.58 11.21
CA GLN A 205 -21.69 -26.37 10.26
C GLN A 205 -22.42 -25.06 10.52
N THR A 206 -22.55 -24.67 11.78
CA THR A 206 -23.32 -23.49 12.17
C THR A 206 -22.44 -22.28 12.44
N THR A 207 -21.14 -22.37 12.17
CA THR A 207 -20.24 -21.21 12.23
C THR A 207 -20.03 -20.73 10.80
N ALA A 208 -20.53 -19.55 10.49
CA ALA A 208 -20.53 -19.06 9.12
C ALA A 208 -19.09 -18.87 8.62
N LEU A 209 -18.88 -19.21 7.35
CA LEU A 209 -17.61 -18.98 6.71
C LEU A 209 -17.37 -17.47 6.54
N PRO A 210 -16.13 -17.02 6.64
CA PRO A 210 -15.84 -15.58 6.50
C PRO A 210 -15.86 -15.11 5.05
N ASP A 211 -16.17 -13.81 4.90
CA ASP A 211 -16.04 -13.13 3.60
C ASP A 211 -16.88 -13.79 2.52
N GLU A 212 -18.17 -13.98 2.81
CA GLU A 212 -19.06 -14.66 1.88
C GLU A 212 -19.36 -13.83 0.64
N ASP A 213 -19.00 -12.56 0.63
CA ASP A 213 -19.20 -11.70 -0.54
C ASP A 213 -18.03 -11.76 -1.53
N ASP A 214 -16.99 -12.56 -1.25
CA ASP A 214 -15.84 -12.62 -2.13
C ASP A 214 -16.13 -13.48 -3.36
N ASP A 215 -15.35 -13.27 -4.41
CA ASP A 215 -15.51 -14.05 -5.64
C ASP A 215 -15.34 -15.54 -5.38
N LEU A 216 -14.58 -15.90 -4.35
CA LEU A 216 -14.41 -17.30 -3.93
C LEU A 216 -14.55 -17.43 -2.41
N THR B 17 6.83 -34.70 -8.75
CA THR B 17 5.44 -34.22 -8.78
C THR B 17 4.47 -35.32 -8.31
N MET B 18 4.73 -36.57 -8.69
CA MET B 18 4.00 -37.72 -8.16
C MET B 18 2.51 -37.66 -8.49
N GLU B 19 2.18 -37.30 -9.74
CA GLU B 19 0.78 -37.26 -10.16
C GLU B 19 0.55 -37.77 -11.58
N GLU B 20 1.57 -38.21 -12.29
CA GLU B 20 1.39 -38.62 -13.68
C GLU B 20 0.84 -40.02 -13.82
N ASP B 21 0.81 -40.81 -12.74
CA ASP B 21 0.12 -42.08 -12.69
C ASP B 21 -1.38 -41.93 -12.40
N GLU B 22 -1.96 -40.75 -12.65
CA GLU B 22 -3.32 -40.44 -12.23
C GLU B 22 -4.05 -39.69 -13.34
N GLU B 23 -5.36 -39.90 -13.37
CA GLU B 23 -6.27 -39.25 -14.32
C GLU B 23 -7.11 -38.21 -13.61
N VAL B 24 -7.36 -37.09 -14.28
CA VAL B 24 -8.14 -35.99 -13.71
C VAL B 24 -9.60 -36.22 -14.05
N LEU B 25 -10.38 -36.67 -13.07
CA LEU B 25 -11.81 -36.88 -13.28
C LEU B 25 -12.60 -35.58 -13.21
N TYR B 26 -12.08 -34.57 -12.51
CA TYR B 26 -12.83 -33.34 -12.29
C TYR B 26 -11.90 -32.30 -11.71
N LYS B 27 -12.06 -31.05 -12.17
CA LYS B 27 -11.23 -29.94 -11.73
C LYS B 27 -12.09 -28.69 -11.60
N VAL B 28 -11.92 -27.98 -10.50
CA VAL B 28 -12.70 -26.77 -10.25
C VAL B 28 -11.90 -25.84 -9.34
N ARG B 29 -12.06 -24.54 -9.56
CA ARG B 29 -11.43 -23.53 -8.70
C ARG B 29 -12.20 -23.41 -7.40
N ALA B 30 -11.48 -23.37 -6.28
CA ALA B 30 -12.12 -23.39 -4.98
C ALA B 30 -11.25 -22.71 -3.94
N LYS B 31 -11.86 -22.41 -2.80
CA LYS B 31 -11.17 -21.90 -1.63
C LYS B 31 -11.46 -22.86 -0.47
N LEU B 32 -10.40 -23.38 0.14
CA LEU B 32 -10.53 -24.42 1.15
C LEU B 32 -10.30 -23.82 2.53
N PHE B 33 -11.16 -24.19 3.48
N PHE B 33 -11.16 -24.19 3.48
CA PHE B 33 -11.07 -23.76 4.87
CA PHE B 33 -11.06 -23.77 4.86
C PHE B 33 -10.87 -24.96 5.78
C PHE B 33 -10.90 -24.99 5.76
N ARG B 34 -10.32 -24.70 6.96
N ARG B 34 -10.19 -24.80 6.87
CA ARG B 34 -10.17 -25.70 8.01
CA ARG B 34 -10.21 -25.73 7.99
C ARG B 34 -10.68 -25.09 9.30
C ARG B 34 -10.91 -25.05 9.16
N PHE B 35 -11.46 -25.87 10.05
CA PHE B 35 -12.12 -25.37 11.24
C PHE B 35 -11.17 -25.48 12.43
N ASP B 36 -10.91 -24.35 13.07
CA ASP B 36 -10.11 -24.29 14.29
C ASP B 36 -11.08 -24.37 15.47
N ALA B 37 -11.31 -25.59 15.95
CA ALA B 37 -12.32 -25.80 16.99
C ALA B 37 -12.00 -25.02 18.26
N ASP B 38 -10.72 -24.79 18.54
CA ASP B 38 -10.35 -24.05 19.75
C ASP B 38 -10.82 -22.60 19.66
N ALA B 39 -10.51 -21.93 18.55
CA ALA B 39 -10.92 -20.54 18.36
C ALA B 39 -12.34 -20.40 17.82
N LYS B 40 -13.00 -21.51 17.47
CA LYS B 40 -14.38 -21.48 17.01
C LYS B 40 -14.54 -20.60 15.76
N GLU B 41 -13.53 -20.65 14.88
CA GLU B 41 -13.57 -19.87 13.66
C GLU B 41 -12.99 -20.68 12.51
N TRP B 42 -13.51 -20.43 11.31
CA TRP B 42 -12.94 -21.01 10.11
C TRP B 42 -11.70 -20.25 9.71
N LYS B 43 -10.72 -20.96 9.18
CA LYS B 43 -9.47 -20.37 8.74
C LYS B 43 -9.16 -20.85 7.33
N GLU B 44 -8.89 -19.90 6.44
CA GLU B 44 -8.50 -20.23 5.09
C GLU B 44 -7.24 -21.10 5.07
N ARG B 45 -7.26 -22.14 4.23
CA ARG B 45 -6.09 -23.00 4.04
C ARG B 45 -5.45 -22.86 2.67
N GLY B 46 -6.20 -22.41 1.67
CA GLY B 46 -5.64 -22.24 0.34
C GLY B 46 -6.68 -22.02 -0.73
N THR B 47 -6.25 -21.41 -1.83
CA THR B 47 -7.11 -21.13 -2.97
C THR B 47 -6.40 -21.62 -4.22
N GLY B 48 -7.12 -22.36 -5.06
CA GLY B 48 -6.54 -22.86 -6.28
C GLY B 48 -7.44 -23.88 -6.93
N ASP B 49 -6.84 -24.73 -7.76
CA ASP B 49 -7.57 -25.77 -8.48
C ASP B 49 -7.74 -26.99 -7.58
N CYS B 50 -8.98 -27.40 -7.39
CA CYS B 50 -9.30 -28.63 -6.67
C CYS B 50 -9.50 -29.73 -7.69
N LYS B 51 -8.69 -30.78 -7.61
CA LYS B 51 -8.70 -31.86 -8.59
C LYS B 51 -9.11 -33.18 -7.95
N PHE B 52 -9.89 -33.95 -8.69
CA PHE B 52 -10.19 -35.34 -8.33
C PHE B 52 -9.31 -36.23 -9.19
N LEU B 53 -8.42 -36.98 -8.54
CA LEU B 53 -7.43 -37.79 -9.23
C LEU B 53 -7.70 -39.27 -8.98
N LYS B 54 -7.80 -40.03 -10.07
CA LYS B 54 -7.99 -41.47 -10.01
C LYS B 54 -6.68 -42.17 -10.34
N ASN B 55 -6.17 -42.95 -9.39
CA ASN B 55 -4.92 -43.69 -9.58
C ASN B 55 -5.12 -44.78 -10.63
N LYS B 56 -4.29 -44.78 -11.67
CA LYS B 56 -4.43 -45.76 -12.74
C LYS B 56 -4.19 -47.18 -12.26
N LYS B 57 -3.35 -47.37 -11.25
CA LYS B 57 -2.99 -48.70 -10.76
C LYS B 57 -3.98 -49.24 -9.74
N THR B 58 -4.42 -48.41 -8.79
CA THR B 58 -5.28 -48.87 -7.71
C THR B 58 -6.74 -48.46 -7.87
N ASN B 59 -7.05 -47.57 -8.82
CA ASN B 59 -8.40 -47.06 -9.06
C ASN B 59 -8.94 -46.24 -7.90
N LYS B 60 -8.10 -45.85 -6.94
CA LYS B 60 -8.54 -45.06 -5.80
C LYS B 60 -8.51 -43.58 -6.15
N VAL B 61 -9.62 -42.90 -5.88
CA VAL B 61 -9.79 -41.49 -6.21
C VAL B 61 -9.51 -40.63 -4.99
N ARG B 62 -8.75 -39.54 -5.18
CA ARG B 62 -8.38 -38.66 -4.10
C ARG B 62 -8.67 -37.21 -4.49
N ILE B 63 -8.75 -36.37 -3.48
CA ILE B 63 -8.75 -34.91 -3.68
C ILE B 63 -7.32 -34.43 -3.59
N LEU B 64 -6.90 -33.63 -4.55
CA LEU B 64 -5.59 -32.97 -4.48
C LEU B 64 -5.77 -31.51 -4.89
N MET B 65 -5.35 -30.61 -4.01
CA MET B 65 -5.55 -29.19 -4.21
C MET B 65 -4.24 -28.47 -3.90
N ARG B 66 -3.88 -27.53 -4.77
CA ARG B 66 -2.64 -26.77 -4.66
C ARG B 66 -2.94 -25.29 -4.65
N ARG B 67 -2.17 -24.55 -3.86
CA ARG B 67 -2.29 -23.09 -3.82
C ARG B 67 -1.84 -22.49 -5.15
N ASP B 68 -2.39 -21.31 -5.46
CA ASP B 68 -2.30 -20.77 -6.81
C ASP B 68 -0.85 -20.57 -7.26
N LYS B 69 -0.06 -19.83 -6.51
CA LYS B 69 1.23 -19.39 -7.04
C LYS B 69 2.40 -20.14 -6.44
N THR B 70 2.33 -20.52 -5.17
CA THR B 70 3.35 -21.36 -4.58
C THR B 70 3.19 -22.83 -4.95
N LEU B 71 2.02 -23.22 -5.44
CA LEU B 71 1.72 -24.59 -5.84
C LEU B 71 1.85 -25.58 -4.67
N LYS B 72 1.76 -25.09 -3.45
CA LYS B 72 1.87 -25.95 -2.27
C LYS B 72 0.58 -26.71 -2.05
N ILE B 73 0.73 -27.96 -1.62
CA ILE B 73 -0.43 -28.82 -1.37
C ILE B 73 -1.19 -28.32 -0.15
N CYS B 74 -2.48 -28.08 -0.32
CA CYS B 74 -3.34 -27.72 0.80
C CYS B 74 -4.45 -28.73 1.04
N ALA B 75 -4.56 -29.76 0.21
CA ALA B 75 -5.48 -30.87 0.46
C ALA B 75 -4.96 -32.11 -0.27
N ASN B 76 -4.90 -33.23 0.44
CA ASN B 76 -4.47 -34.49 -0.17
C ASN B 76 -5.05 -35.63 0.67
N HIS B 77 -6.13 -36.24 0.18
CA HIS B 77 -6.80 -37.28 0.95
C HIS B 77 -7.78 -38.02 0.06
N ILE B 78 -8.00 -39.30 0.40
CA ILE B 78 -8.97 -40.11 -0.31
C ILE B 78 -10.36 -39.54 -0.11
N ILE B 79 -11.18 -39.61 -1.16
CA ILE B 79 -12.59 -39.26 -1.06
C ILE B 79 -13.32 -40.47 -0.49
N ALA B 80 -13.17 -40.68 0.81
CA ALA B 80 -13.69 -41.89 1.43
C ALA B 80 -15.21 -41.99 1.25
N PRO B 81 -15.75 -43.21 1.17
CA PRO B 81 -17.21 -43.35 1.04
C PRO B 81 -17.96 -43.00 2.33
N GLU B 82 -17.28 -42.92 3.46
CA GLU B 82 -17.92 -42.60 4.74
C GLU B 82 -18.12 -41.10 4.95
N TYR B 83 -17.60 -40.26 4.05
CA TYR B 83 -17.76 -38.82 4.17
C TYR B 83 -19.11 -38.38 3.61
N THR B 84 -19.63 -37.29 4.18
CA THR B 84 -20.89 -36.70 3.72
C THR B 84 -20.75 -35.19 3.67
N LEU B 85 -21.12 -34.61 2.54
CA LEU B 85 -21.04 -33.17 2.35
C LEU B 85 -22.24 -32.49 3.00
N LYS B 86 -21.97 -31.53 3.89
CA LYS B 86 -23.02 -30.81 4.60
C LYS B 86 -22.98 -29.34 4.23
N PRO B 87 -24.10 -28.63 4.30
CA PRO B 87 -24.09 -27.20 4.04
C PRO B 87 -23.58 -26.40 5.24
N ASN B 88 -23.05 -25.22 4.94
CA ASN B 88 -22.69 -24.26 5.96
C ASN B 88 -23.79 -23.22 6.09
N VAL B 89 -24.09 -22.82 7.32
CA VAL B 89 -25.24 -21.94 7.54
C VAL B 89 -25.11 -20.62 6.79
N GLY B 90 -23.90 -20.21 6.46
CA GLY B 90 -23.71 -18.92 5.86
C GLY B 90 -23.64 -18.89 4.36
N SER B 91 -23.74 -20.03 3.68
CA SER B 91 -23.42 -20.08 2.27
C SER B 91 -24.30 -21.10 1.55
N ASP B 92 -24.69 -20.78 0.33
CA ASP B 92 -25.34 -21.72 -0.58
C ASP B 92 -24.37 -22.25 -1.64
N ARG B 93 -23.06 -21.99 -1.47
CA ARG B 93 -22.07 -22.40 -2.46
C ARG B 93 -20.85 -23.02 -1.78
N SER B 94 -21.05 -23.69 -0.64
CA SER B 94 -19.96 -24.31 0.08
C SER B 94 -20.44 -25.66 0.63
N TRP B 95 -19.47 -26.50 1.00
CA TRP B 95 -19.75 -27.77 1.65
C TRP B 95 -18.81 -27.94 2.82
N VAL B 96 -19.32 -28.53 3.88
CA VAL B 96 -18.54 -28.88 5.06
C VAL B 96 -18.49 -30.39 5.16
N TYR B 97 -17.35 -30.94 5.57
CA TYR B 97 -17.27 -32.37 5.81
C TYR B 97 -16.02 -32.68 6.61
N ALA B 98 -16.09 -33.77 7.37
CA ALA B 98 -15.00 -34.20 8.24
C ALA B 98 -14.07 -35.12 7.48
N CYS B 99 -12.78 -34.90 7.65
CA CYS B 99 -11.74 -35.71 7.01
C CYS B 99 -10.83 -36.27 8.10
N THR B 100 -10.54 -37.56 8.02
CA THR B 100 -9.79 -38.23 9.07
C THR B 100 -8.31 -38.40 8.74
N ALA B 101 -7.92 -38.38 7.46
CA ALA B 101 -6.54 -38.64 7.07
C ALA B 101 -6.16 -37.76 5.88
N ASP B 102 -5.66 -36.56 6.18
CA ASP B 102 -5.20 -35.61 5.17
C ASP B 102 -3.70 -35.38 5.36
N ILE B 103 -2.93 -35.55 4.27
CA ILE B 103 -1.47 -35.53 4.37
C ILE B 103 -0.89 -34.31 3.65
N ALA B 104 -1.65 -33.22 3.58
CA ALA B 104 -1.15 -32.02 2.93
C ALA B 104 -0.01 -31.40 3.73
N GLU B 105 -0.10 -31.41 5.06
CA GLU B 105 0.93 -30.88 5.94
C GLU B 105 1.90 -31.95 6.42
N GLY B 106 1.86 -33.15 5.86
CA GLY B 106 2.76 -34.22 6.26
C GLY B 106 2.07 -35.39 6.93
N GLU B 107 2.11 -35.42 8.26
CA GLU B 107 1.52 -36.52 9.01
C GLU B 107 -0.01 -36.51 8.86
N ALA B 108 -0.58 -37.67 8.58
CA ALA B 108 -2.02 -37.79 8.36
C ALA B 108 -2.80 -37.26 9.56
N GLU B 109 -3.25 -36.01 9.47
CA GLU B 109 -4.09 -35.39 10.49
C GLU B 109 -5.56 -35.51 10.11
N ALA B 110 -6.40 -35.29 11.11
CA ALA B 110 -7.84 -35.20 10.92
C ALA B 110 -8.24 -33.73 10.87
N PHE B 111 -9.20 -33.43 9.99
CA PHE B 111 -9.63 -32.06 9.79
C PHE B 111 -11.13 -32.02 9.55
N THR B 112 -11.74 -30.92 9.94
CA THR B 112 -13.07 -30.53 9.47
C THR B 112 -12.87 -29.46 8.39
N PHE B 113 -13.20 -29.82 7.16
CA PHE B 113 -12.96 -28.95 6.01
C PHE B 113 -14.24 -28.25 5.59
N ALA B 114 -14.08 -27.07 5.01
CA ALA B 114 -15.12 -26.42 4.23
C ALA B 114 -14.49 -25.93 2.94
N ILE B 115 -15.18 -26.16 1.83
CA ILE B 115 -14.68 -25.76 0.52
C ILE B 115 -15.77 -24.91 -0.12
N ARG B 116 -15.39 -23.73 -0.58
CA ARG B 116 -16.31 -22.80 -1.20
C ARG B 116 -15.94 -22.59 -2.65
N PHE B 117 -16.94 -22.37 -3.49
CA PHE B 117 -16.77 -22.25 -4.93
C PHE B 117 -17.31 -20.90 -5.39
N GLY B 118 -17.10 -20.62 -6.68
CA GLY B 118 -17.51 -19.34 -7.24
C GLY B 118 -19.00 -19.19 -7.41
N SER B 119 -19.74 -20.30 -7.45
CA SER B 119 -21.17 -20.25 -7.72
C SER B 119 -21.84 -21.45 -7.08
N LYS B 120 -23.16 -21.36 -6.92
CA LYS B 120 -23.91 -22.50 -6.43
C LYS B 120 -23.87 -23.67 -7.42
N GLU B 121 -23.80 -23.37 -8.72
CA GLU B 121 -23.75 -24.45 -9.71
C GLU B 121 -22.44 -25.22 -9.60
N ASN B 122 -21.33 -24.51 -9.33
CA ASN B 122 -20.06 -25.20 -9.08
C ASN B 122 -20.15 -26.07 -7.83
N ALA B 123 -20.72 -25.53 -6.76
CA ALA B 123 -20.82 -26.31 -5.52
C ALA B 123 -21.67 -27.56 -5.74
N ASP B 124 -22.77 -27.44 -6.48
CA ASP B 124 -23.61 -28.61 -6.73
C ASP B 124 -22.90 -29.62 -7.62
N LYS B 125 -22.29 -29.17 -8.72
CA LYS B 125 -21.53 -30.08 -9.56
C LYS B 125 -20.45 -30.78 -8.76
N PHE B 126 -19.79 -30.04 -7.85
CA PHE B 126 -18.78 -30.65 -7.00
C PHE B 126 -19.36 -31.79 -6.18
N LYS B 127 -20.55 -31.59 -5.61
CA LYS B 127 -21.17 -32.64 -4.81
C LYS B 127 -21.48 -33.87 -5.66
N GLU B 128 -22.00 -33.65 -6.88
CA GLU B 128 -22.24 -34.78 -7.78
C GLU B 128 -20.96 -35.57 -8.00
N GLU B 129 -19.88 -34.89 -8.40
CA GLU B 129 -18.62 -35.57 -8.68
C GLU B 129 -18.05 -36.19 -7.42
N PHE B 130 -18.21 -35.52 -6.27
CA PHE B 130 -17.72 -36.06 -5.01
C PHE B 130 -18.40 -37.38 -4.69
N GLU B 131 -19.69 -37.50 -4.99
CA GLU B 131 -20.41 -38.73 -4.69
C GLU B 131 -20.11 -39.84 -5.69
N LYS B 132 -19.98 -39.50 -6.98
CA LYS B 132 -19.53 -40.49 -7.95
C LYS B 132 -18.18 -41.07 -7.55
N ALA B 133 -17.23 -40.20 -7.19
CA ALA B 133 -15.92 -40.68 -6.74
C ALA B 133 -16.06 -41.63 -5.57
N GLN B 134 -17.03 -41.37 -4.68
CA GLN B 134 -17.23 -42.26 -3.55
C GLN B 134 -17.62 -43.66 -4.01
N GLU B 135 -18.44 -43.75 -5.06
CA GLU B 135 -18.80 -45.06 -5.61
C GLU B 135 -17.57 -45.76 -6.16
N ILE B 136 -16.72 -45.03 -6.88
CA ILE B 136 -15.52 -45.64 -7.46
C ILE B 136 -14.63 -46.18 -6.35
N ASN B 137 -14.40 -45.39 -5.31
CA ASN B 137 -13.66 -45.88 -4.14
C ASN B 137 -14.38 -47.01 -3.42
N LYS B 138 -15.66 -47.23 -3.71
CA LYS B 138 -16.42 -48.34 -3.14
C LYS B 138 -16.21 -49.61 -3.96
N LYS B 139 -14.95 -50.00 -4.08
CA LYS B 139 -14.55 -51.14 -4.91
C LYS B 139 -13.12 -51.56 -4.59
N GLY C 2 14.59 -23.18 30.94
CA GLY C 2 15.14 -23.71 32.23
C GLY C 2 15.55 -22.64 33.26
N SER C 3 16.81 -22.63 33.66
CA SER C 3 17.36 -21.59 34.53
C SER C 3 17.92 -20.39 33.76
N MET C 4 17.44 -20.15 32.54
CA MET C 4 17.91 -19.01 31.76
C MET C 4 17.49 -17.72 32.45
N GLU C 5 16.37 -17.73 33.19
CA GLU C 5 15.87 -16.52 33.83
C GLU C 5 16.79 -16.00 34.94
N GLY C 6 17.76 -16.80 35.39
CA GLY C 6 18.63 -16.36 36.47
C GLY C 6 19.26 -15.00 36.21
N ILE C 7 19.62 -14.74 34.94
CA ILE C 7 20.28 -13.47 34.61
C ILE C 7 19.38 -12.27 34.82
N LEU C 8 18.07 -12.46 34.99
CA LEU C 8 17.16 -11.37 35.30
C LEU C 8 17.23 -10.92 36.75
N ASP C 9 17.84 -11.71 37.63
CA ASP C 9 18.03 -11.34 39.03
C ASP C 9 19.33 -10.56 39.18
N PHE C 10 19.23 -9.37 39.76
CA PHE C 10 20.38 -8.48 39.90
C PHE C 10 20.94 -8.43 41.32
N SER C 11 20.34 -9.17 42.26
CA SER C 11 20.90 -9.25 43.61
C SER C 11 22.36 -9.67 43.56
N ASN C 12 22.62 -10.79 42.92
CA ASN C 12 23.97 -11.33 42.78
C ASN C 12 24.69 -10.60 41.64
N ASP C 13 25.89 -11.06 41.31
CA ASP C 13 26.59 -10.58 40.14
C ASP C 13 26.09 -11.31 38.89
N LEU C 14 26.42 -10.76 37.73
CA LEU C 14 25.93 -11.31 36.48
C LEU C 14 26.80 -12.47 36.01
N ASP C 15 26.18 -13.62 35.76
CA ASP C 15 26.86 -14.80 35.24
C ASP C 15 27.03 -14.61 33.73
N ILE C 16 28.19 -14.12 33.33
CA ILE C 16 28.43 -13.80 31.91
C ILE C 16 28.27 -15.05 31.05
N ALA C 17 28.78 -16.19 31.51
CA ALA C 17 28.65 -17.40 30.74
C ALA C 17 27.19 -17.79 30.55
N LEU C 18 26.37 -17.62 31.59
CA LEU C 18 24.94 -17.86 31.44
C LEU C 18 24.34 -16.90 30.42
N LEU C 19 24.71 -15.62 30.50
CA LEU C 19 24.23 -14.65 29.51
C LEU C 19 24.56 -15.09 28.10
N ASP C 20 25.82 -15.47 27.85
CA ASP C 20 26.21 -15.90 26.52
C ASP C 20 25.41 -17.11 26.06
N GLN C 21 25.00 -17.98 26.99
CA GLN C 21 24.20 -19.14 26.58
C GLN C 21 22.80 -18.72 26.19
N VAL C 22 22.21 -17.75 26.90
CA VAL C 22 20.89 -17.26 26.51
C VAL C 22 20.96 -16.61 25.14
N VAL C 23 22.01 -15.82 24.90
CA VAL C 23 22.16 -15.15 23.61
C VAL C 23 22.30 -16.17 22.50
N SER C 24 23.17 -17.16 22.67
CA SER C 24 23.34 -18.18 21.65
C SER C 24 22.07 -18.98 21.45
N THR C 25 21.37 -19.31 22.53
CA THR C 25 20.08 -19.97 22.41
C THR C 25 19.12 -19.16 21.55
N PHE C 26 19.17 -17.82 21.64
CA PHE C 26 18.26 -16.99 20.87
C PHE C 26 18.66 -16.93 19.40
N TYR C 27 19.94 -16.65 19.12
CA TYR C 27 20.37 -16.49 17.73
C TYR C 27 20.53 -17.82 17.02
N GLN C 28 21.16 -18.79 17.67
CA GLN C 28 21.49 -20.07 17.06
C GLN C 28 20.46 -21.16 17.35
N GLY C 29 19.52 -20.92 18.26
CA GLY C 29 18.56 -21.93 18.67
C GLY C 29 17.34 -21.97 17.79
N SER C 30 16.25 -22.53 18.34
CA SER C 30 15.01 -22.69 17.59
C SER C 30 13.91 -23.06 18.58
N GLY C 31 12.68 -23.03 18.07
CA GLY C 31 11.55 -23.59 18.82
C GLY C 31 11.24 -22.82 20.08
N VAL C 32 11.04 -23.56 21.18
CA VAL C 32 10.59 -22.97 22.43
C VAL C 32 11.77 -22.35 23.19
N GLN C 33 12.93 -23.01 23.18
CA GLN C 33 14.10 -22.45 23.84
C GLN C 33 14.43 -21.07 23.27
N GLN C 34 14.42 -20.95 21.94
CA GLN C 34 14.62 -19.63 21.33
C GLN C 34 13.59 -18.64 21.83
N LYS C 35 12.31 -19.02 21.79
CA LYS C 35 11.26 -18.09 22.18
C LYS C 35 11.42 -17.65 23.63
N GLN C 36 11.78 -18.58 24.52
CA GLN C 36 12.00 -18.23 25.92
C GLN C 36 13.22 -17.33 26.07
N ALA C 37 14.32 -17.68 25.40
CA ALA C 37 15.52 -16.84 25.47
C ALA C 37 15.25 -15.43 24.96
N GLN C 38 14.44 -15.30 23.92
CA GLN C 38 14.08 -14.00 23.40
C GLN C 38 13.40 -13.15 24.47
N GLU C 39 12.38 -13.70 25.13
CA GLU C 39 11.68 -12.95 26.18
C GLU C 39 12.64 -12.57 27.30
N ILE C 40 13.52 -13.50 27.70
CA ILE C 40 14.48 -13.20 28.75
C ILE C 40 15.38 -12.04 28.34
N LEU C 41 15.93 -12.10 27.13
CA LEU C 41 16.84 -11.04 26.69
C LEU C 41 16.14 -9.70 26.62
N THR C 42 14.89 -9.67 26.17
N THR C 42 14.90 -9.68 26.15
CA THR C 42 14.15 -8.42 26.13
CA THR C 42 14.14 -8.44 26.12
C THR C 42 13.95 -7.86 27.53
C THR C 42 14.00 -7.87 27.53
N LYS C 43 13.55 -8.71 28.47
CA LYS C 43 13.42 -8.26 29.86
C LYS C 43 14.76 -7.77 30.39
N PHE C 44 15.85 -8.48 30.07
CA PHE C 44 17.17 -8.06 30.50
C PHE C 44 17.50 -6.69 29.94
N GLN C 45 17.29 -6.50 28.63
CA GLN C 45 17.62 -5.23 28.01
C GLN C 45 16.80 -4.10 28.61
N ASP C 46 15.52 -4.35 28.92
CA ASP C 46 14.61 -3.31 29.38
C ASP C 46 14.80 -2.94 30.84
N ASN C 47 15.69 -3.60 31.55
CA ASN C 47 15.88 -3.29 32.97
C ASN C 47 16.57 -1.95 33.11
N PRO C 48 16.00 -0.98 33.82
CA PRO C 48 16.62 0.36 33.88
C PRO C 48 18.03 0.36 34.47
N ASP C 49 18.49 -0.73 35.05
CA ASP C 49 19.84 -0.81 35.59
C ASP C 49 20.78 -1.67 34.75
N ALA C 50 20.28 -2.30 33.69
CA ALA C 50 21.11 -3.19 32.89
C ALA C 50 22.35 -2.50 32.32
N TRP C 51 22.33 -1.17 32.18
CA TRP C 51 23.48 -0.48 31.62
C TRP C 51 24.70 -0.58 32.53
N GLN C 52 24.48 -0.75 33.84
CA GLN C 52 25.60 -0.88 34.76
C GLN C 52 26.36 -2.18 34.51
N LYS C 53 25.67 -3.21 34.01
CA LYS C 53 26.30 -4.46 33.63
C LYS C 53 26.96 -4.40 32.26
N ALA C 54 26.88 -3.25 31.57
CA ALA C 54 27.31 -3.20 30.18
C ALA C 54 28.82 -3.41 30.05
N ASP C 55 29.61 -2.73 30.88
CA ASP C 55 31.05 -2.77 30.70
C ASP C 55 31.62 -4.13 31.08
N GLN C 56 31.05 -4.81 32.06
CA GLN C 56 31.54 -6.15 32.40
C GLN C 56 31.11 -7.20 31.38
N ILE C 57 30.07 -6.93 30.60
CA ILE C 57 29.75 -7.79 29.47
C ILE C 57 30.75 -7.56 28.34
N LEU C 58 31.15 -6.31 28.11
CA LEU C 58 32.12 -6.03 27.06
C LEU C 58 33.52 -6.47 27.45
N GLN C 59 33.80 -6.60 28.76
CA GLN C 59 35.13 -7.03 29.19
C GLN C 59 35.26 -8.54 29.12
N PHE C 60 34.30 -9.28 29.69
CA PHE C 60 34.48 -10.69 30.00
C PHE C 60 33.66 -11.63 29.12
N SER C 61 32.88 -11.11 28.17
CA SER C 61 32.06 -11.96 27.32
C SER C 61 32.86 -12.49 26.14
N THR C 62 32.51 -13.70 25.69
CA THR C 62 33.12 -14.32 24.54
C THR C 62 32.21 -14.36 23.33
N ASN C 63 31.01 -13.76 23.42
CA ASN C 63 30.01 -13.81 22.36
C ASN C 63 29.84 -12.42 21.78
N PRO C 64 30.07 -12.20 20.49
CA PRO C 64 29.90 -10.84 19.94
C PRO C 64 28.46 -10.34 20.01
N GLN C 65 27.46 -11.22 19.90
CA GLN C 65 26.08 -10.80 20.04
C GLN C 65 25.80 -10.25 21.43
N SER C 66 26.33 -10.90 22.46
CA SER C 66 26.18 -10.38 23.81
C SER C 66 26.70 -8.95 23.91
N LYS C 67 27.84 -8.66 23.28
CA LYS C 67 28.39 -7.31 23.35
C LYS C 67 27.53 -6.34 22.55
N PHE C 68 26.99 -6.79 21.41
CA PHE C 68 26.04 -5.99 20.66
C PHE C 68 24.86 -5.58 21.53
N ILE C 69 24.23 -6.55 22.18
CA ILE C 69 23.09 -6.26 23.06
C ILE C 69 23.52 -5.36 24.21
N ALA C 70 24.75 -5.49 24.68
CA ALA C 70 25.25 -4.57 25.69
C ALA C 70 25.29 -3.14 25.14
N LEU C 71 25.72 -2.98 23.89
CA LEU C 71 25.78 -1.64 23.31
C LEU C 71 24.39 -1.07 23.05
N SER C 72 23.44 -1.90 22.63
CA SER C 72 22.06 -1.45 22.53
C SER C 72 21.57 -0.91 23.86
N ILE C 73 22.00 -1.52 24.97
CA ILE C 73 21.60 -1.04 26.29
C ILE C 73 22.20 0.33 26.57
N LEU C 74 23.46 0.53 26.18
CA LEU C 74 24.07 1.84 26.33
C LEU C 74 23.40 2.88 25.43
N ASP C 75 23.08 2.50 24.19
N ASP C 75 23.08 2.50 24.19
CA ASP C 75 22.42 3.44 23.28
CA ASP C 75 22.42 3.43 23.27
C ASP C 75 21.13 3.96 23.89
C ASP C 75 21.12 3.96 23.87
N LYS C 76 20.27 3.06 24.38
CA LYS C 76 19.04 3.49 25.02
C LYS C 76 19.33 4.49 26.14
N LEU C 77 20.33 4.18 26.98
CA LEU C 77 20.69 5.08 28.07
C LEU C 77 21.19 6.43 27.56
N ILE C 78 22.01 6.41 26.50
CA ILE C 78 22.62 7.65 26.01
C ILE C 78 21.55 8.55 25.37
N THR C 79 20.64 7.96 24.59
CA THR C 79 19.69 8.76 23.83
C THR C 79 18.53 9.27 24.68
N ARG C 80 18.23 8.63 25.81
CA ARG C 80 17.06 8.99 26.60
C ARG C 80 17.37 9.50 28.00
N LYS C 81 18.49 9.07 28.61
CA LYS C 81 18.73 9.37 30.02
C LYS C 81 20.14 9.89 30.30
N TRP C 82 20.88 10.29 29.26
CA TRP C 82 22.27 10.69 29.44
C TRP C 82 22.43 11.79 30.49
N LYS C 83 21.64 12.85 30.40
CA LYS C 83 21.84 14.02 31.25
C LYS C 83 21.33 13.83 32.68
N LEU C 84 20.72 12.68 32.98
CA LEU C 84 20.38 12.35 34.35
C LEU C 84 21.50 11.59 35.06
N LEU C 85 22.46 11.06 34.31
CA LEU C 85 23.60 10.40 34.92
C LEU C 85 24.48 11.42 35.65
N PRO C 86 25.14 11.02 36.73
CA PRO C 86 26.17 11.89 37.31
C PRO C 86 27.35 12.01 36.35
N ASN C 87 28.01 13.17 36.42
CA ASN C 87 29.05 13.48 35.44
C ASN C 87 30.13 12.41 35.38
N ASP C 88 30.42 11.75 36.51
CA ASP C 88 31.47 10.73 36.51
C ASP C 88 31.05 9.51 35.70
N HIS C 89 29.79 9.10 35.82
CA HIS C 89 29.30 7.98 35.02
C HIS C 89 29.34 8.33 33.53
N ARG C 90 29.22 9.61 33.18
CA ARG C 90 29.26 10.02 31.78
C ARG C 90 30.66 9.88 31.20
N ILE C 91 31.68 10.29 31.95
CA ILE C 91 33.05 10.16 31.47
C ILE C 91 33.46 8.70 31.44
N GLY C 92 32.99 7.91 32.40
CA GLY C 92 33.31 6.48 32.38
C GLY C 92 32.78 5.80 31.14
N ILE C 93 31.52 6.10 30.78
CA ILE C 93 30.91 5.49 29.60
C ILE C 93 31.64 5.94 28.34
N ARG C 94 31.95 7.23 28.24
CA ARG C 94 32.71 7.73 27.10
C ARG C 94 34.04 7.02 27.00
N ASN C 95 34.84 7.08 28.07
CA ASN C 95 36.17 6.46 28.04
C ASN C 95 36.08 4.98 27.69
N PHE C 96 35.09 4.27 28.23
CA PHE C 96 34.98 2.84 27.96
C PHE C 96 34.68 2.59 26.49
N VAL C 97 33.75 3.35 25.91
CA VAL C 97 33.38 3.14 24.51
C VAL C 97 34.55 3.50 23.60
N VAL C 98 35.23 4.61 23.87
CA VAL C 98 36.39 4.99 23.07
C VAL C 98 37.45 3.91 23.13
N GLY C 99 37.75 3.44 24.34
CA GLY C 99 38.81 2.45 24.51
C GLY C 99 38.50 1.13 23.82
N MET C 100 37.25 0.68 23.92
CA MET C 100 36.84 -0.54 23.23
C MET C 100 37.00 -0.42 21.73
N ILE C 101 36.78 0.78 21.17
CA ILE C 101 36.94 0.98 19.73
C ILE C 101 38.42 0.95 19.37
N ILE C 102 39.24 1.70 20.10
CA ILE C 102 40.68 1.66 19.86
C ILE C 102 41.20 0.24 19.97
N SER C 103 40.78 -0.48 21.03
CA SER C 103 41.24 -1.83 21.25
C SER C 103 40.88 -2.76 20.09
N MET C 104 39.67 -2.63 19.54
CA MET C 104 39.24 -3.53 18.47
C MET C 104 39.93 -3.20 17.15
N CYS C 105 40.32 -1.95 16.94
N CYS C 105 40.37 -1.96 16.95
CA CYS C 105 40.98 -1.58 15.69
CA CYS C 105 40.96 -1.56 15.69
C CYS C 105 42.42 -2.09 15.65
C CYS C 105 42.48 -1.74 15.65
N GLN C 106 43.12 -2.02 16.79
CA GLN C 106 44.53 -2.37 16.80
C GLN C 106 44.76 -3.88 16.75
N ASP C 107 43.75 -4.68 17.09
CA ASP C 107 43.81 -6.13 16.94
C ASP C 107 43.36 -6.47 15.52
N ASP C 108 44.33 -6.65 14.62
CA ASP C 108 44.01 -6.81 13.21
C ASP C 108 43.03 -7.96 12.97
N GLU C 109 43.02 -8.96 13.85
CA GLU C 109 42.11 -10.08 13.70
C GLU C 109 40.68 -9.70 14.08
N VAL C 110 40.53 -8.93 15.16
CA VAL C 110 39.21 -8.46 15.57
C VAL C 110 38.63 -7.49 14.54
N PHE C 111 39.47 -6.61 14.00
CA PHE C 111 39.02 -5.65 13.00
C PHE C 111 38.46 -6.34 11.76
N LYS C 112 38.97 -7.54 11.45
CA LYS C 112 38.55 -8.24 10.24
C LYS C 112 37.20 -8.94 10.43
N THR C 113 37.01 -9.59 11.59
CA THR C 113 35.93 -10.54 11.79
C THR C 113 34.76 -10.00 12.61
N GLN C 114 34.95 -8.90 13.33
CA GLN C 114 33.90 -8.34 14.19
C GLN C 114 33.37 -7.03 13.63
N LYS C 115 33.05 -7.02 12.33
CA LYS C 115 32.68 -5.77 11.67
C LYS C 115 31.42 -5.17 12.28
N ASN C 116 30.39 -6.00 12.44
N ASN C 116 30.38 -5.97 12.50
CA ASN C 116 29.13 -5.55 13.03
CA ASN C 116 29.14 -5.37 13.01
C ASN C 116 29.37 -4.91 14.38
C ASN C 116 29.05 -5.40 14.54
N LEU C 117 30.18 -5.55 15.22
CA LEU C 117 30.33 -5.09 16.59
C LEU C 117 31.10 -3.77 16.63
N ILE C 118 31.99 -3.56 15.67
CA ILE C 118 32.70 -2.28 15.57
C ILE C 118 31.78 -1.21 15.00
N ASN C 119 30.94 -1.56 14.01
CA ASN C 119 29.99 -0.61 13.48
C ASN C 119 29.02 -0.15 14.57
N LYS C 120 28.55 -1.09 15.39
CA LYS C 120 27.64 -0.75 16.48
C LYS C 120 28.33 0.15 17.50
N SER C 121 29.61 -0.10 17.80
CA SER C 121 30.33 0.75 18.73
C SER C 121 30.52 2.15 18.14
N ASP C 122 30.86 2.24 16.86
CA ASP C 122 30.96 3.53 16.20
C ASP C 122 29.66 4.31 16.33
N LEU C 123 28.53 3.67 15.99
CA LEU C 123 27.24 4.32 16.15
C LEU C 123 27.02 4.75 17.60
N THR C 124 27.39 3.90 18.57
CA THR C 124 27.20 4.27 19.97
C THR C 124 28.04 5.49 20.32
N LEU C 125 29.27 5.54 19.83
CA LEU C 125 30.10 6.73 20.02
C LEU C 125 29.44 7.96 19.42
N VAL C 126 28.81 7.81 18.25
CA VAL C 126 28.15 8.95 17.62
C VAL C 126 27.01 9.45 18.51
N GLN C 127 26.30 8.54 19.19
CA GLN C 127 25.26 8.97 20.11
C GLN C 127 25.84 9.84 21.23
N ILE C 128 27.04 9.50 21.70
CA ILE C 128 27.69 10.31 22.73
C ILE C 128 28.08 11.67 22.17
N LEU C 129 28.54 11.70 20.91
CA LEU C 129 28.88 12.97 20.29
C LEU C 129 27.67 13.89 20.22
N LYS C 130 26.50 13.35 19.83
CA LYS C 130 25.29 14.17 19.72
C LYS C 130 24.98 14.86 21.04
N GLN C 131 25.32 14.23 22.17
CA GLN C 131 25.06 14.78 23.49
C GLN C 131 26.20 15.67 23.99
N GLU C 132 27.45 15.34 23.64
CA GLU C 132 28.62 15.95 24.27
C GLU C 132 29.43 16.84 23.34
N TRP C 133 29.26 16.72 22.02
CA TRP C 133 30.15 17.36 21.08
C TRP C 133 29.49 18.55 20.42
N PRO C 134 30.22 19.66 20.18
CA PRO C 134 31.60 19.96 20.56
C PRO C 134 31.76 20.69 21.89
N GLN C 135 30.64 21.03 22.56
CA GLN C 135 30.71 21.92 23.73
C GLN C 135 31.50 21.30 24.87
N ASN C 136 31.45 19.98 25.03
CA ASN C 136 32.16 19.28 26.09
C ASN C 136 33.15 18.26 25.52
N TRP C 137 33.70 18.57 24.33
CA TRP C 137 34.69 17.70 23.70
C TRP C 137 35.20 18.35 22.41
N PRO C 138 35.64 19.61 22.45
CA PRO C 138 35.92 20.33 21.20
C PRO C 138 37.16 19.87 20.46
N GLU C 139 37.86 18.85 20.95
CA GLU C 139 39.07 18.34 20.32
C GLU C 139 38.85 16.97 19.70
N PHE C 140 37.59 16.53 19.56
CA PHE C 140 37.33 15.20 19.02
C PHE C 140 37.83 15.08 17.59
N ILE C 141 37.57 16.08 16.76
CA ILE C 141 37.91 16.02 15.34
C ILE C 141 39.41 16.12 15.15
N PRO C 142 40.10 17.06 15.81
CA PRO C 142 41.59 17.06 15.72
C PRO C 142 42.22 15.75 16.14
N GLU C 143 41.82 15.20 17.28
CA GLU C 143 42.37 13.92 17.73
C GLU C 143 42.03 12.79 16.75
N LEU C 144 40.81 12.82 16.20
CA LEU C 144 40.44 11.82 15.20
C LEU C 144 41.33 11.93 13.96
N ILE C 145 41.56 13.15 13.49
CA ILE C 145 42.46 13.35 12.36
C ILE C 145 43.86 12.85 12.71
N GLY C 146 44.39 13.30 13.84
CA GLY C 146 45.72 12.87 14.24
C GLY C 146 45.84 11.36 14.32
N SER C 147 44.93 10.72 15.06
CA SER C 147 45.00 9.28 15.24
C SER C 147 44.87 8.51 13.93
N SER C 148 44.42 9.17 12.86
CA SER C 148 44.27 8.47 11.58
C SER C 148 45.61 8.07 10.98
N SER C 149 46.71 8.69 11.41
CA SER C 149 48.02 8.34 10.90
C SER C 149 48.66 7.17 11.65
N SER C 150 48.28 6.95 12.90
N SER C 150 48.27 6.94 12.90
CA SER C 150 48.90 5.89 13.70
CA SER C 150 48.90 5.89 13.70
C SER C 150 48.65 4.52 13.09
C SER C 150 48.59 4.50 13.18
N SER C 151 47.49 4.32 12.45
CA SER C 151 47.14 3.00 11.92
C SER C 151 46.21 3.15 10.72
N VAL C 152 46.24 2.13 9.86
CA VAL C 152 45.33 2.09 8.73
C VAL C 152 43.94 1.64 9.17
N ASN C 153 43.87 0.69 10.11
CA ASN C 153 42.57 0.23 10.60
C ASN C 153 41.84 1.35 11.31
N VAL C 154 42.56 2.15 12.11
CA VAL C 154 41.94 3.28 12.79
C VAL C 154 41.48 4.32 11.79
N CYS C 155 42.29 4.61 10.77
CA CYS C 155 41.89 5.59 9.77
C CYS C 155 40.63 5.13 9.03
N GLU C 156 40.56 3.85 8.68
CA GLU C 156 39.36 3.33 8.02
C GLU C 156 38.15 3.44 8.94
N ASN C 157 38.31 3.10 10.21
CA ASN C 157 37.18 3.15 11.13
C ASN C 157 36.78 4.57 11.44
N ASN C 158 37.72 5.52 11.40
CA ASN C 158 37.36 6.91 11.60
C ASN C 158 36.45 7.40 10.47
N MET C 159 36.62 6.89 9.25
CA MET C 159 35.72 7.23 8.16
C MET C 159 34.30 6.73 8.44
N ILE C 160 34.17 5.55 9.04
CA ILE C 160 32.86 5.03 9.41
C ILE C 160 32.20 5.93 10.44
N VAL C 161 32.96 6.35 11.46
CA VAL C 161 32.43 7.24 12.47
C VAL C 161 31.98 8.55 11.85
N LEU C 162 32.82 9.13 10.98
CA LEU C 162 32.45 10.39 10.34
C LEU C 162 31.23 10.20 9.44
N LYS C 163 31.16 9.08 8.72
CA LYS C 163 29.98 8.80 7.92
C LYS C 163 28.74 8.78 8.79
N LEU C 164 28.77 8.04 9.90
CA LEU C 164 27.60 7.94 10.75
C LEU C 164 27.23 9.28 11.36
N LEU C 165 28.23 10.08 11.74
CA LEU C 165 27.97 11.40 12.30
C LEU C 165 27.29 12.30 11.28
N SER C 166 27.80 12.33 10.05
CA SER C 166 27.17 13.12 9.00
C SER C 166 25.71 12.70 8.80
N GLU C 167 25.44 11.39 8.79
CA GLU C 167 24.06 10.92 8.65
C GLU C 167 23.19 11.40 9.79
N GLU C 168 23.67 11.25 11.03
CA GLU C 168 22.86 11.59 12.20
C GLU C 168 22.60 13.10 12.29
N VAL C 169 23.53 13.91 11.78
CA VAL C 169 23.43 15.36 11.91
C VAL C 169 22.61 15.98 10.78
N PHE C 170 22.84 15.53 9.54
CA PHE C 170 22.26 16.16 8.36
C PHE C 170 21.13 15.37 7.73
N ASP C 171 21.16 14.04 7.77
CA ASP C 171 20.19 13.24 7.06
C ASP C 171 19.02 12.79 7.92
N PHE C 172 19.23 12.59 9.22
CA PHE C 172 18.20 12.00 10.08
C PHE C 172 17.96 12.79 11.34
N SER C 173 18.32 14.08 11.35
CA SER C 173 18.12 14.93 12.52
C SER C 173 16.74 15.55 12.59
N ALA C 174 16.06 15.70 11.45
CA ALA C 174 14.83 16.47 11.42
C ALA C 174 13.80 15.92 12.41
N GLU C 175 13.69 14.60 12.52
CA GLU C 175 12.71 14.02 13.41
C GLU C 175 13.23 13.72 14.81
N GLN C 176 14.56 13.69 14.99
CA GLN C 176 15.17 13.19 16.22
C GLN C 176 15.71 14.27 17.14
N MET C 177 15.91 15.49 16.65
CA MET C 177 16.46 16.57 17.45
C MET C 177 15.56 17.78 17.38
N THR C 178 15.72 18.68 18.35
CA THR C 178 15.05 19.96 18.24
C THR C 178 15.70 20.79 17.15
N GLN C 179 14.96 21.79 16.67
CA GLN C 179 15.52 22.68 15.66
C GLN C 179 16.84 23.27 16.15
N ALA C 180 16.86 23.74 17.40
CA ALA C 180 18.06 24.40 17.91
C ALA C 180 19.25 23.45 17.96
N LYS C 181 19.02 22.21 18.39
CA LYS C 181 20.14 21.28 18.53
C LYS C 181 20.62 20.80 17.18
N ALA C 182 19.70 20.60 16.23
CA ALA C 182 20.10 20.25 14.88
C ALA C 182 20.97 21.33 14.27
N LEU C 183 20.58 22.60 14.43
CA LEU C 183 21.37 23.70 13.91
C LEU C 183 22.73 23.79 14.58
N HIS C 184 22.77 23.54 15.89
CA HIS C 184 24.04 23.55 16.60
C HIS C 184 25.01 22.54 16.02
N LEU C 185 24.57 21.28 15.84
CA LEU C 185 25.48 20.25 15.36
C LEU C 185 25.83 20.45 13.89
N LYS C 186 24.87 20.93 13.08
CA LYS C 186 25.17 21.22 11.69
C LYS C 186 26.24 22.31 11.58
N ASN C 187 26.07 23.40 12.33
CA ASN C 187 27.10 24.44 12.33
C ASN C 187 28.42 23.90 12.85
N SER C 188 28.38 23.02 13.84
CA SER C 188 29.61 22.49 14.42
C SER C 188 30.39 21.65 13.41
N MET C 189 29.69 20.83 12.64
CA MET C 189 30.38 20.04 11.61
C MET C 189 30.87 20.95 10.50
N SER C 190 30.05 21.90 10.09
N SER C 190 30.06 21.92 10.09
CA SER C 190 30.45 22.84 9.04
CA SER C 190 30.47 22.82 9.03
C SER C 190 31.74 23.55 9.41
C SER C 190 31.71 23.62 9.40
N LYS C 191 31.88 23.95 10.69
CA LYS C 191 33.04 24.72 11.11
C LYS C 191 34.32 23.90 11.07
N GLU C 192 34.22 22.58 11.19
CA GLU C 192 35.40 21.72 11.21
C GLU C 192 35.55 20.87 9.97
N PHE C 193 34.76 21.12 8.92
CA PHE C 193 34.81 20.24 7.76
C PHE C 193 36.07 20.47 6.93
N GLU C 194 36.60 21.69 6.90
CA GLU C 194 37.83 21.94 6.16
C GLU C 194 38.90 20.91 6.52
N GLN C 195 39.04 20.61 7.81
N GLN C 195 39.04 20.59 7.80
CA GLN C 195 40.03 19.62 8.23
CA GLN C 195 40.06 19.63 8.21
C GLN C 195 39.60 18.23 7.82
C GLN C 195 39.62 18.19 7.93
N ILE C 196 38.32 17.90 7.97
CA ILE C 196 37.84 16.58 7.61
C ILE C 196 38.12 16.31 6.13
N PHE C 197 37.84 17.31 5.28
CA PHE C 197 38.05 17.14 3.85
C PHE C 197 39.52 16.90 3.53
N LYS C 198 40.42 17.59 4.24
CA LYS C 198 41.85 17.36 4.07
C LYS C 198 42.18 15.88 4.25
N LEU C 199 41.80 15.32 5.39
CA LEU C 199 42.06 13.90 5.65
C LEU C 199 41.42 13.04 4.58
N CYS C 200 40.21 13.38 4.14
CA CYS C 200 39.51 12.61 3.14
CA CYS C 200 39.52 12.59 3.14
C CYS C 200 40.20 12.70 1.78
N PHE C 201 40.57 13.92 1.37
CA PHE C 201 41.21 14.08 0.08
C PHE C 201 42.61 13.48 0.07
N GLN C 202 43.32 13.58 1.20
CA GLN C 202 44.65 12.98 1.27
C GLN C 202 44.56 11.47 1.13
N VAL C 203 43.66 10.84 1.89
CA VAL C 203 43.51 9.39 1.79
C VAL C 203 43.19 8.99 0.35
N LEU C 204 42.34 9.76 -0.33
CA LEU C 204 41.97 9.39 -1.69
C LEU C 204 43.14 9.55 -2.66
N GLU C 205 43.97 10.57 -2.46
CA GLU C 205 45.12 10.78 -3.33
C GLU C 205 46.26 9.83 -2.99
N GLN C 206 46.63 9.76 -1.70
CA GLN C 206 47.53 8.73 -1.19
C GLN C 206 47.16 7.42 -1.86
N GLY C 207 46.04 6.83 -1.45
N GLY C 207 46.02 6.86 -1.47
CA GLY C 207 45.60 5.56 -1.99
CA GLY C 207 45.15 6.18 -2.40
C GLY C 207 46.28 4.38 -1.34
C GLY C 207 45.61 4.84 -2.95
N SER C 208 45.85 4.02 -0.13
N SER C 208 44.69 4.26 -3.72
CA SER C 208 46.40 2.85 0.54
CA SER C 208 44.84 2.97 -4.37
C SER C 208 45.92 1.58 -0.14
C SER C 208 43.44 2.55 -4.79
N SER C 209 44.84 0.99 0.38
N SER C 209 42.82 1.61 -4.08
CA SER C 209 44.23 -0.19 -0.22
CA SER C 209 41.46 1.18 -4.36
C SER C 209 42.72 0.03 -0.29
C SER C 209 41.11 -0.08 -3.58
N SER C 210 42.05 -0.88 -1.00
N SER C 210 40.87 0.08 -2.27
CA SER C 210 40.65 -0.64 -1.34
CA SER C 210 40.57 -1.07 -1.42
C SER C 210 39.78 -0.54 -0.11
C SER C 210 39.79 -0.63 -0.17
N SER C 211 40.14 -1.20 1.00
CA SER C 211 39.29 -1.12 2.18
C SER C 211 39.13 0.31 2.67
N LEU C 212 40.25 1.01 2.85
CA LEU C 212 40.21 2.39 3.35
C LEU C 212 39.65 3.35 2.30
N ILE C 213 39.82 3.05 1.02
CA ILE C 213 39.28 3.91 -0.03
C ILE C 213 37.77 3.82 -0.06
N VAL C 214 37.23 2.59 -0.02
CA VAL C 214 35.79 2.44 -0.09
C VAL C 214 35.13 3.13 1.11
N ALA C 215 35.71 2.97 2.30
CA ALA C 215 35.13 3.62 3.47
C ALA C 215 35.20 5.14 3.35
N THR C 216 36.28 5.66 2.78
CA THR C 216 36.38 7.11 2.61
C THR C 216 35.36 7.60 1.59
N LEU C 217 35.19 6.89 0.48
CA LEU C 217 34.19 7.28 -0.50
C LEU C 217 32.78 7.17 0.08
N GLU C 218 32.52 6.14 0.88
N GLU C 218 32.53 6.13 0.87
CA GLU C 218 31.19 6.01 1.49
CA GLU C 218 31.22 5.99 1.51
C GLU C 218 30.89 7.21 2.39
C GLU C 218 30.91 7.21 2.37
N SER C 219 31.90 7.73 3.08
CA SER C 219 31.69 8.94 3.87
C SER C 219 31.49 10.15 2.95
N LEU C 220 32.27 10.23 1.88
CA LEU C 220 32.12 11.35 0.95
C LEU C 220 30.70 11.42 0.41
N LEU C 221 30.10 10.26 0.13
CA LEU C 221 28.72 10.23 -0.37
C LEU C 221 27.79 10.99 0.56
N ARG C 222 27.99 10.85 1.88
CA ARG C 222 27.17 11.57 2.85
C ARG C 222 27.47 13.06 2.84
N TYR C 223 28.75 13.44 2.79
CA TYR C 223 29.14 14.84 2.77
C TYR C 223 28.51 15.58 1.62
N LEU C 224 28.41 14.92 0.45
CA LEU C 224 27.91 15.60 -0.73
C LEU C 224 26.46 16.05 -0.56
N HIS C 225 25.74 15.53 0.45
CA HIS C 225 24.38 15.98 0.73
C HIS C 225 24.34 17.42 1.24
N TRP C 226 25.46 17.99 1.72
CA TRP C 226 25.37 19.28 2.37
C TRP C 226 26.59 20.20 2.20
N ILE C 227 27.74 19.67 1.83
CA ILE C 227 28.96 20.50 1.87
C ILE C 227 28.92 21.56 0.77
N PRO C 228 29.69 22.65 0.92
CA PRO C 228 29.70 23.69 -0.11
C PRO C 228 30.26 23.19 -1.44
N TYR C 229 29.82 23.83 -2.52
CA TYR C 229 30.21 23.39 -3.86
C TYR C 229 31.73 23.45 -4.05
N ARG C 230 32.40 24.40 -3.40
CA ARG C 230 33.82 24.62 -3.67
C ARG C 230 34.68 23.40 -3.36
N TYR C 231 34.31 22.62 -2.34
CA TYR C 231 35.10 21.43 -2.02
C TYR C 231 35.08 20.41 -3.15
N ILE C 232 34.12 20.51 -4.07
CA ILE C 232 34.00 19.54 -5.15
C ILE C 232 34.59 20.07 -6.45
N TYR C 233 34.43 21.37 -6.72
CA TYR C 233 34.89 21.93 -7.98
C TYR C 233 36.23 22.63 -7.91
N GLU C 234 36.63 23.13 -6.73
CA GLU C 234 37.90 23.84 -6.59
C GLU C 234 39.03 22.92 -6.14
N THR C 235 38.81 21.62 -6.10
CA THR C 235 39.86 20.65 -5.86
C THR C 235 39.94 19.69 -7.04
N ASN C 236 40.86 18.74 -6.97
CA ASN C 236 41.05 17.76 -8.02
C ASN C 236 40.17 16.53 -7.81
N ILE C 237 39.16 16.61 -6.93
CA ILE C 237 38.49 15.39 -6.51
C ILE C 237 37.58 14.83 -7.61
N LEU C 238 37.08 15.70 -8.51
CA LEU C 238 36.25 15.18 -9.59
C LEU C 238 37.06 14.35 -10.59
N GLU C 239 38.30 14.75 -10.86
CA GLU C 239 39.16 13.93 -11.70
C GLU C 239 39.39 12.56 -11.09
N LEU C 240 39.60 12.52 -9.77
CA LEU C 240 39.81 11.24 -9.09
C LEU C 240 38.56 10.37 -9.17
N LEU C 241 37.40 10.96 -8.88
CA LEU C 241 36.17 10.18 -8.92
C LEU C 241 35.87 9.68 -10.31
N SER C 242 36.05 10.53 -11.33
CA SER C 242 35.61 10.20 -12.68
C SER C 242 36.65 9.40 -13.47
N THR C 243 37.84 9.16 -12.93
CA THR C 243 38.83 8.37 -13.64
C THR C 243 39.35 7.25 -12.74
N LYS C 244 40.29 7.60 -11.86
CA LYS C 244 40.91 6.63 -10.96
C LYS C 244 39.90 5.64 -10.39
N PHE C 245 38.91 6.12 -9.64
CA PHE C 245 38.04 5.24 -8.88
C PHE C 245 36.94 4.60 -9.72
N MET C 246 36.77 4.99 -10.99
CA MET C 246 35.89 4.24 -11.87
C MET C 246 36.54 2.97 -12.40
N THR C 247 37.87 2.89 -12.43
CA THR C 247 38.53 1.75 -13.06
C THR C 247 38.45 0.50 -12.19
N SER C 248 38.72 0.62 -10.90
CA SER C 248 38.68 -0.53 -10.01
C SER C 248 37.24 -0.86 -9.65
N PRO C 249 36.78 -2.10 -9.85
CA PRO C 249 35.39 -2.43 -9.51
C PRO C 249 35.08 -2.34 -8.01
N ASP C 250 36.10 -2.44 -7.14
CA ASP C 250 35.86 -2.31 -5.70
C ASP C 250 35.33 -0.93 -5.34
N THR C 251 35.81 0.11 -6.03
CA THR C 251 35.43 1.47 -5.74
C THR C 251 34.43 2.05 -6.75
N ARG C 252 34.09 1.31 -7.80
CA ARG C 252 33.27 1.86 -8.87
C ARG C 252 31.83 2.10 -8.41
N ALA C 253 31.28 1.19 -7.62
CA ALA C 253 29.90 1.33 -7.18
C ALA C 253 29.70 2.60 -6.36
N ILE C 254 30.54 2.80 -5.33
CA ILE C 254 30.37 3.96 -4.47
C ILE C 254 30.69 5.24 -5.22
N THR C 255 31.69 5.19 -6.12
CA THR C 255 32.05 6.39 -6.89
C THR C 255 30.90 6.85 -7.76
N LEU C 256 30.23 5.90 -8.43
CA LEU C 256 29.10 6.27 -9.25
C LEU C 256 28.01 6.92 -8.42
N LYS C 257 27.75 6.40 -7.23
CA LYS C 257 26.77 7.04 -6.35
C LYS C 257 27.22 8.44 -5.93
N CYS C 258 28.54 8.63 -5.73
CA CYS C 258 29.05 9.96 -5.42
C CYS C 258 28.84 10.92 -6.59
N LEU C 259 29.18 10.46 -7.80
CA LEU C 259 29.03 11.32 -8.97
C LEU C 259 27.57 11.60 -9.27
N THR C 260 26.67 10.68 -8.94
CA THR C 260 25.25 10.96 -9.08
C THR C 260 24.84 12.12 -8.17
N GLU C 261 25.30 12.09 -6.91
CA GLU C 261 25.00 13.20 -6.00
C GLU C 261 25.59 14.50 -6.50
N VAL C 262 26.87 14.48 -6.94
CA VAL C 262 27.46 15.68 -7.52
C VAL C 262 26.58 16.18 -8.65
N SER C 263 26.12 15.28 -9.53
CA SER C 263 25.36 15.69 -10.69
C SER C 263 24.11 16.47 -10.31
N ASN C 264 23.46 16.07 -9.21
CA ASN C 264 22.10 16.55 -8.98
C ASN C 264 22.04 18.00 -8.51
N LEU C 265 23.15 18.56 -8.00
CA LEU C 265 23.18 19.97 -7.66
C LEU C 265 22.92 20.81 -8.91
N LYS C 266 22.40 22.02 -8.71
CA LYS C 266 22.26 23.01 -9.77
C LYS C 266 23.48 23.92 -9.72
N ILE C 267 24.27 23.92 -10.78
CA ILE C 267 25.53 24.67 -10.81
C ILE C 267 25.22 26.16 -10.85
N PRO C 268 26.10 27.02 -10.31
CA PRO C 268 26.08 28.42 -10.75
C PRO C 268 26.07 28.48 -12.27
N GLN C 269 24.91 28.82 -12.85
CA GLN C 269 24.67 28.67 -14.28
C GLN C 269 25.29 29.78 -15.12
N ASP C 270 26.31 30.49 -14.60
CA ASP C 270 26.93 31.59 -15.34
C ASP C 270 28.44 31.52 -15.41
N ASN C 271 29.09 30.60 -14.68
CA ASN C 271 30.53 30.46 -14.73
C ASN C 271 30.90 29.38 -15.74
N ASP C 272 31.73 29.74 -16.72
CA ASP C 272 32.11 28.79 -17.75
C ASP C 272 32.98 27.67 -17.18
N LEU C 273 33.86 27.98 -16.23
CA LEU C 273 34.75 26.97 -15.69
C LEU C 273 33.97 25.81 -15.07
N ILE C 274 33.05 26.13 -14.16
CA ILE C 274 32.28 25.09 -13.48
C ILE C 274 31.47 24.29 -14.50
N LYS C 275 31.06 24.92 -15.60
CA LYS C 275 30.39 24.18 -16.67
C LYS C 275 31.33 23.19 -17.33
N ARG C 276 32.53 23.66 -17.70
CA ARG C 276 33.53 22.76 -18.29
C ARG C 276 33.88 21.62 -17.35
N GLN C 277 33.89 21.87 -16.04
CA GLN C 277 34.17 20.80 -15.10
C GLN C 277 33.02 19.82 -15.01
N THR C 278 31.78 20.32 -15.10
CA THR C 278 30.62 19.43 -15.11
C THR C 278 30.63 18.54 -16.35
N VAL C 279 31.01 19.12 -17.50
CA VAL C 279 31.18 18.33 -18.72
C VAL C 279 32.28 17.31 -18.55
N LEU C 280 33.39 17.72 -17.93
CA LEU C 280 34.60 16.89 -17.94
C LEU C 280 34.39 15.62 -17.14
N PHE C 281 33.85 15.73 -15.93
CA PHE C 281 33.71 14.50 -15.14
C PHE C 281 32.69 13.55 -15.75
N PHE C 282 31.73 14.06 -16.51
CA PHE C 282 30.82 13.19 -17.26
C PHE C 282 31.55 12.51 -18.40
N GLN C 283 32.36 13.26 -19.13
CA GLN C 283 33.14 12.71 -20.23
C GLN C 283 34.11 11.64 -19.72
N ASN C 284 34.81 11.92 -18.62
CA ASN C 284 35.69 10.91 -18.03
C ASN C 284 34.90 9.66 -17.64
N THR C 285 33.76 9.86 -16.97
CA THR C 285 33.00 8.71 -16.50
C THR C 285 32.54 7.83 -17.65
N LEU C 286 32.00 8.44 -18.71
CA LEU C 286 31.55 7.65 -19.85
C LEU C 286 32.71 6.95 -20.54
N GLN C 287 33.87 7.60 -20.61
CA GLN C 287 35.02 6.93 -21.21
C GLN C 287 35.46 5.73 -20.38
N GLN C 288 35.43 5.84 -19.05
CA GLN C 288 35.82 4.70 -18.21
C GLN C 288 34.85 3.54 -18.36
N ILE C 289 33.56 3.82 -18.53
CA ILE C 289 32.60 2.75 -18.75
C ILE C 289 32.88 2.06 -20.07
N ALA C 290 33.06 2.84 -21.13
CA ALA C 290 33.27 2.30 -22.47
C ALA C 290 34.51 1.41 -22.55
N THR C 291 35.56 1.75 -21.81
CA THR C 291 36.83 1.03 -21.92
C THR C 291 37.02 -0.03 -20.85
N SER C 292 36.42 0.12 -19.67
CA SER C 292 36.66 -0.82 -18.56
C SER C 292 35.48 -1.72 -18.25
N VAL C 293 34.27 -1.39 -18.69
CA VAL C 293 33.11 -2.17 -18.28
C VAL C 293 32.40 -2.79 -19.46
N MET C 294 31.84 -1.97 -20.35
N MET C 294 32.00 -1.96 -20.43
CA MET C 294 31.36 -2.52 -21.61
CA MET C 294 31.13 -2.38 -21.52
C MET C 294 30.98 -1.41 -22.59
C MET C 294 31.11 -1.30 -22.60
N PRO C 295 31.20 -1.64 -23.88
CA PRO C 295 30.98 -0.61 -24.90
C PRO C 295 29.49 -0.34 -25.07
N VAL C 296 29.20 0.76 -25.77
CA VAL C 296 27.83 1.24 -25.90
C VAL C 296 26.96 0.24 -26.65
N THR C 297 27.56 -0.66 -27.43
CA THR C 297 26.80 -1.66 -28.17
C THR C 297 26.42 -2.88 -27.32
N ALA C 298 26.92 -2.97 -26.11
CA ALA C 298 26.75 -4.20 -25.33
C ALA C 298 25.26 -4.46 -25.07
N ASP C 299 24.94 -5.74 -24.94
CA ASP C 299 23.56 -6.19 -24.72
C ASP C 299 23.30 -6.18 -23.22
N LEU C 300 22.89 -5.02 -22.70
CA LEU C 300 22.64 -4.89 -21.28
C LEU C 300 21.43 -5.70 -20.83
N LYS C 301 20.46 -5.93 -21.72
CA LYS C 301 19.35 -6.82 -21.38
C LYS C 301 19.86 -8.19 -20.97
N ALA C 302 20.77 -8.76 -21.76
CA ALA C 302 21.28 -10.10 -21.46
C ALA C 302 22.16 -10.08 -20.21
N THR C 303 23.00 -9.05 -20.06
CA THR C 303 23.85 -8.96 -18.89
C THR C 303 23.04 -8.88 -17.62
N TYR C 304 22.00 -8.06 -17.62
CA TYR C 304 21.15 -7.97 -16.44
C TYR C 304 20.49 -9.30 -16.14
N ALA C 305 19.95 -9.96 -17.18
CA ALA C 305 19.28 -11.24 -16.99
C ALA C 305 20.22 -12.29 -16.42
N ASN C 306 21.50 -12.27 -16.81
CA ASN C 306 22.46 -13.25 -16.30
C ASN C 306 22.77 -13.02 -14.83
N ALA C 307 22.83 -11.75 -14.41
CA ALA C 307 22.94 -11.39 -12.99
C ALA C 307 24.20 -11.97 -12.35
N ASN C 308 25.33 -11.81 -13.02
CA ASN C 308 26.62 -12.13 -12.42
C ASN C 308 27.02 -11.05 -11.42
N GLY C 309 27.72 -11.46 -10.37
CA GLY C 309 28.26 -10.55 -9.39
C GLY C 309 27.34 -9.42 -8.98
N ASN C 310 27.80 -8.18 -9.14
CA ASN C 310 26.97 -7.02 -8.84
C ASN C 310 26.46 -6.32 -10.10
N ASP C 311 26.41 -7.04 -11.23
CA ASP C 311 26.04 -6.41 -12.49
C ASP C 311 24.69 -5.72 -12.41
N GLN C 312 23.71 -6.35 -11.77
CA GLN C 312 22.37 -5.76 -11.72
C GLN C 312 22.39 -4.43 -10.97
N SER C 313 23.14 -4.38 -9.86
CA SER C 313 23.20 -3.13 -9.09
C SER C 313 23.99 -2.06 -9.81
N PHE C 314 25.05 -2.45 -10.54
CA PHE C 314 25.82 -1.48 -11.29
C PHE C 314 24.98 -0.87 -12.40
N LEU C 315 24.24 -1.69 -13.13
CA LEU C 315 23.40 -1.15 -14.21
C LEU C 315 22.31 -0.25 -13.64
N GLN C 316 21.72 -0.62 -12.51
CA GLN C 316 20.77 0.28 -11.86
C GLN C 316 21.43 1.60 -11.51
N ASP C 317 22.61 1.55 -10.87
CA ASP C 317 23.31 2.78 -10.52
C ASP C 317 23.70 3.58 -11.76
N LEU C 318 24.08 2.90 -12.84
CA LEU C 318 24.41 3.62 -14.07
C LEU C 318 23.19 4.36 -14.58
N ALA C 319 22.04 3.68 -14.65
CA ALA C 319 20.82 4.34 -15.09
C ALA C 319 20.55 5.58 -14.25
N MET C 320 20.72 5.48 -12.93
CA MET C 320 20.48 6.61 -12.05
C MET C 320 21.46 7.74 -12.32
N PHE C 321 22.73 7.40 -12.55
CA PHE C 321 23.73 8.42 -12.87
C PHE C 321 23.41 9.13 -14.17
N LEU C 322 23.12 8.36 -15.23
CA LEU C 322 22.91 8.98 -16.52
C LEU C 322 21.64 9.84 -16.51
N THR C 323 20.53 9.29 -16.01
CA THR C 323 19.29 10.06 -15.98
C THR C 323 19.43 11.30 -15.12
N THR C 324 20.07 11.16 -13.95
CA THR C 324 20.24 12.30 -13.04
C THR C 324 21.05 13.39 -13.70
N TYR C 325 22.19 13.05 -14.27
CA TYR C 325 23.06 14.06 -14.87
C TYR C 325 22.41 14.70 -16.09
N LEU C 326 21.84 13.87 -16.98
CA LEU C 326 21.36 14.40 -18.25
C LEU C 326 20.13 15.27 -18.05
N ALA C 327 19.27 14.91 -17.09
CA ALA C 327 18.11 15.75 -16.82
C ALA C 327 18.53 17.13 -16.34
N ARG C 328 19.67 17.21 -15.66
CA ARG C 328 20.15 18.47 -15.12
C ARG C 328 21.00 19.25 -16.11
N ASN C 329 21.82 18.56 -16.91
CA ASN C 329 22.94 19.19 -17.59
C ASN C 329 23.03 18.89 -19.08
N ARG C 330 22.09 18.15 -19.67
CA ARG C 330 22.28 17.78 -21.07
C ARG C 330 22.40 19.01 -21.96
N ALA C 331 21.82 20.14 -21.56
CA ALA C 331 21.97 21.34 -22.38
C ALA C 331 23.43 21.73 -22.54
N LEU C 332 24.28 21.43 -21.55
CA LEU C 332 25.71 21.72 -21.65
C LEU C 332 26.35 20.99 -22.82
N LEU C 333 25.73 19.92 -23.29
CA LEU C 333 26.29 19.07 -24.32
C LEU C 333 25.65 19.26 -25.69
N GLU C 334 24.63 20.11 -25.80
CA GLU C 334 23.80 20.15 -27.01
C GLU C 334 24.26 21.18 -28.03
N SER C 335 25.10 22.14 -27.67
CA SER C 335 25.52 23.19 -28.59
C SER C 335 26.92 22.95 -29.17
N ASP C 336 27.88 22.57 -28.33
CA ASP C 336 29.25 22.33 -28.78
C ASP C 336 29.30 21.05 -29.62
N GLU C 337 29.67 21.17 -30.89
CA GLU C 337 29.70 19.99 -31.76
C GLU C 337 30.70 18.95 -31.26
N SER C 338 31.75 19.38 -30.56
CA SER C 338 32.72 18.42 -30.04
C SER C 338 32.16 17.58 -28.89
N LEU C 339 30.97 17.90 -28.40
CA LEU C 339 30.33 17.15 -27.34
C LEU C 339 29.16 16.33 -27.83
N ARG C 340 28.85 16.37 -29.13
CA ARG C 340 27.67 15.68 -29.64
C ARG C 340 27.79 14.16 -29.46
N GLU C 341 28.99 13.61 -29.68
CA GLU C 341 29.15 12.17 -29.52
C GLU C 341 28.93 11.75 -28.07
N LEU C 342 29.51 12.50 -27.13
CA LEU C 342 29.29 12.22 -25.71
C LEU C 342 27.80 12.24 -25.36
N LEU C 343 27.10 13.27 -25.82
CA LEU C 343 25.66 13.35 -25.58
C LEU C 343 24.94 12.10 -26.08
N LEU C 344 25.19 11.73 -27.34
CA LEU C 344 24.44 10.64 -27.94
C LEU C 344 24.87 9.28 -27.39
N ASN C 345 26.16 9.12 -27.07
CA ASN C 345 26.61 7.88 -26.46
C ASN C 345 25.95 7.67 -25.10
N ALA C 346 25.89 8.71 -24.29
CA ALA C 346 25.20 8.61 -23.01
C ALA C 346 23.75 8.18 -23.22
N HIS C 347 23.07 8.78 -24.21
CA HIS C 347 21.69 8.40 -24.46
C HIS C 347 21.60 7.02 -25.08
N GLN C 348 22.63 6.58 -25.78
CA GLN C 348 22.61 5.22 -26.33
C GLN C 348 22.74 4.19 -25.22
N TYR C 349 23.56 4.47 -24.21
CA TYR C 349 23.55 3.61 -23.03
C TYR C 349 22.16 3.54 -22.41
N LEU C 350 21.44 4.66 -22.38
CA LEU C 350 20.10 4.64 -21.81
C LEU C 350 19.14 3.83 -22.68
N ILE C 351 19.25 3.95 -23.99
CA ILE C 351 18.46 3.08 -24.87
C ILE C 351 18.70 1.63 -24.49
N GLN C 352 19.98 1.24 -24.31
CA GLN C 352 20.29 -0.14 -23.98
C GLN C 352 19.77 -0.51 -22.59
N LEU C 353 19.90 0.40 -21.62
CA LEU C 353 19.35 0.15 -20.30
C LEU C 353 17.83 -0.02 -20.34
N SER C 354 17.18 0.65 -21.29
CA SER C 354 15.72 0.61 -21.39
C SER C 354 15.20 -0.71 -21.92
N LYS C 355 16.07 -1.58 -22.43
CA LYS C 355 15.66 -2.89 -22.91
C LYS C 355 15.72 -3.96 -21.83
N ILE C 356 16.32 -3.66 -20.67
CA ILE C 356 16.37 -4.62 -19.58
C ILE C 356 14.96 -5.01 -19.17
N GLU C 357 14.79 -6.28 -18.79
CA GLU C 357 13.53 -6.79 -18.26
C GLU C 357 13.59 -6.62 -16.76
N GLU C 358 13.02 -5.53 -16.27
CA GLU C 358 12.99 -5.19 -14.85
C GLU C 358 12.08 -3.98 -14.68
N ARG C 359 10.84 -4.22 -14.24
CA ARG C 359 9.82 -3.18 -14.26
C ARG C 359 10.30 -1.90 -13.60
N GLU C 360 10.81 -2.01 -12.37
CA GLU C 360 11.17 -0.82 -11.62
C GLU C 360 12.30 -0.07 -12.29
N LEU C 361 13.23 -0.78 -12.94
CA LEU C 361 14.30 -0.09 -13.64
C LEU C 361 13.79 0.59 -14.91
N PHE C 362 12.84 -0.06 -15.60
CA PHE C 362 12.19 0.54 -16.76
C PHE C 362 11.46 1.81 -16.37
N LYS C 363 10.80 1.82 -15.21
CA LYS C 363 10.13 3.03 -14.77
C LYS C 363 11.13 4.16 -14.52
N THR C 364 12.33 3.83 -14.04
CA THR C 364 13.31 4.87 -13.80
C THR C 364 13.77 5.49 -15.11
N THR C 365 14.09 4.66 -16.10
CA THR C 365 14.49 5.19 -17.41
C THR C 365 13.31 5.86 -18.09
N LEU C 366 12.11 5.28 -17.98
CA LEU C 366 10.94 5.89 -18.61
C LEU C 366 10.68 7.28 -18.06
N ASP C 367 10.87 7.47 -16.75
N ASP C 367 10.92 7.48 -16.77
CA ASP C 367 10.77 8.81 -16.17
CA ASP C 367 10.74 8.81 -16.18
C ASP C 367 11.69 9.77 -16.89
C ASP C 367 11.74 9.81 -16.75
N TYR C 368 12.93 9.35 -17.14
CA TYR C 368 13.87 10.21 -17.84
C TYR C 368 13.40 10.49 -19.26
N TRP C 369 12.98 9.45 -19.99
CA TRP C 369 12.53 9.68 -21.35
C TRP C 369 11.38 10.68 -21.40
N HIS C 370 10.47 10.61 -20.42
CA HIS C 370 9.41 11.60 -20.34
C HIS C 370 9.99 13.01 -20.18
N ASN C 371 10.95 13.16 -19.28
CA ASN C 371 11.63 14.44 -19.13
C ASN C 371 12.21 14.92 -20.45
N LEU C 372 12.82 14.02 -21.22
CA LEU C 372 13.45 14.43 -22.48
C LEU C 372 12.41 14.84 -23.50
N VAL C 373 11.43 13.97 -23.77
CA VAL C 373 10.55 14.23 -24.90
C VAL C 373 9.65 15.43 -24.63
N ALA C 374 9.24 15.64 -23.39
CA ALA C 374 8.50 16.85 -23.03
C ALA C 374 9.32 18.11 -23.33
N ASP C 375 10.64 18.04 -23.11
CA ASP C 375 11.50 19.17 -23.44
C ASP C 375 11.63 19.34 -24.95
N LEU C 376 11.76 18.25 -25.70
CA LEU C 376 11.88 18.36 -27.15
C LEU C 376 10.57 18.78 -27.79
N PHE C 377 9.45 18.60 -27.10
CA PHE C 377 8.15 19.04 -27.59
C PHE C 377 8.01 20.57 -27.57
N TYR C 378 8.77 21.27 -26.73
CA TYR C 378 8.66 22.72 -26.60
C TYR C 378 9.92 23.46 -27.01
N GLU C 379 11.09 22.98 -26.62
CA GLU C 379 12.32 23.77 -26.78
C GLU C 379 12.70 23.90 -28.25
N PRO C 380 12.80 25.10 -28.80
CA PRO C 380 13.20 25.24 -30.22
C PRO C 380 14.53 24.57 -30.51
N LEU C 381 14.61 23.96 -31.70
CA LEU C 381 15.85 23.52 -32.33
C LEU C 381 16.54 22.36 -31.62
N LYS C 382 15.82 21.63 -30.76
CA LYS C 382 16.44 20.54 -30.00
C LYS C 382 16.10 19.15 -30.53
N LYS C 383 14.88 18.93 -31.06
CA LYS C 383 14.47 17.55 -31.34
C LYS C 383 15.32 16.90 -32.43
N HIS C 384 15.86 17.67 -33.38
CA HIS C 384 16.65 17.06 -34.44
C HIS C 384 17.91 16.40 -33.89
N ILE C 385 18.46 16.91 -32.79
CA ILE C 385 19.63 16.31 -32.17
C ILE C 385 19.38 14.84 -31.84
N TYR C 386 18.17 14.53 -31.37
CA TYR C 386 17.84 13.24 -30.78
C TYR C 386 17.03 12.35 -31.71
N GLU C 387 16.97 12.69 -33.01
CA GLU C 387 16.12 11.95 -33.94
C GLU C 387 16.40 10.46 -33.88
N GLU C 388 17.66 10.07 -33.98
CA GLU C 388 17.98 8.65 -33.99
C GLU C 388 17.70 8.01 -32.63
N ILE C 389 17.95 8.72 -31.53
CA ILE C 389 17.59 8.22 -30.22
C ILE C 389 16.08 7.98 -30.12
N CYS C 390 15.29 8.98 -30.52
CA CYS C 390 13.84 8.87 -30.38
C CYS C 390 13.31 7.75 -31.26
N SER C 391 13.91 7.55 -32.43
CA SER C 391 13.46 6.48 -33.30
C SER C 391 13.65 5.14 -32.62
N GLN C 392 14.83 4.90 -32.05
CA GLN C 392 15.04 3.67 -31.28
C GLN C 392 14.07 3.57 -30.12
N LEU C 393 13.78 4.70 -29.46
CA LEU C 393 12.89 4.66 -28.30
C LEU C 393 11.46 4.29 -28.70
N ARG C 394 10.99 4.75 -29.87
CA ARG C 394 9.67 4.34 -30.34
C ARG C 394 9.57 2.82 -30.39
N LEU C 395 10.63 2.17 -30.87
CA LEU C 395 10.64 0.72 -30.96
C LEU C 395 10.60 0.09 -29.56
N VAL C 396 11.40 0.63 -28.65
CA VAL C 396 11.48 0.05 -27.30
C VAL C 396 10.12 0.12 -26.61
N ILE C 397 9.45 1.27 -26.71
N ILE C 397 9.43 1.26 -26.72
CA ILE C 397 8.17 1.45 -26.03
CA ILE C 397 8.16 1.42 -26.01
C ILE C 397 7.10 0.58 -26.69
C ILE C 397 7.06 0.62 -26.68
N ILE C 398 7.00 0.63 -28.02
CA ILE C 398 5.97 -0.13 -28.71
C ILE C 398 6.07 -1.61 -28.38
N GLU C 399 7.29 -2.13 -28.26
CA GLU C 399 7.51 -3.55 -28.02
C GLU C 399 7.42 -3.95 -26.55
N ASN C 400 7.21 -2.99 -25.65
CA ASN C 400 7.14 -3.29 -24.23
C ASN C 400 5.93 -2.62 -23.58
N MET C 401 4.88 -2.35 -24.38
N MET C 401 4.87 -2.41 -24.37
CA MET C 401 3.64 -1.84 -23.82
CA MET C 401 3.65 -1.82 -23.83
C MET C 401 3.04 -2.85 -22.87
C MET C 401 2.94 -2.83 -22.94
N VAL C 402 2.63 -2.41 -21.72
CA VAL C 402 1.98 -3.27 -20.74
C VAL C 402 0.48 -3.30 -21.03
N ARG C 403 -0.16 -4.38 -20.61
CA ARG C 403 -1.57 -4.59 -20.87
C ARG C 403 -2.41 -3.46 -20.26
N PRO C 404 -3.20 -2.73 -21.06
CA PRO C 404 -4.08 -1.70 -20.48
C PRO C 404 -5.20 -2.32 -19.65
N GLU C 405 -5.78 -1.49 -18.78
CA GLU C 405 -6.91 -1.91 -17.94
C GLU C 405 -7.99 -2.60 -18.76
N GLU C 406 -8.31 -2.04 -19.93
CA GLU C 406 -9.49 -2.46 -20.67
C GLU C 406 -9.39 -3.89 -21.21
N VAL C 407 -8.17 -4.41 -21.40
CA VAL C 407 -7.99 -5.72 -22.02
C VAL C 407 -8.10 -6.77 -20.93
N LEU C 408 -9.24 -7.48 -20.91
CA LEU C 408 -9.59 -8.39 -19.83
C LEU C 408 -9.18 -9.84 -20.10
N VAL C 409 -8.53 -10.11 -21.23
CA VAL C 409 -8.11 -11.45 -21.59
C VAL C 409 -6.62 -11.59 -21.34
N VAL C 410 -6.20 -12.73 -20.78
CA VAL C 410 -4.81 -12.98 -20.43
C VAL C 410 -4.50 -14.46 -20.66
N GLU C 411 -3.21 -14.79 -20.68
CA GLU C 411 -2.77 -16.17 -20.91
C GLU C 411 -2.21 -16.77 -19.62
N ASN C 412 -2.53 -18.04 -19.37
CA ASN C 412 -2.03 -18.75 -18.21
C ASN C 412 -2.03 -20.25 -18.44
N GLU C 416 -3.53 -20.98 -23.43
CA GLU C 416 -4.71 -20.83 -22.58
C GLU C 416 -5.05 -19.35 -22.32
N ILE C 417 -5.89 -18.77 -23.18
CA ILE C 417 -6.29 -17.37 -23.07
C ILE C 417 -7.61 -17.30 -22.31
N VAL C 418 -7.55 -16.76 -21.08
CA VAL C 418 -8.70 -16.76 -20.18
C VAL C 418 -8.99 -15.34 -19.72
N ARG C 419 -9.60 -15.19 -18.53
CA ARG C 419 -10.13 -13.92 -18.07
C ARG C 419 -9.36 -13.41 -16.85
N GLU C 420 -9.12 -12.11 -16.83
CA GLU C 420 -8.55 -11.40 -15.68
C GLU C 420 -9.30 -11.75 -14.38
N PHE C 421 -8.61 -11.65 -13.23
CA PHE C 421 -9.22 -11.72 -11.89
C PHE C 421 -9.10 -10.42 -11.12
N VAL C 422 -7.96 -9.75 -11.18
CA VAL C 422 -7.62 -8.66 -10.27
C VAL C 422 -7.40 -7.39 -11.09
N LYS C 423 -7.24 -6.27 -10.37
CA LYS C 423 -6.89 -4.98 -10.98
C LYS C 423 -5.42 -4.71 -10.72
N GLU C 424 -4.59 -4.80 -11.77
CA GLU C 424 -3.15 -4.59 -11.66
C GLU C 424 -2.90 -3.09 -11.67
N SER C 425 -2.82 -2.49 -10.48
CA SER C 425 -2.58 -1.05 -10.39
C SER C 425 -1.10 -0.69 -10.45
N ASP C 426 -0.21 -1.62 -10.08
CA ASP C 426 1.21 -1.43 -10.40
C ASP C 426 1.40 -1.30 -11.91
N THR C 427 0.52 -1.92 -12.69
CA THR C 427 0.52 -1.83 -14.14
C THR C 427 -0.29 -0.64 -14.66
N ILE C 428 -1.26 -0.14 -13.90
CA ILE C 428 -2.07 0.99 -14.36
C ILE C 428 -1.20 2.23 -14.53
N GLN C 429 -0.43 2.58 -13.51
CA GLN C 429 0.41 3.77 -13.61
C GLN C 429 1.44 3.58 -14.72
N LEU C 430 2.02 2.38 -14.83
CA LEU C 430 3.02 2.14 -15.86
C LEU C 430 2.46 2.39 -17.24
N TYR C 431 1.27 1.87 -17.52
CA TYR C 431 0.68 2.10 -18.84
C TYR C 431 0.51 3.58 -19.11
N LYS C 432 -0.01 4.32 -18.13
CA LYS C 432 -0.18 5.76 -18.33
C LYS C 432 1.13 6.43 -18.69
N SER C 433 2.22 6.00 -18.06
CA SER C 433 3.52 6.61 -18.33
C SER C 433 4.04 6.22 -19.70
N GLU C 434 3.87 4.96 -20.09
CA GLU C 434 4.26 4.56 -21.43
C GLU C 434 3.46 5.33 -22.48
N ARG C 435 2.15 5.46 -22.26
CA ARG C 435 1.33 6.23 -23.19
C ARG C 435 1.83 7.66 -23.33
N GLU C 436 2.13 8.32 -22.19
CA GLU C 436 2.56 9.72 -22.25
C GLU C 436 3.80 9.89 -23.10
N VAL C 437 4.81 9.04 -22.92
CA VAL C 437 6.04 9.16 -23.68
C VAL C 437 5.78 8.84 -25.15
N LEU C 438 4.98 7.81 -25.43
CA LEU C 438 4.73 7.43 -26.82
C LEU C 438 3.91 8.50 -27.55
N VAL C 439 2.99 9.16 -26.84
CA VAL C 439 2.26 10.27 -27.45
C VAL C 439 3.21 11.39 -27.82
N TYR C 440 4.10 11.76 -26.90
CA TYR C 440 5.12 12.77 -27.22
C TYR C 440 5.96 12.33 -28.41
N LEU C 441 6.43 11.10 -28.41
CA LEU C 441 7.26 10.62 -29.51
C LEU C 441 6.51 10.65 -30.83
N THR C 442 5.19 10.44 -30.79
CA THR C 442 4.41 10.50 -32.02
C THR C 442 4.30 11.93 -32.51
N HIS C 443 4.05 12.89 -31.62
CA HIS C 443 4.06 14.29 -32.02
C HIS C 443 5.41 14.68 -32.61
N LEU C 444 6.50 14.16 -32.03
CA LEU C 444 7.82 14.58 -32.49
C LEU C 444 8.10 14.08 -33.91
N ASN C 445 7.52 12.94 -34.31
CA ASN C 445 7.71 12.46 -35.69
C ASN C 445 6.58 11.47 -36.01
N VAL C 446 5.48 12.00 -36.53
N VAL C 446 5.46 12.01 -36.47
CA VAL C 446 4.29 11.18 -36.74
CA VAL C 446 4.30 11.19 -36.76
C VAL C 446 4.51 10.21 -37.91
C VAL C 446 4.63 10.16 -37.84
N ILE C 447 5.34 10.59 -38.89
CA ILE C 447 5.63 9.69 -40.01
C ILE C 447 6.39 8.47 -39.55
N ASP C 448 7.45 8.67 -38.75
CA ASP C 448 8.24 7.54 -38.27
C ASP C 448 7.40 6.59 -37.43
N THR C 449 6.51 7.14 -36.59
CA THR C 449 5.70 6.28 -35.74
C THR C 449 4.75 5.44 -36.56
N GLU C 450 4.07 6.05 -37.53
CA GLU C 450 3.18 5.27 -38.38
C GLU C 450 3.94 4.19 -39.14
N GLU C 451 5.13 4.51 -39.66
CA GLU C 451 5.87 3.53 -40.45
C GLU C 451 6.28 2.35 -39.59
N ILE C 452 6.72 2.60 -38.35
CA ILE C 452 7.04 1.49 -37.46
C ILE C 452 5.81 0.62 -37.23
N MET C 453 4.67 1.25 -36.94
CA MET C 453 3.50 0.47 -36.56
C MET C 453 2.92 -0.28 -37.76
N ILE C 454 2.82 0.38 -38.91
CA ILE C 454 2.25 -0.25 -40.09
C ILE C 454 3.13 -1.40 -40.57
N SER C 455 4.45 -1.24 -40.48
CA SER C 455 5.34 -2.30 -40.89
C SER C 455 5.23 -3.49 -39.94
N LYS C 456 5.34 -3.25 -38.64
CA LYS C 456 5.14 -4.31 -37.67
C LYS C 456 3.81 -5.03 -37.93
N LEU C 457 2.76 -4.28 -38.22
CA LEU C 457 1.48 -4.90 -38.56
C LEU C 457 1.62 -5.77 -39.81
N ALA C 458 2.18 -5.21 -40.88
CA ALA C 458 2.36 -5.96 -42.12
C ALA C 458 3.07 -7.29 -41.90
N ARG C 459 3.89 -7.39 -40.84
CA ARG C 459 4.59 -8.62 -40.52
C ARG C 459 3.84 -9.47 -39.51
N GLN C 460 2.65 -9.04 -39.07
CA GLN C 460 1.72 -9.93 -38.41
C GLN C 460 0.84 -10.65 -39.42
N ILE C 461 0.31 -9.91 -40.41
CA ILE C 461 -0.47 -10.51 -41.49
C ILE C 461 0.30 -11.70 -42.08
N ASP C 462 1.59 -11.47 -42.38
CA ASP C 462 2.43 -12.50 -42.98
C ASP C 462 2.67 -13.70 -42.06
N GLY C 463 2.29 -13.60 -40.79
CA GLY C 463 2.70 -14.61 -39.83
C GLY C 463 4.20 -14.63 -39.66
N SER C 464 4.87 -13.65 -40.28
CA SER C 464 6.33 -13.57 -40.20
C SER C 464 6.80 -13.32 -38.78
N GLU C 465 6.03 -12.56 -37.98
CA GLU C 465 6.36 -12.31 -36.58
C GLU C 465 5.18 -12.59 -35.65
N TRP C 466 4.20 -13.35 -36.10
CA TRP C 466 2.98 -13.54 -35.33
C TRP C 466 3.28 -14.15 -33.96
N SER C 467 2.55 -13.69 -32.96
CA SER C 467 2.51 -14.30 -31.64
C SER C 467 1.52 -13.50 -30.80
N TRP C 468 1.00 -14.13 -29.74
CA TRP C 468 0.20 -13.40 -28.77
C TRP C 468 0.89 -12.07 -28.48
N HIS C 469 2.14 -12.17 -28.04
CA HIS C 469 2.84 -11.01 -27.51
C HIS C 469 2.97 -9.91 -28.55
N ASN C 470 3.31 -10.25 -29.79
CA ASN C 470 3.64 -9.22 -30.78
C ASN C 470 2.39 -8.47 -31.24
N ILE C 471 1.29 -9.18 -31.49
CA ILE C 471 0.07 -8.50 -31.92
C ILE C 471 -0.51 -7.68 -30.76
N ASN C 472 -0.40 -8.19 -29.54
CA ASN C 472 -0.95 -7.49 -28.38
C ASN C 472 -0.21 -6.18 -28.12
N THR C 473 1.10 -6.25 -27.93
CA THR C 473 1.85 -5.04 -27.64
C THR C 473 1.66 -4.01 -28.75
N LEU C 474 1.61 -4.47 -30.01
CA LEU C 474 1.40 -3.57 -31.12
C LEU C 474 0.00 -2.95 -31.08
N SER C 475 -1.01 -3.76 -30.77
CA SER C 475 -2.38 -3.24 -30.75
C SER C 475 -2.54 -2.20 -29.65
N TRP C 476 -1.96 -2.47 -28.48
CA TRP C 476 -2.05 -1.54 -27.37
C TRP C 476 -1.31 -0.24 -27.69
N ALA C 477 -0.17 -0.33 -28.36
CA ALA C 477 0.52 0.88 -28.78
C ALA C 477 -0.35 1.68 -29.75
N ILE C 478 -0.93 1.00 -30.73
CA ILE C 478 -1.77 1.69 -31.71
C ILE C 478 -2.93 2.40 -31.01
N GLY C 479 -3.57 1.74 -30.05
CA GLY C 479 -4.67 2.37 -29.34
C GLY C 479 -4.20 3.55 -28.50
N SER C 480 -3.01 3.45 -27.92
CA SER C 480 -2.58 4.44 -26.95
C SER C 480 -2.22 5.79 -27.58
N ILE C 481 -1.93 5.86 -28.89
CA ILE C 481 -1.53 7.12 -29.49
C ILE C 481 -2.70 7.87 -30.11
N SER C 482 -3.92 7.43 -29.80
CA SER C 482 -5.11 8.12 -30.29
C SER C 482 -5.08 9.59 -29.89
N GLY C 483 -5.31 10.47 -30.87
CA GLY C 483 -5.31 11.90 -30.65
C GLY C 483 -4.05 12.61 -31.12
N THR C 484 -3.01 11.86 -31.49
CA THR C 484 -1.76 12.46 -31.91
C THR C 484 -1.73 12.80 -33.40
N MET C 485 -2.56 12.15 -34.19
CA MET C 485 -2.61 12.41 -35.62
C MET C 485 -3.76 13.36 -35.94
N SER C 486 -3.63 14.02 -37.10
CA SER C 486 -4.73 14.82 -37.61
C SER C 486 -5.87 13.91 -38.05
N GLU C 487 -7.10 14.44 -37.99
CA GLU C 487 -8.26 13.62 -38.29
C GLU C 487 -8.07 12.90 -39.63
N ASP C 488 -7.45 13.57 -40.61
CA ASP C 488 -7.29 12.97 -41.93
C ASP C 488 -6.28 11.84 -41.92
N THR C 489 -5.10 12.06 -41.34
CA THR C 489 -4.12 10.98 -41.25
C THR C 489 -4.64 9.85 -40.35
N GLU C 490 -5.28 10.20 -39.24
CA GLU C 490 -5.88 9.19 -38.38
C GLU C 490 -6.88 8.35 -39.17
N LYS C 491 -7.75 9.01 -39.94
CA LYS C 491 -8.70 8.32 -40.79
C LYS C 491 -8.02 7.21 -41.59
N ARG C 492 -7.05 7.58 -42.43
CA ARG C 492 -6.35 6.61 -43.26
C ARG C 492 -5.63 5.57 -42.39
N PHE C 493 -5.07 6.02 -41.26
CA PHE C 493 -4.32 5.11 -40.40
C PHE C 493 -5.24 4.05 -39.78
N VAL C 494 -6.36 4.47 -39.18
CA VAL C 494 -7.23 3.52 -38.50
C VAL C 494 -7.79 2.51 -39.51
N VAL C 495 -8.26 3.02 -40.66
CA VAL C 495 -8.76 2.15 -41.72
C VAL C 495 -7.76 1.02 -41.98
N THR C 496 -6.48 1.38 -42.17
CA THR C 496 -5.47 0.38 -42.47
C THR C 496 -5.33 -0.62 -41.33
N VAL C 497 -5.33 -0.13 -40.08
CA VAL C 497 -5.16 -1.02 -38.95
C VAL C 497 -6.34 -1.98 -38.82
N ILE C 498 -7.57 -1.45 -38.93
CA ILE C 498 -8.76 -2.30 -38.81
C ILE C 498 -8.75 -3.36 -39.90
N LYS C 499 -8.57 -2.94 -41.15
CA LYS C 499 -8.55 -3.88 -42.27
C LYS C 499 -7.55 -5.00 -42.03
N ASP C 500 -6.36 -4.65 -41.55
CA ASP C 500 -5.34 -5.67 -41.32
C ASP C 500 -5.64 -6.52 -40.10
N LEU C 501 -6.31 -5.96 -39.08
CA LEU C 501 -6.68 -6.76 -37.91
C LEU C 501 -7.82 -7.73 -38.24
N LEU C 502 -8.72 -7.35 -39.14
CA LEU C 502 -9.79 -8.27 -39.54
C LEU C 502 -9.21 -9.45 -40.32
N GLY C 503 -8.30 -9.19 -41.21
CA GLY C 503 -7.70 -10.26 -41.94
C GLY C 503 -7.00 -11.22 -41.04
N LEU C 504 -6.52 -10.74 -39.94
CA LEU C 504 -5.79 -11.59 -39.05
C LEU C 504 -6.65 -12.49 -38.22
N CYS C 505 -7.90 -12.12 -38.09
CA CYS C 505 -8.81 -12.91 -37.31
C CYS C 505 -9.17 -14.18 -38.05
N GLU C 506 -9.36 -14.06 -39.34
CA GLU C 506 -9.70 -15.19 -40.19
C GLU C 506 -8.57 -16.15 -40.33
N GLN C 507 -7.36 -15.68 -40.20
CA GLN C 507 -6.23 -16.55 -40.32
C GLN C 507 -5.91 -17.39 -39.07
N LYS C 508 -5.96 -16.80 -37.88
CA LYS C 508 -5.60 -17.51 -36.68
C LYS C 508 -6.87 -17.85 -35.97
N ARG C 509 -7.50 -18.89 -36.47
CA ARG C 509 -8.81 -19.27 -36.08
C ARG C 509 -9.06 -20.22 -34.94
N GLY C 510 -8.12 -20.46 -34.07
CA GLY C 510 -8.44 -21.26 -32.91
C GLY C 510 -9.34 -20.44 -31.98
N LYS C 511 -9.75 -20.97 -30.86
CA LYS C 511 -10.59 -20.25 -29.93
C LYS C 511 -9.78 -19.29 -29.06
N ASP C 512 -8.54 -19.66 -28.73
CA ASP C 512 -7.63 -18.72 -28.09
C ASP C 512 -7.22 -17.63 -29.05
N ASN C 513 -6.83 -18.02 -30.26
CA ASN C 513 -6.58 -17.08 -31.36
C ASN C 513 -7.64 -15.99 -31.42
N LYS C 514 -8.89 -16.39 -31.68
CA LYS C 514 -9.94 -15.41 -31.94
C LYS C 514 -10.21 -14.52 -30.73
N ALA C 515 -9.92 -15.02 -29.52
CA ALA C 515 -10.12 -14.21 -28.33
C ALA C 515 -9.03 -13.16 -28.18
N VAL C 516 -7.80 -13.49 -28.57
CA VAL C 516 -6.72 -12.51 -28.54
C VAL C 516 -7.00 -11.38 -29.52
N VAL C 517 -7.35 -11.72 -30.77
CA VAL C 517 -7.54 -10.71 -31.80
C VAL C 517 -8.82 -9.94 -31.56
N ALA C 518 -9.84 -10.59 -30.97
CA ALA C 518 -11.06 -9.86 -30.64
C ALA C 518 -10.78 -8.78 -29.58
N SER C 519 -10.07 -9.14 -28.51
CA SER C 519 -9.73 -8.15 -27.50
C SER C 519 -8.93 -7.00 -28.10
N ASP C 520 -8.00 -7.30 -29.01
CA ASP C 520 -7.16 -6.25 -29.58
C ASP C 520 -7.98 -5.31 -30.46
N ILE C 521 -8.93 -5.85 -31.23
CA ILE C 521 -9.77 -4.98 -32.05
C ILE C 521 -10.68 -4.15 -31.17
N MET C 522 -11.22 -4.75 -30.11
CA MET C 522 -12.08 -3.99 -29.21
C MET C 522 -11.30 -2.85 -28.58
N TYR C 523 -10.08 -3.12 -28.14
CA TYR C 523 -9.27 -2.05 -27.55
C TYR C 523 -9.05 -0.93 -28.55
N VAL C 524 -8.60 -1.27 -29.76
CA VAL C 524 -8.27 -0.23 -30.73
C VAL C 524 -9.49 0.63 -31.05
N VAL C 525 -10.61 -0.02 -31.41
N VAL C 525 -10.60 -0.02 -31.41
CA VAL C 525 -11.79 0.74 -31.81
CA VAL C 525 -11.79 0.75 -31.82
C VAL C 525 -12.31 1.57 -30.66
C VAL C 525 -12.30 1.58 -30.66
N GLY C 526 -12.29 1.02 -29.45
CA GLY C 526 -12.71 1.78 -28.29
C GLY C 526 -11.85 3.00 -28.04
N GLN C 527 -10.63 3.02 -28.58
CA GLN C 527 -9.70 4.12 -28.38
C GLN C 527 -9.80 5.22 -29.41
N TYR C 528 -10.56 5.02 -30.49
CA TYR C 528 -10.68 6.01 -31.57
C TYR C 528 -12.11 6.47 -31.75
N PRO C 529 -12.71 7.09 -30.73
CA PRO C 529 -14.09 7.58 -30.89
C PRO C 529 -14.21 8.66 -31.95
N ARG C 530 -13.24 9.57 -32.06
CA ARG C 530 -13.35 10.60 -33.09
C ARG C 530 -13.58 9.97 -34.45
N PHE C 531 -12.88 8.87 -34.73
CA PHE C 531 -13.09 8.17 -35.98
C PHE C 531 -14.50 7.60 -36.06
N LEU C 532 -15.00 7.04 -34.96
CA LEU C 532 -16.33 6.45 -34.98
C LEU C 532 -17.40 7.51 -35.20
N LYS C 533 -17.25 8.68 -34.59
CA LYS C 533 -18.27 9.72 -34.72
C LYS C 533 -18.47 10.14 -36.16
N ALA C 534 -17.41 10.04 -36.98
CA ALA C 534 -17.45 10.54 -38.35
C ALA C 534 -17.81 9.46 -39.37
N HIS C 535 -17.96 8.21 -38.94
CA HIS C 535 -18.25 7.10 -39.85
C HIS C 535 -19.39 6.28 -39.26
N TRP C 536 -20.58 6.87 -39.23
CA TRP C 536 -21.72 6.23 -38.57
C TRP C 536 -21.90 4.78 -39.04
N ASN C 537 -21.81 4.55 -40.35
CA ASN C 537 -21.99 3.19 -40.85
C ASN C 537 -21.05 2.22 -40.17
N PHE C 538 -19.81 2.63 -39.91
CA PHE C 538 -18.88 1.77 -39.20
C PHE C 538 -19.27 1.65 -37.72
N LEU C 539 -19.65 2.77 -37.10
CA LEU C 539 -20.03 2.74 -35.69
C LEU C 539 -21.16 1.76 -35.45
N ARG C 540 -22.22 1.84 -36.26
CA ARG C 540 -23.35 0.92 -36.13
C ARG C 540 -22.86 -0.53 -36.22
N THR C 541 -22.00 -0.82 -37.20
CA THR C 541 -21.49 -2.17 -37.35
C THR C 541 -20.71 -2.60 -36.11
N VAL C 542 -19.86 -1.73 -35.57
CA VAL C 542 -19.10 -2.05 -34.37
C VAL C 542 -20.04 -2.41 -33.22
N ILE C 543 -21.07 -1.58 -33.00
CA ILE C 543 -21.99 -1.82 -31.89
C ILE C 543 -22.70 -3.16 -32.07
N LEU C 544 -23.24 -3.41 -33.28
CA LEU C 544 -23.89 -4.69 -33.54
C LEU C 544 -22.91 -5.84 -33.33
N LYS C 545 -21.65 -5.64 -33.69
CA LYS C 545 -20.66 -6.67 -33.47
C LYS C 545 -20.40 -6.88 -31.98
N LEU C 546 -20.41 -5.79 -31.19
CA LEU C 546 -20.30 -5.95 -29.73
C LEU C 546 -21.51 -6.68 -29.17
N PHE C 547 -22.71 -6.36 -29.66
CA PHE C 547 -23.90 -7.10 -29.22
C PHE C 547 -23.75 -8.58 -29.52
N LYS C 548 -23.15 -8.95 -30.62
CA LYS C 548 -22.91 -10.33 -30.94
C LYS C 548 -21.94 -10.94 -30.00
N PHE C 549 -20.90 -10.24 -29.65
CA PHE C 549 -19.96 -10.74 -28.65
C PHE C 549 -20.58 -10.86 -27.27
N MET C 550 -21.70 -10.19 -27.02
CA MET C 550 -22.38 -10.39 -25.73
C MET C 550 -22.93 -11.80 -25.57
N HIS C 551 -23.01 -12.56 -26.65
CA HIS C 551 -23.39 -13.96 -26.61
C HIS C 551 -22.20 -14.91 -26.70
N GLU C 552 -20.98 -14.38 -26.65
CA GLU C 552 -19.79 -15.21 -26.73
C GLU C 552 -19.71 -16.14 -25.52
N THR C 553 -19.35 -17.40 -25.77
CA THR C 553 -19.13 -18.34 -24.67
C THR C 553 -17.85 -18.03 -23.92
N HIS C 554 -16.89 -17.36 -24.54
CA HIS C 554 -15.68 -16.94 -23.85
C HIS C 554 -16.02 -15.78 -22.93
N GLU C 555 -15.87 -15.98 -21.62
CA GLU C 555 -16.34 -14.98 -20.65
C GLU C 555 -15.51 -13.71 -20.71
N GLY C 556 -14.25 -13.79 -21.13
CA GLY C 556 -13.43 -12.60 -21.23
C GLY C 556 -13.85 -11.69 -22.36
N VAL C 557 -13.99 -12.25 -23.57
CA VAL C 557 -14.49 -11.46 -24.70
C VAL C 557 -15.83 -10.85 -24.36
N GLN C 558 -16.72 -11.65 -23.75
CA GLN C 558 -18.06 -11.19 -23.43
C GLN C 558 -18.03 -10.00 -22.48
N ASP C 559 -17.25 -10.10 -21.41
CA ASP C 559 -17.17 -9.02 -20.45
C ASP C 559 -16.53 -7.78 -21.09
N MET C 560 -15.50 -7.98 -21.90
CA MET C 560 -14.85 -6.87 -22.58
C MET C 560 -15.78 -6.18 -23.56
N ALA C 561 -16.68 -6.94 -24.20
CA ALA C 561 -17.62 -6.34 -25.13
C ALA C 561 -18.57 -5.38 -24.42
N CYS C 562 -18.98 -5.72 -23.19
CA CYS C 562 -19.83 -4.81 -22.43
C CYS C 562 -19.08 -3.54 -22.05
N ASP C 563 -17.82 -3.68 -21.62
CA ASP C 563 -17.04 -2.51 -21.25
C ASP C 563 -16.75 -1.63 -22.46
N THR C 564 -16.42 -2.24 -23.60
CA THR C 564 -16.17 -1.46 -24.80
C THR C 564 -17.43 -0.73 -25.25
N PHE C 565 -18.59 -1.36 -25.07
CA PHE C 565 -19.85 -0.72 -25.44
C PHE C 565 -20.05 0.57 -24.65
N ILE C 566 -19.96 0.51 -23.32
CA ILE C 566 -20.20 1.71 -22.54
C ILE C 566 -19.09 2.72 -22.76
N LYS C 567 -17.85 2.25 -22.97
CA LYS C 567 -16.74 3.17 -23.23
C LYS C 567 -16.97 3.93 -24.52
N ILE C 568 -17.45 3.26 -25.56
CA ILE C 568 -17.77 3.97 -26.80
C ILE C 568 -18.94 4.91 -26.59
N VAL C 569 -19.96 4.47 -25.84
CA VAL C 569 -21.16 5.29 -25.65
C VAL C 569 -20.82 6.59 -24.93
N GLN C 570 -19.97 6.52 -23.91
CA GLN C 570 -19.59 7.73 -23.16
C GLN C 570 -19.06 8.82 -24.08
N LYS C 571 -18.43 8.43 -25.19
CA LYS C 571 -17.84 9.40 -26.10
C LYS C 571 -18.69 9.71 -27.32
N CYS C 572 -19.52 8.77 -27.78
CA CYS C 572 -20.27 8.91 -29.02
C CYS C 572 -21.77 8.97 -28.81
N LYS C 573 -22.22 9.18 -27.58
CA LYS C 573 -23.64 9.06 -27.25
C LYS C 573 -24.53 9.92 -28.16
N TYR C 574 -24.06 11.09 -28.58
CA TYR C 574 -24.91 11.97 -29.38
C TYR C 574 -25.34 11.30 -30.68
N HIS C 575 -24.51 10.45 -31.26
CA HIS C 575 -24.85 9.77 -32.50
C HIS C 575 -25.82 8.63 -32.31
N PHE C 576 -26.27 8.37 -31.08
CA PHE C 576 -27.26 7.35 -30.82
C PHE C 576 -28.66 7.92 -30.56
N VAL C 577 -28.77 9.23 -30.33
CA VAL C 577 -30.07 9.84 -30.03
C VAL C 577 -30.66 10.49 -31.28
N ILE C 578 -29.82 11.01 -32.16
CA ILE C 578 -30.33 11.64 -33.37
C ILE C 578 -30.72 10.56 -34.37
N GLN C 579 -31.57 10.95 -35.32
CA GLN C 579 -31.90 10.09 -36.44
C GLN C 579 -30.84 10.28 -37.52
N GLN C 580 -30.10 9.24 -37.82
CA GLN C 580 -29.04 9.36 -38.80
C GLN C 580 -29.61 9.26 -40.21
N PRO C 581 -28.94 9.86 -41.20
CA PRO C 581 -29.35 9.64 -42.59
C PRO C 581 -29.36 8.16 -42.91
N ARG C 582 -30.34 7.76 -43.73
CA ARG C 582 -30.52 6.36 -44.13
C ARG C 582 -31.03 5.48 -43.00
N GLU C 583 -31.45 6.07 -41.88
CA GLU C 583 -31.92 5.30 -40.72
C GLU C 583 -33.37 5.64 -40.42
N SER C 584 -34.16 4.61 -40.13
CA SER C 584 -35.58 4.76 -39.87
C SER C 584 -35.89 5.28 -38.48
N GLU C 585 -34.91 5.32 -37.58
CA GLU C 585 -35.14 5.73 -36.20
C GLU C 585 -33.82 5.97 -35.48
N PRO C 586 -33.79 6.85 -34.48
CA PRO C 586 -32.59 6.96 -33.64
C PRO C 586 -32.14 5.59 -33.18
N PHE C 587 -30.82 5.36 -33.19
CA PHE C 587 -30.34 4.01 -32.88
C PHE C 587 -30.67 3.61 -31.45
N ILE C 588 -30.81 4.58 -30.54
CA ILE C 588 -31.25 4.23 -29.19
C ILE C 588 -32.55 3.46 -29.23
N GLN C 589 -33.44 3.83 -30.17
CA GLN C 589 -34.69 3.09 -30.34
C GLN C 589 -34.41 1.63 -30.67
N THR C 590 -33.47 1.38 -31.58
CA THR C 590 -33.19 0.01 -31.97
C THR C 590 -32.58 -0.77 -30.81
N ILE C 591 -31.70 -0.14 -30.03
CA ILE C 591 -31.08 -0.82 -28.91
C ILE C 591 -32.14 -1.24 -27.90
N ILE C 592 -33.03 -0.31 -27.55
CA ILE C 592 -34.02 -0.59 -26.52
C ILE C 592 -34.93 -1.72 -26.96
N ARG C 593 -35.41 -1.67 -28.20
CA ARG C 593 -36.41 -2.64 -28.67
C ARG C 593 -35.90 -4.07 -28.54
N ASP C 594 -34.61 -4.30 -28.67
CA ASP C 594 -34.06 -5.65 -28.65
C ASP C 594 -33.20 -5.91 -27.43
N ILE C 595 -33.45 -5.19 -26.34
CA ILE C 595 -32.58 -5.24 -25.18
C ILE C 595 -32.65 -6.61 -24.50
N GLN C 596 -33.84 -7.22 -24.47
CA GLN C 596 -33.97 -8.56 -23.88
C GLN C 596 -33.15 -9.56 -24.66
N LYS C 597 -33.21 -9.49 -25.99
CA LYS C 597 -32.45 -10.41 -26.82
C LYS C 597 -30.96 -10.18 -26.68
N THR C 598 -30.54 -8.92 -26.72
CA THR C 598 -29.11 -8.57 -26.66
C THR C 598 -28.48 -9.05 -25.35
N THR C 599 -29.17 -8.87 -24.23
CA THR C 599 -28.60 -9.08 -22.91
C THR C 599 -28.93 -10.46 -22.33
N ALA C 600 -29.52 -11.35 -23.13
CA ALA C 600 -30.07 -12.59 -22.58
C ALA C 600 -29.00 -13.48 -21.96
N ASP C 601 -27.78 -13.47 -22.49
CA ASP C 601 -26.71 -14.34 -22.03
C ASP C 601 -25.75 -13.65 -21.07
N LEU C 602 -26.06 -12.42 -20.64
CA LEU C 602 -25.18 -11.67 -19.77
C LEU C 602 -25.50 -11.95 -18.31
N GLN C 603 -24.46 -11.90 -17.49
CA GLN C 603 -24.64 -11.92 -16.06
C GLN C 603 -25.32 -10.62 -15.61
N PRO C 604 -26.02 -10.66 -14.47
CA PRO C 604 -26.77 -9.47 -14.02
C PRO C 604 -25.94 -8.19 -13.95
N GLN C 605 -24.72 -8.27 -13.39
CA GLN C 605 -23.86 -7.10 -13.34
C GLN C 605 -23.63 -6.52 -14.73
N GLN C 606 -23.50 -7.40 -15.73
CA GLN C 606 -23.28 -6.93 -17.09
C GLN C 606 -24.55 -6.35 -17.70
N VAL C 607 -25.71 -6.91 -17.36
CA VAL C 607 -26.97 -6.32 -17.81
C VAL C 607 -27.10 -4.90 -17.30
N HIS C 608 -26.71 -4.66 -16.05
CA HIS C 608 -26.86 -3.33 -15.46
C HIS C 608 -25.95 -2.33 -16.16
N THR C 609 -24.74 -2.76 -16.54
CA THR C 609 -23.85 -1.88 -17.30
C THR C 609 -24.46 -1.51 -18.64
N PHE C 610 -25.11 -2.48 -19.30
CA PHE C 610 -25.82 -2.19 -20.54
C PHE C 610 -26.90 -1.13 -20.32
N TYR C 611 -27.74 -1.33 -19.30
CA TYR C 611 -28.77 -0.36 -19.00
C TYR C 611 -28.17 1.01 -18.65
N LYS C 612 -27.05 1.01 -17.93
CA LYS C 612 -26.41 2.29 -17.61
C LYS C 612 -25.96 3.01 -18.86
N ALA C 613 -25.43 2.28 -19.84
CA ALA C 613 -24.99 2.91 -21.08
C ALA C 613 -26.19 3.49 -21.84
N CYS C 614 -27.32 2.78 -21.85
CA CYS C 614 -28.52 3.33 -22.45
C CYS C 614 -28.93 4.62 -21.74
N GLY C 615 -28.74 4.68 -20.42
CA GLY C 615 -29.07 5.90 -19.70
C GLY C 615 -28.20 7.09 -20.12
N ILE C 616 -26.93 6.83 -20.40
CA ILE C 616 -26.06 7.89 -20.90
C ILE C 616 -26.62 8.47 -22.20
N ILE C 617 -27.01 7.60 -23.13
CA ILE C 617 -27.59 8.04 -24.40
C ILE C 617 -28.86 8.83 -24.16
N ILE C 618 -29.75 8.30 -23.31
CA ILE C 618 -31.06 8.93 -23.15
C ILE C 618 -30.93 10.32 -22.58
N SER C 619 -29.90 10.55 -21.75
CA SER C 619 -29.73 11.87 -21.16
C SER C 619 -29.22 12.91 -22.15
N GLU C 620 -28.84 12.52 -23.35
CA GLU C 620 -28.50 13.48 -24.39
C GLU C 620 -29.72 14.13 -25.02
N GLU C 621 -30.90 13.52 -24.87
CA GLU C 621 -32.14 14.07 -25.39
C GLU C 621 -32.63 15.14 -24.43
N ARG C 622 -32.66 16.40 -24.88
CA ARG C 622 -33.04 17.51 -23.99
C ARG C 622 -34.51 17.88 -24.11
N SER C 623 -35.25 17.33 -25.06
CA SER C 623 -36.70 17.47 -25.07
C SER C 623 -37.29 16.60 -23.97
N VAL C 624 -37.79 17.22 -22.91
CA VAL C 624 -38.22 16.47 -21.73
C VAL C 624 -39.21 15.37 -22.11
N ALA C 625 -40.20 15.71 -22.94
CA ALA C 625 -41.21 14.71 -23.26
C ALA C 625 -40.59 13.49 -23.93
N GLU C 626 -39.67 13.72 -24.87
CA GLU C 626 -39.08 12.59 -25.59
C GLU C 626 -38.13 11.80 -24.70
N ARG C 627 -37.43 12.49 -23.79
CA ARG C 627 -36.51 11.80 -22.89
C ARG C 627 -37.25 10.87 -21.95
N ASN C 628 -38.30 11.37 -21.30
CA ASN C 628 -39.08 10.55 -20.37
C ASN C 628 -39.67 9.34 -21.08
N ARG C 629 -40.05 9.48 -22.35
CA ARG C 629 -40.61 8.34 -23.07
C ARG C 629 -39.52 7.32 -23.37
N LEU C 630 -38.31 7.78 -23.68
CA LEU C 630 -37.18 6.86 -23.79
C LEU C 630 -36.91 6.16 -22.46
N LEU C 631 -36.98 6.91 -21.36
CA LEU C 631 -36.74 6.33 -20.04
C LEU C 631 -37.74 5.21 -19.75
N SER C 632 -39.03 5.49 -19.93
CA SER C 632 -40.05 4.46 -19.67
C SER C 632 -39.91 3.29 -20.63
N ASP C 633 -39.51 3.53 -21.88
CA ASP C 633 -39.25 2.41 -22.78
C ASP C 633 -38.09 1.56 -22.28
N LEU C 634 -36.98 2.21 -21.91
CA LEU C 634 -35.83 1.48 -21.42
C LEU C 634 -36.19 0.62 -20.22
N MET C 635 -36.98 1.15 -19.30
CA MET C 635 -37.30 0.46 -18.06
C MET C 635 -38.49 -0.50 -18.19
N GLN C 636 -38.93 -0.79 -19.42
CA GLN C 636 -40.12 -1.61 -19.61
C GLN C 636 -40.00 -2.95 -18.89
N LEU C 637 -38.91 -3.67 -19.13
CA LEU C 637 -38.77 -5.00 -18.53
C LEU C 637 -38.71 -4.95 -17.02
N PRO C 638 -37.82 -4.18 -16.38
CA PRO C 638 -37.82 -4.14 -14.92
C PRO C 638 -39.11 -3.59 -14.31
N ASN C 639 -39.79 -2.66 -14.98
CA ASN C 639 -41.04 -2.13 -14.43
C ASN C 639 -42.17 -3.16 -14.52
N MET C 640 -42.19 -3.94 -15.59
CA MET C 640 -43.17 -5.03 -15.66
C MET C 640 -42.89 -6.08 -14.59
N ALA C 641 -41.63 -6.50 -14.47
CA ALA C 641 -41.26 -7.42 -13.39
C ALA C 641 -41.57 -6.82 -12.03
N TRP C 642 -41.36 -5.50 -11.89
CA TRP C 642 -41.69 -4.83 -10.63
C TRP C 642 -43.20 -4.86 -10.39
N ASP C 643 -44.00 -4.47 -11.38
CA ASP C 643 -45.44 -4.45 -11.17
C ASP C 643 -45.95 -5.84 -10.81
N THR C 644 -45.43 -6.87 -11.48
CA THR C 644 -45.80 -8.25 -11.15
C THR C 644 -45.40 -8.58 -9.71
N ILE C 645 -44.16 -8.28 -9.34
CA ILE C 645 -43.61 -8.73 -8.06
C ILE C 645 -44.25 -8.01 -6.89
N VAL C 646 -44.80 -6.81 -7.10
CA VAL C 646 -45.40 -6.07 -6.00
C VAL C 646 -46.88 -6.40 -5.85
N GLU C 647 -47.59 -6.66 -6.95
CA GLU C 647 -48.97 -7.14 -6.82
C GLU C 647 -48.99 -8.50 -6.15
N GLN C 648 -47.99 -9.34 -6.41
CA GLN C 648 -47.89 -10.66 -5.82
C GLN C 648 -47.23 -10.64 -4.45
N SER C 649 -46.73 -9.49 -4.00
CA SER C 649 -46.19 -9.34 -2.66
C SER C 649 -47.16 -8.66 -1.71
N THR C 650 -47.96 -7.71 -2.20
CA THR C 650 -49.00 -7.11 -1.37
C THR C 650 -50.01 -8.16 -0.95
N ALA C 651 -50.57 -8.90 -1.91
CA ALA C 651 -51.42 -10.03 -1.59
C ALA C 651 -50.57 -11.19 -1.07
N ASN C 652 -50.92 -11.68 0.13
CA ASN C 652 -50.13 -12.65 0.86
C ASN C 652 -48.67 -12.23 0.86
N PRO C 653 -48.24 -11.40 1.85
CA PRO C 653 -46.85 -10.93 1.93
C PRO C 653 -45.88 -11.98 2.47
N THR C 654 -45.90 -13.16 1.86
CA THR C 654 -44.96 -14.22 2.21
C THR C 654 -44.15 -14.72 1.01
N LEU C 655 -44.53 -14.36 -0.21
CA LEU C 655 -43.79 -14.85 -1.38
C LEU C 655 -42.35 -14.38 -1.37
N LEU C 656 -42.01 -13.37 -0.56
CA LEU C 656 -40.63 -12.93 -0.39
C LEU C 656 -39.80 -13.97 0.34
N LEU C 657 -40.40 -15.03 0.88
CA LEU C 657 -39.62 -16.16 1.36
C LEU C 657 -38.77 -16.74 0.24
N ASP C 658 -39.24 -16.61 -1.01
CA ASP C 658 -38.58 -17.27 -2.13
C ASP C 658 -37.26 -16.60 -2.43
N SER C 659 -36.17 -17.36 -2.32
CA SER C 659 -34.86 -16.83 -2.66
C SER C 659 -34.83 -16.34 -4.11
N GLU C 660 -35.52 -17.03 -5.02
CA GLU C 660 -35.55 -16.59 -6.41
C GLU C 660 -36.27 -15.26 -6.54
N THR C 661 -37.30 -15.03 -5.74
CA THR C 661 -37.98 -13.74 -5.76
C THR C 661 -37.08 -12.64 -5.21
N VAL C 662 -36.33 -12.93 -4.16
CA VAL C 662 -35.43 -11.94 -3.58
C VAL C 662 -34.35 -11.53 -4.58
N LYS C 663 -33.82 -12.52 -5.31
CA LYS C 663 -32.83 -12.21 -6.34
C LYS C 663 -33.43 -11.34 -7.44
N ILE C 664 -34.66 -11.64 -7.85
CA ILE C 664 -35.31 -10.85 -8.90
C ILE C 664 -35.47 -9.40 -8.45
N ILE C 665 -35.92 -9.19 -7.21
CA ILE C 665 -36.15 -7.84 -6.71
C ILE C 665 -34.83 -7.07 -6.66
N ALA C 666 -33.77 -7.69 -6.14
CA ALA C 666 -32.50 -7.00 -6.03
C ALA C 666 -32.00 -6.56 -7.41
N ASN C 667 -32.18 -7.41 -8.41
CA ASN C 667 -31.70 -7.04 -9.75
C ASN C 667 -32.54 -5.94 -10.36
N ILE C 668 -33.84 -5.89 -10.05
CA ILE C 668 -34.66 -4.77 -10.52
C ILE C 668 -34.13 -3.46 -9.93
N ILE C 669 -33.90 -3.44 -8.61
CA ILE C 669 -33.41 -2.22 -7.97
CA ILE C 669 -33.42 -2.21 -7.99
C ILE C 669 -32.02 -1.87 -8.49
N LYS C 670 -31.16 -2.88 -8.65
CA LYS C 670 -29.82 -2.63 -9.18
C LYS C 670 -29.89 -2.03 -10.58
N THR C 671 -30.89 -2.43 -11.38
CA THR C 671 -31.05 -1.85 -12.70
C THR C 671 -31.43 -0.37 -12.60
N ASN C 672 -32.36 -0.05 -11.70
CA ASN C 672 -32.70 1.36 -11.47
C ASN C 672 -31.50 2.15 -10.99
N VAL C 673 -30.67 1.55 -10.11
CA VAL C 673 -29.47 2.23 -9.64
C VAL C 673 -28.54 2.53 -10.81
N ALA C 674 -28.36 1.55 -11.71
CA ALA C 674 -27.48 1.73 -12.85
C ALA C 674 -27.95 2.90 -13.74
N VAL C 675 -29.24 2.91 -14.07
CA VAL C 675 -29.74 3.96 -14.96
C VAL C 675 -29.73 5.31 -14.26
N CYS C 676 -30.04 5.33 -12.96
CA CYS C 676 -30.00 6.58 -12.21
C CYS C 676 -28.58 7.14 -12.15
N THR C 677 -27.58 6.27 -12.11
CA THR C 677 -26.20 6.73 -12.01
C THR C 677 -25.80 7.57 -13.24
N SER C 678 -26.27 7.17 -14.42
CA SER C 678 -25.90 7.90 -15.63
C SER C 678 -26.86 9.03 -15.97
N MET C 679 -28.12 8.94 -15.53
CA MET C 679 -29.10 9.95 -15.87
C MET C 679 -29.29 11.03 -14.80
N GLY C 680 -28.94 10.74 -13.55
CA GLY C 680 -28.94 11.78 -12.53
C GLY C 680 -30.32 12.39 -12.37
N ALA C 681 -30.37 13.72 -12.47
CA ALA C 681 -31.61 14.44 -12.22
C ALA C 681 -32.71 14.00 -13.18
N ASP C 682 -32.33 13.52 -14.36
CA ASP C 682 -33.31 13.09 -15.36
C ASP C 682 -34.01 11.80 -14.98
N PHE C 683 -33.57 11.12 -13.93
CA PHE C 683 -34.15 9.84 -13.54
C PHE C 683 -35.47 10.00 -12.81
N TYR C 684 -35.77 11.21 -12.33
CA TYR C 684 -36.88 11.41 -11.40
C TYR C 684 -38.19 10.78 -11.84
N PRO C 685 -38.61 10.84 -13.12
CA PRO C 685 -39.90 10.20 -13.47
C PRO C 685 -39.94 8.72 -13.17
N GLN C 686 -38.85 8.00 -13.45
CA GLN C 686 -38.79 6.57 -13.14
C GLN C 686 -38.80 6.33 -11.63
N LEU C 687 -38.06 7.13 -10.88
CA LEU C 687 -38.07 7.00 -9.42
C LEU C 687 -39.47 7.19 -8.88
N GLY C 688 -40.21 8.16 -9.42
CA GLY C 688 -41.56 8.40 -8.95
C GLY C 688 -42.49 7.24 -9.24
N HIS C 689 -42.19 6.47 -10.29
CA HIS C 689 -43.03 5.34 -10.63
C HIS C 689 -42.98 4.24 -9.58
N ILE C 690 -41.85 4.04 -8.92
CA ILE C 690 -41.69 2.93 -8.00
C ILE C 690 -41.57 3.37 -6.55
N TYR C 691 -41.43 4.68 -6.29
CA TYR C 691 -40.96 5.15 -5.00
C TYR C 691 -41.84 4.64 -3.86
N TYR C 692 -43.16 4.84 -3.95
CA TYR C 692 -44.04 4.49 -2.84
C TYR C 692 -44.01 2.99 -2.57
N ASN C 693 -44.19 2.17 -3.61
CA ASN C 693 -44.16 0.73 -3.41
C ASN C 693 -42.77 0.26 -3.01
N MET C 694 -41.72 0.99 -3.41
CA MET C 694 -40.36 0.59 -3.04
C MET C 694 -40.14 0.79 -1.55
N LEU C 695 -40.66 1.87 -0.97
CA LEU C 695 -40.52 2.07 0.46
C LEU C 695 -41.41 1.12 1.25
N GLN C 696 -42.58 0.78 0.71
CA GLN C 696 -43.38 -0.27 1.33
C GLN C 696 -42.64 -1.61 1.31
N LEU C 697 -42.02 -1.93 0.17
CA LEU C 697 -41.20 -3.14 0.10
C LEU C 697 -40.06 -3.08 1.10
N TYR C 698 -39.43 -1.92 1.25
CA TYR C 698 -38.40 -1.74 2.28
C TYR C 698 -38.93 -2.15 3.65
N ARG C 699 -40.12 -1.68 4.00
CA ARG C 699 -40.70 -2.02 5.31
C ARG C 699 -40.99 -3.52 5.41
N ALA C 700 -41.49 -4.12 4.33
CA ALA C 700 -41.84 -5.53 4.35
C ALA C 700 -40.61 -6.40 4.54
N VAL C 701 -39.54 -6.12 3.77
N VAL C 701 -39.56 -6.13 3.75
CA VAL C 701 -38.32 -6.92 3.92
CA VAL C 701 -38.30 -6.85 3.89
C VAL C 701 -37.68 -6.69 5.29
C VAL C 701 -37.77 -6.70 5.31
N SER C 702 -37.83 -5.49 5.85
CA SER C 702 -37.34 -5.25 7.21
C SER C 702 -38.02 -6.15 8.23
N SER C 703 -39.35 -6.26 8.14
CA SER C 703 -40.07 -7.15 9.06
C SER C 703 -39.58 -8.59 8.91
N MET C 704 -39.29 -9.02 7.69
CA MET C 704 -38.82 -10.38 7.47
C MET C 704 -37.48 -10.60 8.16
N ILE C 705 -36.53 -9.67 7.99
CA ILE C 705 -35.23 -9.80 8.62
C ILE C 705 -35.38 -9.90 10.14
N SER C 706 -36.13 -8.97 10.73
CA SER C 706 -36.35 -9.02 12.17
C SER C 706 -37.00 -10.33 12.60
N ALA C 707 -37.99 -10.80 11.84
CA ALA C 707 -38.64 -12.06 12.19
C ALA C 707 -37.64 -13.21 12.16
N GLN C 708 -36.73 -13.21 11.19
CA GLN C 708 -35.77 -14.31 11.07
C GLN C 708 -34.73 -14.26 12.18
N VAL C 709 -34.26 -13.06 12.53
CA VAL C 709 -33.33 -12.92 13.65
C VAL C 709 -33.98 -13.43 14.93
N ALA C 710 -35.28 -13.14 15.11
CA ALA C 710 -35.96 -13.54 16.33
C ALA C 710 -36.13 -15.05 16.40
N ALA C 711 -36.37 -15.68 15.26
CA ALA C 711 -36.66 -17.11 15.22
C ALA C 711 -35.41 -17.97 15.14
N GLU C 712 -34.31 -17.46 14.58
CA GLU C 712 -33.09 -18.24 14.39
C GLU C 712 -31.89 -17.72 15.16
N GLY C 713 -31.92 -16.49 15.66
CA GLY C 713 -30.79 -15.89 16.35
C GLY C 713 -29.99 -14.97 15.44
N LEU C 714 -28.97 -14.34 16.05
CA LEU C 714 -28.13 -13.42 15.30
C LEU C 714 -27.49 -14.11 14.09
N ILE C 715 -27.24 -15.42 14.19
CA ILE C 715 -26.61 -16.16 13.10
C ILE C 715 -27.42 -16.02 11.81
N ALA C 716 -28.72 -15.72 11.93
CA ALA C 716 -29.54 -15.55 10.73
C ALA C 716 -28.98 -14.51 9.79
N THR C 717 -28.32 -13.46 10.32
CA THR C 717 -27.80 -12.41 9.45
C THR C 717 -26.73 -12.93 8.50
N LYS C 718 -26.14 -14.09 8.79
CA LYS C 718 -25.16 -14.70 7.92
C LYS C 718 -25.77 -15.58 6.84
N THR C 719 -27.05 -15.91 6.95
CA THR C 719 -27.67 -16.85 6.03
C THR C 719 -27.85 -16.22 4.65
N PRO C 720 -27.78 -17.02 3.58
CA PRO C 720 -28.06 -16.46 2.25
C PRO C 720 -29.41 -15.77 2.16
N LYS C 721 -30.40 -16.25 2.89
CA LYS C 721 -31.73 -15.65 2.82
C LYS C 721 -31.72 -14.23 3.35
N VAL C 722 -31.19 -14.03 4.56
CA VAL C 722 -31.22 -12.71 5.17
C VAL C 722 -30.25 -11.77 4.47
N ARG C 723 -29.11 -12.28 3.99
CA ARG C 723 -28.21 -11.42 3.23
C ARG C 723 -28.88 -10.92 1.96
N GLY C 724 -29.70 -11.76 1.33
CA GLY C 724 -30.42 -11.33 0.14
C GLY C 724 -31.50 -10.31 0.46
N LEU C 725 -32.15 -10.43 1.62
CA LEU C 725 -33.14 -9.44 2.02
C LEU C 725 -32.49 -8.11 2.34
N ARG C 726 -31.30 -8.14 2.95
CA ARG C 726 -30.60 -6.88 3.25
C ARG C 726 -30.04 -6.24 1.99
N THR C 727 -29.63 -7.03 1.00
CA THR C 727 -29.25 -6.46 -0.28
C THR C 727 -30.36 -5.60 -0.84
N ILE C 728 -31.61 -6.07 -0.75
CA ILE C 728 -32.74 -5.27 -1.21
C ILE C 728 -32.75 -3.92 -0.50
N LYS C 729 -32.62 -3.92 0.84
CA LYS C 729 -32.64 -2.67 1.58
C LYS C 729 -31.46 -1.77 1.19
N LYS C 730 -30.27 -2.35 1.08
CA LYS C 730 -29.08 -1.57 0.73
C LYS C 730 -29.21 -0.95 -0.65
N GLU C 731 -29.72 -1.72 -1.62
CA GLU C 731 -29.87 -1.18 -2.97
C GLU C 731 -30.92 -0.07 -3.01
N ILE C 732 -32.05 -0.26 -2.30
CA ILE C 732 -33.03 0.82 -2.17
C ILE C 732 -32.37 2.07 -1.62
N LEU C 733 -31.60 1.93 -0.54
CA LEU C 733 -30.89 3.09 0.00
C LEU C 733 -29.94 3.67 -1.03
N LYS C 734 -29.24 2.81 -1.79
CA LYS C 734 -28.30 3.32 -2.77
C LYS C 734 -29.02 4.10 -3.87
N LEU C 735 -30.18 3.59 -4.32
CA LEU C 735 -30.94 4.29 -5.36
C LEU C 735 -31.35 5.68 -4.89
N VAL C 736 -31.89 5.79 -3.67
CA VAL C 736 -32.35 7.08 -3.15
C VAL C 736 -31.16 8.02 -2.97
N GLU C 737 -30.05 7.50 -2.44
CA GLU C 737 -28.84 8.29 -2.27
C GLU C 737 -28.31 8.76 -3.62
N THR C 738 -28.28 7.87 -4.60
CA THR C 738 -27.76 8.23 -5.93
C THR C 738 -28.58 9.35 -6.54
N TYR C 739 -29.92 9.23 -6.51
CA TYR C 739 -30.74 10.28 -7.09
C TYR C 739 -30.57 11.60 -6.34
N ILE C 740 -30.67 11.57 -5.01
CA ILE C 740 -30.67 12.82 -4.25
C ILE C 740 -29.35 13.55 -4.44
N SER C 741 -28.25 12.83 -4.63
CA SER C 741 -26.95 13.47 -4.77
C SER C 741 -26.79 14.18 -6.11
N LYS C 742 -27.63 13.87 -7.10
CA LYS C 742 -27.58 14.53 -8.41
C LYS C 742 -28.83 15.37 -8.68
N ALA C 743 -29.77 15.41 -7.75
CA ALA C 743 -31.03 16.09 -7.99
C ALA C 743 -30.82 17.57 -8.21
N ARG C 744 -31.58 18.14 -9.15
CA ARG C 744 -31.59 19.58 -9.37
C ARG C 744 -32.85 20.24 -8.84
N ASN C 745 -33.92 19.47 -8.66
CA ASN C 745 -35.16 20.00 -8.07
C ASN C 745 -35.20 19.54 -6.62
N LEU C 746 -34.71 20.40 -5.72
CA LEU C 746 -34.66 20.08 -4.30
C LEU C 746 -36.00 20.26 -3.61
N ASP C 747 -36.90 21.07 -4.16
CA ASP C 747 -38.24 21.17 -3.61
C ASP C 747 -38.95 19.82 -3.65
N ASP C 748 -38.88 19.14 -4.80
CA ASP C 748 -39.48 17.82 -4.89
C ASP C 748 -38.80 16.84 -3.94
N VAL C 749 -37.49 16.95 -3.78
CA VAL C 749 -36.78 16.10 -2.83
C VAL C 749 -37.41 16.25 -1.44
N VAL C 750 -37.56 17.48 -0.98
CA VAL C 750 -38.04 17.72 0.38
C VAL C 750 -39.52 17.35 0.48
N LYS C 751 -40.32 17.76 -0.49
CA LYS C 751 -41.77 17.64 -0.36
C LYS C 751 -42.30 16.26 -0.73
N VAL C 752 -41.55 15.48 -1.50
CA VAL C 752 -42.03 14.20 -2.00
C VAL C 752 -41.23 13.03 -1.41
N LEU C 753 -39.90 13.13 -1.40
CA LEU C 753 -39.04 12.00 -1.08
C LEU C 753 -38.69 11.90 0.40
N VAL C 754 -38.30 13.01 1.02
CA VAL C 754 -37.63 12.93 2.32
C VAL C 754 -38.54 12.33 3.38
N GLU C 755 -39.76 12.83 3.49
CA GLU C 755 -40.62 12.37 4.59
C GLU C 755 -40.94 10.89 4.50
N PRO C 756 -41.43 10.36 3.38
CA PRO C 756 -41.60 8.90 3.31
C PRO C 756 -40.30 8.15 3.58
N LEU C 757 -39.17 8.67 3.10
CA LEU C 757 -37.89 8.01 3.34
C LEU C 757 -37.60 7.88 4.84
N LEU C 758 -37.67 9.00 5.56
CA LEU C 758 -37.35 8.97 6.98
C LEU C 758 -38.32 8.08 7.75
N ASN C 759 -39.61 8.15 7.40
CA ASN C 759 -40.58 7.28 8.07
C ASN C 759 -40.25 5.80 7.83
N ALA C 760 -39.60 5.49 6.72
CA ALA C 760 -39.35 4.10 6.37
C ALA C 760 -38.04 3.56 6.94
N VAL C 761 -37.04 4.40 7.16
CA VAL C 761 -35.70 3.91 7.47
C VAL C 761 -35.28 4.15 8.92
N LEU C 762 -35.70 5.26 9.53
CA LEU C 762 -35.07 5.69 10.79
C LEU C 762 -35.46 4.80 11.96
N GLU C 763 -36.76 4.69 12.24
N GLU C 763 -36.76 4.67 12.23
CA GLU C 763 -37.16 3.83 13.36
CA GLU C 763 -37.19 3.85 13.35
C GLU C 763 -36.71 2.40 13.13
C GLU C 763 -36.81 2.39 13.15
N ASP C 764 -36.79 1.91 11.90
CA ASP C 764 -36.31 0.57 11.61
C ASP C 764 -34.84 0.41 11.99
N TYR C 765 -34.03 1.42 11.67
CA TYR C 765 -32.63 1.39 12.08
C TYR C 765 -32.52 1.41 13.60
N MET C 766 -33.26 2.32 14.24
CA MET C 766 -33.15 2.51 15.68
C MET C 766 -33.57 1.27 16.44
N ASN C 767 -34.62 0.58 15.99
CA ASN C 767 -35.25 -0.49 16.76
C ASN C 767 -34.82 -1.88 16.35
N ASN C 768 -33.86 -2.01 15.43
CA ASN C 768 -33.23 -3.28 15.17
C ASN C 768 -32.08 -3.51 16.14
N VAL C 769 -31.75 -4.79 16.34
CA VAL C 769 -30.56 -5.13 17.12
C VAL C 769 -29.33 -4.63 16.37
N PRO C 770 -28.20 -4.37 17.06
CA PRO C 770 -27.03 -3.82 16.36
C PRO C 770 -26.59 -4.60 15.11
N ASP C 771 -26.49 -5.92 15.20
CA ASP C 771 -26.01 -6.71 14.07
C ASP C 771 -26.95 -6.70 12.87
N ALA C 772 -28.13 -6.08 12.98
CA ALA C 772 -29.05 -6.01 11.86
C ALA C 772 -29.20 -4.59 11.32
N ARG C 773 -28.49 -3.62 11.89
CA ARG C 773 -28.54 -2.25 11.39
C ARG C 773 -27.64 -2.09 10.17
N ASP C 774 -28.17 -1.45 9.13
CA ASP C 774 -27.42 -1.24 7.89
C ASP C 774 -26.69 0.10 7.95
N ALA C 775 -25.36 0.05 7.90
CA ALA C 775 -24.59 1.29 7.89
C ALA C 775 -24.90 2.15 6.67
N GLU C 776 -25.48 1.56 5.61
CA GLU C 776 -25.91 2.34 4.46
C GLU C 776 -27.03 3.33 4.82
N VAL C 777 -27.78 3.08 5.89
CA VAL C 777 -28.74 4.07 6.36
C VAL C 777 -28.02 5.36 6.69
N LEU C 778 -26.89 5.26 7.40
CA LEU C 778 -26.12 6.45 7.72
C LEU C 778 -25.62 7.14 6.45
N ASN C 779 -25.12 6.36 5.50
CA ASN C 779 -24.61 6.94 4.26
C ASN C 779 -25.69 7.66 3.49
N CYS C 780 -26.88 7.06 3.42
CA CYS C 780 -27.99 7.74 2.77
C CYS C 780 -28.33 9.04 3.48
N MET C 781 -28.40 9.01 4.81
CA MET C 781 -28.77 10.22 5.56
C MET C 781 -27.73 11.32 5.39
N THR C 782 -26.45 10.95 5.24
CA THR C 782 -25.44 11.96 5.01
C THR C 782 -25.71 12.74 3.73
N THR C 783 -26.11 12.03 2.66
CA THR C 783 -26.42 12.70 1.41
C THR C 783 -27.68 13.55 1.54
N VAL C 784 -28.71 13.06 2.23
CA VAL C 784 -29.91 13.86 2.47
C VAL C 784 -29.53 15.17 3.16
N VAL C 785 -28.77 15.09 4.26
CA VAL C 785 -28.41 16.30 4.99
C VAL C 785 -27.55 17.21 4.12
N GLU C 786 -26.64 16.63 3.34
CA GLU C 786 -25.74 17.44 2.53
C GLU C 786 -26.50 18.29 1.52
N LYS C 787 -27.54 17.72 0.90
N LYS C 787 -27.52 17.71 0.87
CA LYS C 787 -28.18 18.36 -0.25
CA LYS C 787 -28.19 18.36 -0.25
C LYS C 787 -29.41 19.19 0.13
C LYS C 787 -29.35 19.25 0.19
N VAL C 788 -30.16 18.80 1.15
CA VAL C 788 -31.34 19.56 1.53
C VAL C 788 -31.41 19.75 3.04
N GLY C 789 -30.33 19.43 3.74
CA GLY C 789 -30.34 19.56 5.18
C GLY C 789 -30.80 20.92 5.65
N HIS C 790 -30.39 21.97 4.94
CA HIS C 790 -30.77 23.33 5.30
C HIS C 790 -32.28 23.57 5.17
N MET C 791 -32.98 22.74 4.41
CA MET C 791 -34.42 22.91 4.24
C MET C 791 -35.25 22.02 5.16
N ILE C 792 -34.64 21.11 5.90
CA ILE C 792 -35.38 20.18 6.75
C ILE C 792 -34.83 20.19 8.18
N PRO C 793 -34.88 21.33 8.87
CA PRO C 793 -34.34 21.35 10.25
C PRO C 793 -34.97 20.32 11.16
N GLN C 794 -36.27 20.06 11.04
CA GLN C 794 -36.90 19.08 11.91
C GLN C 794 -36.59 17.66 11.48
N GLY C 795 -36.31 17.45 10.20
CA GLY C 795 -35.90 16.13 9.74
C GLY C 795 -34.49 15.76 10.16
N VAL C 796 -33.60 16.76 10.26
CA VAL C 796 -32.24 16.50 10.74
C VAL C 796 -32.28 16.11 12.20
N ILE C 797 -33.04 16.85 13.01
CA ILE C 797 -33.25 16.47 14.41
C ILE C 797 -33.73 15.03 14.48
N LEU C 798 -34.69 14.68 13.63
CA LEU C 798 -35.22 13.32 13.66
C LEU C 798 -34.15 12.30 13.31
N ILE C 799 -33.27 12.62 12.37
CA ILE C 799 -32.18 11.72 12.03
C ILE C 799 -31.28 11.51 13.25
N LEU C 800 -30.87 12.60 13.90
CA LEU C 800 -30.02 12.48 15.09
C LEU C 800 -30.67 11.59 16.14
N GLN C 801 -31.92 11.90 16.51
CA GLN C 801 -32.60 11.14 17.56
C GLN C 801 -32.59 9.66 17.25
N SER C 802 -32.73 9.31 15.98
CA SER C 802 -32.91 7.91 15.63
C SER C 802 -31.60 7.13 15.56
N VAL C 803 -30.49 7.79 15.19
CA VAL C 803 -29.26 7.07 14.90
C VAL C 803 -28.09 7.47 15.81
N PHE C 804 -28.13 8.63 16.47
CA PHE C 804 -26.95 9.10 17.18
C PHE C 804 -26.58 8.20 18.35
N GLU C 805 -27.43 8.13 19.39
CA GLU C 805 -27.02 7.41 20.59
C GLU C 805 -26.87 5.93 20.32
N CYS C 806 -27.77 5.31 19.56
CA CYS C 806 -27.67 3.86 19.39
C CYS C 806 -26.46 3.49 18.53
N THR C 807 -26.07 4.32 17.58
CA THR C 807 -24.84 4.03 16.84
C THR C 807 -23.61 4.27 17.69
N LEU C 808 -23.61 5.35 18.46
CA LEU C 808 -22.48 5.61 19.34
C LEU C 808 -22.24 4.40 20.25
N ASP C 809 -23.30 3.85 20.83
CA ASP C 809 -23.14 2.71 21.72
C ASP C 809 -22.56 1.49 20.98
N MET C 810 -22.71 1.42 19.65
CA MET C 810 -22.13 0.33 18.90
C MET C 810 -20.62 0.44 18.79
N ILE C 811 -20.07 1.67 18.78
CA ILE C 811 -18.70 1.89 18.34
C ILE C 811 -17.82 2.45 19.45
N ASN C 812 -18.35 2.57 20.68
CA ASN C 812 -17.62 3.22 21.76
C ASN C 812 -17.13 2.24 22.82
N LYS C 813 -17.03 0.95 22.47
CA LYS C 813 -16.42 -0.05 23.33
C LYS C 813 -15.05 -0.49 22.88
N ASP C 814 -14.77 -0.43 21.58
CA ASP C 814 -13.43 -0.66 21.05
C ASP C 814 -13.29 0.16 19.77
N PHE C 815 -12.17 0.00 19.09
CA PHE C 815 -11.92 0.72 17.85
C PHE C 815 -12.15 -0.12 16.61
N THR C 816 -12.59 -1.36 16.76
CA THR C 816 -12.62 -2.31 15.65
C THR C 816 -14.01 -2.78 15.26
N GLU C 817 -14.95 -2.91 16.19
CA GLU C 817 -16.25 -3.47 15.82
C GLU C 817 -17.05 -2.48 14.98
N TYR C 818 -17.85 -3.03 14.07
CA TYR C 818 -18.73 -2.25 13.21
C TYR C 818 -17.93 -1.17 12.47
N PRO C 819 -16.91 -1.55 11.70
CA PRO C 819 -16.05 -0.54 11.06
C PRO C 819 -16.78 0.35 10.08
N GLU C 820 -17.78 -0.17 9.38
CA GLU C 820 -18.49 0.65 8.41
C GLU C 820 -19.42 1.65 9.08
N HIS C 821 -20.10 1.24 10.16
CA HIS C 821 -20.92 2.16 10.94
C HIS C 821 -20.06 3.27 11.51
N ARG C 822 -18.90 2.91 12.04
CA ARG C 822 -17.90 3.87 12.52
C ARG C 822 -17.67 4.98 11.51
N VAL C 823 -17.29 4.61 10.28
CA VAL C 823 -16.92 5.59 9.28
C VAL C 823 -18.12 6.44 8.88
N GLU C 824 -19.24 5.80 8.57
CA GLU C 824 -20.42 6.55 8.15
C GLU C 824 -20.96 7.42 9.29
N PHE C 825 -20.81 6.95 10.53
CA PHE C 825 -21.29 7.72 11.68
C PHE C 825 -20.66 9.11 11.70
N TYR C 826 -19.34 9.18 11.60
CA TYR C 826 -18.66 10.47 11.72
C TYR C 826 -18.77 11.30 10.46
N LYS C 827 -18.98 10.67 9.30
CA LYS C 827 -19.34 11.44 8.11
C LYS C 827 -20.69 12.09 8.29
N LEU C 828 -21.63 11.42 8.97
CA LEU C 828 -22.94 12.00 9.19
C LEU C 828 -22.86 13.16 10.18
N LEU C 829 -22.21 12.96 11.33
CA LEU C 829 -22.06 14.04 12.29
C LEU C 829 -21.34 15.23 11.66
N LYS C 830 -20.36 14.97 10.79
CA LYS C 830 -19.63 16.06 10.17
C LYS C 830 -20.54 16.95 9.35
N VAL C 831 -21.35 16.35 8.47
CA VAL C 831 -22.18 17.16 7.59
C VAL C 831 -23.26 17.85 8.40
N ILE C 832 -23.81 17.18 9.42
CA ILE C 832 -24.80 17.82 10.28
C ILE C 832 -24.19 19.00 11.01
N ASN C 833 -22.96 18.84 11.51
CA ASN C 833 -22.31 19.94 12.23
C ASN C 833 -22.05 21.14 11.33
N GLU C 834 -21.77 20.91 10.04
CA GLU C 834 -21.41 22.03 9.16
C GLU C 834 -22.61 22.62 8.43
N LYS C 835 -23.73 21.90 8.33
CA LYS C 835 -24.88 22.36 7.56
C LYS C 835 -26.16 22.54 8.38
N SER C 836 -26.29 21.89 9.53
CA SER C 836 -27.49 22.02 10.35
CA SER C 836 -27.49 22.02 10.35
C SER C 836 -27.10 22.05 11.82
N PHE C 837 -26.10 22.87 12.15
CA PHE C 837 -25.59 22.92 13.52
C PHE C 837 -26.72 23.10 14.52
N ALA C 838 -27.79 23.80 14.13
CA ALA C 838 -28.89 24.03 15.06
C ALA C 838 -29.39 22.73 15.66
N ALA C 839 -29.29 21.62 14.93
CA ALA C 839 -29.76 20.35 15.46
C ALA C 839 -29.00 19.95 16.72
N PHE C 840 -27.73 20.33 16.83
CA PHE C 840 -26.98 20.03 18.04
C PHE C 840 -27.32 20.99 19.19
N LEU C 841 -27.78 22.20 18.85
CA LEU C 841 -28.18 23.15 19.89
C LEU C 841 -29.43 22.68 20.62
N GLU C 842 -30.37 22.06 19.91
CA GLU C 842 -31.59 21.57 20.54
C GLU C 842 -31.35 20.27 21.32
N LEU C 843 -30.18 19.66 21.21
CA LEU C 843 -29.94 18.43 21.92
C LEU C 843 -30.04 18.65 23.43
N PRO C 844 -30.54 17.67 24.19
CA PRO C 844 -30.49 17.78 25.63
C PRO C 844 -29.05 17.85 26.12
N PRO C 845 -28.80 18.55 27.22
CA PRO C 845 -27.41 18.66 27.71
C PRO C 845 -26.70 17.33 27.85
N ALA C 846 -27.42 16.25 28.20
CA ALA C 846 -26.77 14.96 28.32
C ALA C 846 -26.35 14.41 26.97
N ALA C 847 -27.15 14.66 25.93
CA ALA C 847 -26.81 14.17 24.60
C ALA C 847 -25.72 15.02 23.95
N PHE C 848 -25.70 16.32 24.22
CA PHE C 848 -24.60 17.13 23.71
C PHE C 848 -23.27 16.70 24.33
N LYS C 849 -23.31 16.15 25.55
CA LYS C 849 -22.07 15.66 26.16
C LYS C 849 -21.60 14.38 25.47
N LEU C 850 -22.54 13.51 25.10
CA LEU C 850 -22.16 12.35 24.30
C LEU C 850 -21.56 12.77 22.97
N PHE C 851 -22.07 13.87 22.39
CA PHE C 851 -21.53 14.38 21.14
C PHE C 851 -20.06 14.77 21.29
N VAL C 852 -19.74 15.51 22.36
CA VAL C 852 -18.34 15.86 22.64
C VAL C 852 -17.52 14.59 22.87
N ASP C 853 -18.04 13.68 23.70
CA ASP C 853 -17.36 12.39 23.86
C ASP C 853 -17.12 11.71 22.52
N ALA C 854 -18.12 11.73 21.64
CA ALA C 854 -18.00 11.06 20.35
C ALA C 854 -16.88 11.67 19.51
N ILE C 855 -16.74 13.00 19.54
CA ILE C 855 -15.71 13.67 18.76
C ILE C 855 -14.33 13.27 19.26
N CYS C 856 -14.10 13.40 20.59
CA CYS C 856 -12.82 13.03 21.17
C CYS C 856 -12.54 11.55 20.97
N TRP C 857 -13.58 10.71 20.99
CA TRP C 857 -13.38 9.30 20.69
C TRP C 857 -12.82 9.12 19.28
N ALA C 858 -13.32 9.89 18.32
CA ALA C 858 -12.76 9.83 16.98
C ALA C 858 -11.28 10.20 16.97
N PHE C 859 -10.88 11.21 17.75
CA PHE C 859 -9.47 11.61 17.84
C PHE C 859 -8.56 10.41 18.03
N LYS C 860 -8.96 9.51 18.94
CA LYS C 860 -8.09 8.43 19.39
C LYS C 860 -8.10 7.24 18.45
N HIS C 861 -8.87 7.28 17.37
CA HIS C 861 -8.80 6.22 16.37
C HIS C 861 -7.47 6.32 15.63
N ASN C 862 -7.00 5.16 15.14
CA ASN C 862 -5.91 5.14 14.19
C ASN C 862 -6.41 5.08 12.77
N ASN C 863 -7.58 4.50 12.56
CA ASN C 863 -8.27 4.57 11.28
C ASN C 863 -8.32 6.01 10.80
N ARG C 864 -7.65 6.29 9.68
CA ARG C 864 -7.54 7.67 9.19
C ARG C 864 -8.92 8.24 8.83
N ASP C 865 -9.81 7.41 8.30
CA ASP C 865 -11.14 7.89 7.94
C ASP C 865 -11.83 8.51 9.15
N VAL C 866 -11.83 7.79 10.29
CA VAL C 866 -12.49 8.29 11.50
C VAL C 866 -11.72 9.46 12.09
N GLU C 867 -10.38 9.35 12.15
CA GLU C 867 -9.58 10.34 12.85
C GLU C 867 -9.68 11.71 12.19
N VAL C 868 -9.57 11.75 10.86
CA VAL C 868 -9.59 13.03 10.16
C VAL C 868 -10.92 13.74 10.38
N ASN C 869 -12.03 13.03 10.20
CA ASN C 869 -13.35 13.63 10.43
C ASN C 869 -13.52 14.07 11.88
N GLY C 870 -13.01 13.27 12.83
CA GLY C 870 -13.09 13.68 14.21
C GLY C 870 -12.39 15.00 14.47
N LEU C 871 -11.18 15.16 13.94
CA LEU C 871 -10.47 16.43 14.13
C LEU C 871 -11.19 17.56 13.39
N GLN C 872 -11.77 17.28 12.24
CA GLN C 872 -12.49 18.32 11.49
C GLN C 872 -13.77 18.73 12.22
N ILE C 873 -14.49 17.76 12.78
CA ILE C 873 -15.70 18.11 13.53
C ILE C 873 -15.36 19.02 14.69
N ALA C 874 -14.28 18.70 15.41
CA ALA C 874 -13.87 19.52 16.55
C ALA C 874 -13.58 20.95 16.11
N LEU C 875 -12.89 21.09 14.98
CA LEU C 875 -12.55 22.43 14.48
C LEU C 875 -13.77 23.18 14.01
N ASP C 876 -14.67 22.50 13.27
CA ASP C 876 -15.90 23.15 12.83
C ASP C 876 -16.80 23.49 14.01
N LEU C 877 -16.84 22.62 15.02
CA LEU C 877 -17.64 22.90 16.20
C LEU C 877 -17.16 24.16 16.90
N VAL C 878 -15.85 24.26 17.14
CA VAL C 878 -15.27 25.46 17.75
C VAL C 878 -15.67 26.68 16.94
N LYS C 879 -15.56 26.60 15.62
CA LYS C 879 -15.99 27.72 14.78
C LYS C 879 -17.47 27.99 14.96
N ASN C 880 -18.30 26.94 14.90
CA ASN C 880 -19.74 27.12 15.10
C ASN C 880 -20.04 27.84 16.41
N ILE C 881 -19.35 27.47 17.50
CA ILE C 881 -19.59 28.12 18.78
C ILE C 881 -19.10 29.57 18.73
N GLU C 882 -17.92 29.80 18.15
CA GLU C 882 -17.41 31.16 18.09
C GLU C 882 -18.37 32.08 17.33
N ARG C 883 -19.01 31.55 16.28
CA ARG C 883 -19.94 32.35 15.49
C ARG C 883 -21.17 32.80 16.27
N MET C 884 -21.51 32.11 17.35
CA MET C 884 -22.69 32.48 18.14
C MET C 884 -22.46 33.76 18.94
N GLY C 885 -21.21 34.16 19.14
CA GLY C 885 -20.91 35.34 19.91
C GLY C 885 -21.08 35.10 21.40
N ASN C 886 -21.29 36.19 22.13
CA ASN C 886 -21.38 36.16 23.59
C ASN C 886 -22.82 35.89 23.99
N VAL C 887 -23.18 34.61 24.04
CA VAL C 887 -24.52 34.19 24.47
C VAL C 887 -24.36 33.02 25.43
N PRO C 888 -25.41 32.70 26.20
CA PRO C 888 -25.28 31.65 27.22
C PRO C 888 -24.76 30.32 26.71
N PHE C 889 -25.26 29.84 25.56
CA PHE C 889 -24.86 28.52 25.09
C PHE C 889 -23.37 28.47 24.78
N ALA C 890 -22.85 29.51 24.12
CA ALA C 890 -21.41 29.54 23.85
C ALA C 890 -20.61 29.64 25.14
N ASN C 891 -21.05 30.48 26.08
CA ASN C 891 -20.32 30.63 27.34
C ASN C 891 -20.33 29.33 28.13
N GLU C 892 -21.48 28.66 28.20
CA GLU C 892 -21.54 27.37 28.86
C GLU C 892 -20.73 26.31 28.12
N PHE C 893 -20.61 26.42 26.79
CA PHE C 893 -19.79 25.48 26.04
C PHE C 893 -18.33 25.60 26.45
N HIS C 894 -17.80 26.81 26.49
CA HIS C 894 -16.40 26.98 26.89
C HIS C 894 -16.16 26.51 28.31
N LYS C 895 -17.05 26.89 29.23
CA LYS C 895 -16.89 26.48 30.63
C LYS C 895 -16.84 24.95 30.75
N ASN C 896 -17.70 24.25 29.98
CA ASN C 896 -17.83 22.81 30.14
C ASN C 896 -16.80 22.03 29.34
N TYR C 897 -16.36 22.55 28.19
CA TYR C 897 -15.67 21.72 27.20
C TYR C 897 -14.36 22.29 26.67
N PHE C 898 -14.04 23.56 26.87
CA PHE C 898 -12.80 24.10 26.31
C PHE C 898 -11.59 23.27 26.74
N PHE C 899 -11.42 23.07 28.04
CA PHE C 899 -10.23 22.34 28.51
C PHE C 899 -10.30 20.87 28.19
N ILE C 900 -11.49 20.31 27.97
CA ILE C 900 -11.58 18.93 27.49
C ILE C 900 -10.97 18.82 26.10
N PHE C 901 -11.25 19.77 25.21
CA PHE C 901 -10.70 19.70 23.87
C PHE C 901 -9.20 19.99 23.87
N VAL C 902 -8.75 20.91 24.71
CA VAL C 902 -7.32 21.21 24.78
C VAL C 902 -6.56 19.98 25.28
N SER C 903 -7.04 19.36 26.36
CA SER C 903 -6.31 18.24 26.94
C SER C 903 -6.42 17.00 26.08
N GLU C 904 -7.58 16.75 25.47
CA GLU C 904 -7.70 15.60 24.58
C GLU C 904 -6.84 15.78 23.33
N THR C 905 -6.75 17.01 22.81
CA THR C 905 -5.89 17.26 21.67
C THR C 905 -4.42 17.07 22.04
N PHE C 906 -4.00 17.63 23.18
CA PHE C 906 -2.63 17.41 23.65
C PHE C 906 -2.33 15.93 23.84
N PHE C 907 -3.29 15.16 24.33
CA PHE C 907 -3.05 13.73 24.57
C PHE C 907 -2.70 13.01 23.28
N VAL C 908 -3.50 13.20 22.22
CA VAL C 908 -3.20 12.51 20.97
C VAL C 908 -1.96 13.11 20.30
N LEU C 909 -1.64 14.37 20.58
CA LEU C 909 -0.42 14.97 20.04
C LEU C 909 0.82 14.28 20.58
N THR C 910 0.81 13.89 21.86
CA THR C 910 2.02 13.49 22.57
C THR C 910 2.15 11.99 22.81
N ASP C 911 1.14 11.19 22.50
CA ASP C 911 1.18 9.78 22.90
C ASP C 911 1.88 8.88 21.90
N SER C 912 2.43 9.45 20.82
CA SER C 912 3.23 8.72 19.84
C SER C 912 2.43 7.69 19.06
N ASP C 913 1.12 7.62 19.25
CA ASP C 913 0.29 6.66 18.53
C ASP C 913 -0.61 7.31 17.49
N HIS C 914 -0.52 8.63 17.29
CA HIS C 914 -1.40 9.32 16.34
C HIS C 914 -0.59 10.32 15.53
N LYS C 915 0.57 9.89 15.04
CA LYS C 915 1.44 10.77 14.28
C LYS C 915 0.78 11.27 13.00
N SER C 916 -0.08 10.45 12.39
CA SER C 916 -0.63 10.79 11.07
C SER C 916 -1.52 12.03 11.11
N GLY C 917 -2.09 12.36 12.26
CA GLY C 917 -2.96 13.52 12.35
C GLY C 917 -2.30 14.74 12.95
N PHE C 918 -0.96 14.76 13.00
CA PHE C 918 -0.25 15.88 13.63
C PHE C 918 -0.73 17.23 13.10
N SER C 919 -0.80 17.37 11.78
CA SER C 919 -1.12 18.66 11.19
C SER C 919 -2.48 19.17 11.64
N LYS C 920 -3.50 18.30 11.61
CA LYS C 920 -4.84 18.71 12.02
C LYS C 920 -4.93 18.91 13.52
N GLN C 921 -4.25 18.05 14.30
CA GLN C 921 -4.20 18.24 15.76
C GLN C 921 -3.59 19.60 16.11
N ALA C 922 -2.49 19.96 15.44
CA ALA C 922 -1.86 21.25 15.70
C ALA C 922 -2.81 22.39 15.34
N LEU C 923 -3.49 22.27 14.20
CA LEU C 923 -4.44 23.30 13.79
C LEU C 923 -5.54 23.47 14.84
N LEU C 924 -6.10 22.37 15.32
CA LEU C 924 -7.13 22.47 16.35
C LEU C 924 -6.60 23.11 17.62
N LEU C 925 -5.38 22.73 18.03
CA LEU C 925 -4.82 23.30 19.24
C LEU C 925 -4.54 24.79 19.08
N MET C 926 -4.01 25.17 17.91
CA MET C 926 -3.73 26.58 17.68
C MET C 926 -5.01 27.41 17.72
N LYS C 927 -6.08 26.90 17.10
CA LYS C 927 -7.37 27.60 17.18
C LYS C 927 -7.79 27.77 18.63
N LEU C 928 -7.77 26.67 19.41
CA LEU C 928 -8.21 26.75 20.80
C LEU C 928 -7.39 27.78 21.56
N ILE C 929 -6.07 27.71 21.44
CA ILE C 929 -5.22 28.66 22.17
C ILE C 929 -5.47 30.09 21.69
N SER C 930 -5.64 30.27 20.38
CA SER C 930 -5.87 31.62 19.86
C SER C 930 -7.18 32.20 20.35
N LEU C 931 -8.16 31.36 20.67
CA LEU C 931 -9.41 31.88 21.24
C LEU C 931 -9.14 32.65 22.52
N VAL C 932 -8.25 32.13 23.37
CA VAL C 932 -8.00 32.78 24.65
C VAL C 932 -7.13 34.01 24.46
N TYR C 933 -6.12 33.93 23.61
CA TYR C 933 -5.23 35.07 23.41
C TYR C 933 -5.80 36.11 22.46
N ASP C 934 -7.05 35.96 22.03
CA ASP C 934 -7.79 37.04 21.39
C ASP C 934 -9.00 37.45 22.22
N ASN C 935 -9.10 36.98 23.47
CA ASN C 935 -10.20 37.34 24.37
C ASN C 935 -11.56 37.15 23.69
N LYS C 936 -11.65 36.11 22.86
CA LYS C 936 -12.91 35.73 22.24
C LYS C 936 -13.73 34.79 23.11
N ILE C 937 -13.24 34.44 24.29
CA ILE C 937 -14.05 33.81 25.32
C ILE C 937 -14.36 34.89 26.35
N SER C 938 -15.64 35.25 26.45
CA SER C 938 -16.09 36.37 27.27
C SER C 938 -16.50 35.94 28.68
N VAL C 939 -16.00 34.81 29.16
CA VAL C 939 -16.35 34.31 30.49
C VAL C 939 -15.10 33.70 31.12
N PRO C 940 -14.88 33.87 32.42
CA PRO C 940 -13.75 33.19 33.05
C PRO C 940 -13.85 31.68 32.87
N LEU C 941 -12.72 31.07 32.52
CA LEU C 941 -12.67 29.62 32.35
C LEU C 941 -12.45 28.87 33.66
N TYR C 942 -12.32 29.58 34.78
CA TYR C 942 -12.01 28.97 36.07
C TYR C 942 -13.23 29.02 36.99
N GLN C 943 -13.08 28.38 38.14
CA GLN C 943 -14.18 28.23 39.10
C GLN C 943 -13.94 29.11 40.33
N VAL C 947 -8.89 30.03 42.17
CA VAL C 947 -8.00 31.02 41.56
C VAL C 947 -8.55 32.44 41.77
N PRO C 948 -7.68 33.40 42.06
CA PRO C 948 -8.15 34.76 42.35
C PRO C 948 -8.99 35.34 41.24
N GLN C 949 -9.96 36.16 41.64
CA GLN C 949 -10.85 36.84 40.69
C GLN C 949 -10.06 37.81 39.81
N GLY C 950 -10.69 38.20 38.71
CA GLY C 950 -10.09 39.12 37.76
C GLY C 950 -8.94 38.56 36.94
N THR C 951 -8.40 37.39 37.31
CA THR C 951 -7.37 36.75 36.51
C THR C 951 -7.81 36.65 35.05
N SER C 952 -6.91 37.00 34.15
CA SER C 952 -7.20 36.89 32.73
C SER C 952 -7.22 35.41 32.33
N ASN C 953 -8.10 35.06 31.39
CA ASN C 953 -8.12 33.69 30.91
C ASN C 953 -6.75 33.27 30.39
N GLN C 954 -5.97 34.20 29.82
CA GLN C 954 -4.63 33.89 29.36
C GLN C 954 -3.77 33.36 30.52
N VAL C 955 -3.82 34.03 31.66
CA VAL C 955 -3.04 33.60 32.80
C VAL C 955 -3.49 32.22 33.27
N TYR C 956 -4.81 31.98 33.30
CA TYR C 956 -5.29 30.70 33.80
C TYR C 956 -4.96 29.56 32.83
N LEU C 957 -5.03 29.82 31.53
CA LEU C 957 -4.67 28.79 30.55
C LEU C 957 -3.21 28.37 30.72
N SER C 958 -2.32 29.33 30.98
CA SER C 958 -0.92 28.98 31.20
C SER C 958 -0.74 28.17 32.47
N GLN C 959 -1.49 28.52 33.52
CA GLN C 959 -1.42 27.75 34.75
C GLN C 959 -1.99 26.36 34.55
N TYR C 960 -3.14 26.26 33.87
CA TYR C 960 -3.74 24.95 33.64
C TYR C 960 -2.80 24.07 32.85
N LEU C 961 -2.21 24.60 31.78
CA LEU C 961 -1.36 23.79 30.92
C LEU C 961 -0.07 23.39 31.61
N ALA C 962 0.56 24.34 32.32
CA ALA C 962 1.77 23.99 33.06
C ALA C 962 1.51 22.85 34.02
N ASN C 963 0.41 22.91 34.77
CA ASN C 963 0.07 21.84 35.71
C ASN C 963 -0.24 20.54 34.98
N MET C 964 -0.96 20.62 33.85
CA MET C 964 -1.28 19.42 33.09
C MET C 964 -0.01 18.74 32.60
N LEU C 965 0.94 19.52 32.09
CA LEU C 965 2.16 18.93 31.55
C LEU C 965 3.07 18.46 32.67
N SER C 966 3.12 19.20 33.78
CA SER C 966 3.94 18.79 34.93
C SER C 966 3.53 17.40 35.42
N ASN C 967 2.23 17.11 35.45
CA ASN C 967 1.77 15.83 35.97
C ASN C 967 1.86 14.72 34.92
N ALA C 968 1.74 15.07 33.64
CA ALA C 968 1.74 14.06 32.59
C ALA C 968 3.15 13.70 32.14
N PHE C 969 4.08 14.63 32.26
CA PHE C 969 5.48 14.43 31.89
C PHE C 969 6.35 14.90 33.06
N PRO C 970 6.36 14.14 34.15
CA PRO C 970 7.04 14.61 35.36
C PRO C 970 8.54 14.67 35.23
N HIS C 971 9.13 14.07 34.20
CA HIS C 971 10.58 14.17 34.02
C HIS C 971 11.02 15.49 33.40
N LEU C 972 10.08 16.36 33.04
CA LEU C 972 10.42 17.70 32.56
C LEU C 972 10.65 18.62 33.74
N THR C 973 11.54 19.57 33.55
CA THR C 973 11.72 20.62 34.53
C THR C 973 10.61 21.67 34.36
N SER C 974 10.35 22.39 35.44
CA SER C 974 9.40 23.50 35.36
C SER C 974 9.80 24.48 34.28
N GLU C 975 11.10 24.70 34.07
CA GLU C 975 11.53 25.70 33.09
C GLU C 975 11.25 25.23 31.67
N GLN C 976 11.42 23.94 31.40
CA GLN C 976 11.09 23.42 30.08
C GLN C 976 9.62 23.68 29.76
N ILE C 977 8.73 23.27 30.66
CA ILE C 977 7.30 23.48 30.45
C ILE C 977 7.00 24.95 30.27
N ALA C 978 7.56 25.80 31.11
CA ALA C 978 7.24 27.23 31.00
C ALA C 978 7.77 27.82 29.70
N SER C 979 9.00 27.49 29.31
CA SER C 979 9.51 27.99 28.03
C SER C 979 8.67 27.48 26.87
N PHE C 980 8.32 26.19 26.89
CA PHE C 980 7.49 25.62 25.84
C PHE C 980 6.18 26.38 25.69
N LEU C 981 5.44 26.55 26.79
CA LEU C 981 4.14 27.23 26.70
C LEU C 981 4.31 28.67 26.26
N SER C 982 5.34 29.35 26.76
CA SER C 982 5.60 30.73 26.34
CA SER C 982 5.59 30.72 26.34
C SER C 982 5.78 30.80 24.84
N ALA C 983 6.65 29.96 24.28
CA ALA C 983 6.83 29.96 22.83
C ALA C 983 5.52 29.57 22.12
N LEU C 984 4.83 28.56 22.64
CA LEU C 984 3.65 28.05 21.96
C LEU C 984 2.54 29.11 21.90
N THR C 985 2.31 29.82 23.01
CA THR C 985 1.24 30.81 23.01
C THR C 985 1.58 32.00 22.13
N LYS C 986 2.84 32.45 22.14
CA LYS C 986 3.24 33.57 21.28
C LYS C 986 3.10 33.24 19.81
N GLN C 987 3.08 31.96 19.45
CA GLN C 987 3.11 31.55 18.05
C GLN C 987 1.75 31.05 17.57
N CYS C 988 0.68 31.32 18.32
CA CYS C 988 -0.63 30.76 17.97
C CYS C 988 -1.27 31.43 16.73
N LYS C 989 -0.60 32.35 16.05
CA LYS C 989 -1.07 32.90 14.78
C LYS C 989 -0.18 32.50 13.61
N ASP C 990 0.82 31.64 13.84
CA ASP C 990 1.82 31.28 12.83
C ASP C 990 1.94 29.75 12.80
N LEU C 991 1.06 29.10 12.04
CA LEU C 991 0.93 27.65 12.14
C LEU C 991 2.25 26.94 11.92
N VAL C 992 3.07 27.42 10.99
CA VAL C 992 4.33 26.76 10.67
C VAL C 992 5.26 26.76 11.88
N VAL C 993 5.40 27.91 12.54
CA VAL C 993 6.30 28.00 13.69
C VAL C 993 5.71 27.26 14.87
N PHE C 994 4.40 27.43 15.11
CA PHE C 994 3.67 26.68 16.12
C PHE C 994 3.94 25.18 16.00
N LYS C 995 3.86 24.64 14.78
CA LYS C 995 4.08 23.22 14.58
C LYS C 995 5.51 22.83 14.88
N GLY C 996 6.48 23.66 14.48
CA GLY C 996 7.86 23.37 14.82
C GLY C 996 8.07 23.29 16.32
N THR C 997 7.39 24.16 17.07
CA THR C 997 7.52 24.15 18.52
C THR C 997 6.88 22.90 19.13
N LEU C 998 5.75 22.44 18.58
CA LEU C 998 5.19 21.17 19.03
C LEU C 998 6.15 20.02 18.75
N ARG C 999 6.77 20.03 17.56
CA ARG C 999 7.72 18.97 17.23
C ARG C 999 8.93 19.01 18.16
N ASP C 1000 9.39 20.21 18.52
CA ASP C 1000 10.49 20.29 19.48
C ASP C 1000 10.07 19.69 20.82
N PHE C 1001 8.85 19.97 21.27
CA PHE C 1001 8.35 19.38 22.50
C PHE C 1001 8.33 17.86 22.44
N LEU C 1002 7.85 17.30 21.32
CA LEU C 1002 7.76 15.84 21.21
C LEU C 1002 9.15 15.19 21.26
N VAL C 1003 10.17 15.90 20.79
CA VAL C 1003 11.54 15.42 20.96
C VAL C 1003 11.92 15.43 22.43
N GLN C 1004 11.67 16.54 23.12
CA GLN C 1004 12.18 16.72 24.46
C GLN C 1004 11.54 15.76 25.45
N ILE C 1005 10.25 15.44 25.28
CA ILE C 1005 9.61 14.55 26.23
C ILE C 1005 10.15 13.13 26.14
N LYS C 1006 10.97 12.83 25.15
CA LYS C 1006 11.54 11.50 24.96
C LYS C 1006 12.91 11.35 25.63
N GLU C 1007 13.45 12.42 26.21
CA GLU C 1007 14.74 12.39 26.87
C GLU C 1007 14.64 13.19 28.17
N VAL C 1008 15.72 13.19 28.95
CA VAL C 1008 15.83 14.00 30.15
C VAL C 1008 16.82 15.12 29.89
N GLY C 1009 16.53 16.30 30.44
CA GLY C 1009 17.48 17.40 30.43
C GLY C 1009 17.41 18.30 29.23
N GLY C 1010 16.31 18.25 28.47
CA GLY C 1010 16.17 19.12 27.32
C GLY C 1010 16.41 20.59 27.65
N ASP C 1011 17.07 21.29 26.74
CA ASP C 1011 17.43 22.68 26.97
C ASP C 1011 16.21 23.58 26.78
N PRO C 1012 15.76 24.30 27.80
CA PRO C 1012 14.55 25.12 27.62
C PRO C 1012 14.70 26.24 26.60
N THR C 1013 15.93 26.71 26.34
CA THR C 1013 16.12 27.78 25.36
C THR C 1013 15.89 27.30 23.93
N ASP C 1014 15.80 25.99 23.70
CA ASP C 1014 15.47 25.50 22.37
C ASP C 1014 14.19 26.11 21.84
N TYR C 1015 13.27 26.50 22.74
CA TYR C 1015 11.99 27.05 22.32
C TYR C 1015 12.08 28.52 21.92
N LEU C 1016 13.26 29.13 21.99
CA LEU C 1016 13.50 30.46 21.43
C LEU C 1016 13.95 30.40 19.98
N PHE C 1017 13.93 29.21 19.35
CA PHE C 1017 14.51 29.07 18.01
C PHE C 1017 13.89 30.05 17.03
N ALA C 1018 12.58 30.23 17.04
CA ALA C 1018 11.93 31.18 16.13
C ALA C 1018 12.02 32.61 16.65
PG GNP D . 3.29 -5.09 14.24
O1G GNP D . 2.96 -4.06 15.31
O2G GNP D . 4.51 -4.61 13.42
O3G GNP D . 3.62 -6.45 14.92
N3B GNP D . 1.95 -5.29 13.22
PB GNP D . 2.15 -5.94 11.66
O1B GNP D . 2.78 -7.35 11.76
O2B GNP D . 3.03 -5.05 10.84
O3A GNP D . 0.64 -6.05 10.95
PA GNP D . -0.38 -7.36 11.15
O1A GNP D . -0.18 -7.93 12.53
O2A GNP D . -0.05 -8.42 10.10
O5' GNP D . -1.99 -6.86 10.97
C5' GNP D . -2.29 -5.50 10.93
C4' GNP D . -3.63 -5.27 10.25
O4' GNP D . -3.44 -5.10 8.95
C3' GNP D . -4.57 -6.48 10.40
O3' GNP D . -5.82 -6.07 10.73
C2' GNP D . -4.58 -7.14 8.99
O2' GNP D . -5.90 -7.83 8.73
C1' GNP D . -4.41 -6.13 8.17
N9 GNP D . -3.79 -6.53 6.95
C8 GNP D . -2.61 -7.17 6.70
N7 GNP D . -2.48 -7.31 5.40
C5 GNP D . -3.57 -6.76 4.81
C6 GNP D . -3.94 -6.64 3.50
O6 GNP D . -3.25 -7.06 2.64
N1 GNP D . -5.09 -6.06 3.19
C2 GNP D . -5.89 -5.58 4.17
N2 GNP D . -7.21 -4.90 3.75
N3 GNP D . -5.53 -5.69 5.45
C4 GNP D . -4.36 -6.29 5.78
HNB3 GNP D . 1.20 -4.95 13.45
H5'2 GNP D . -2.34 -5.16 11.83
H5'1 GNP D . -1.59 -5.03 10.45
H4' GNP D . -4.06 -4.48 10.63
H3' GNP D . -4.22 -7.10 11.06
H2' GNP D . -3.84 -7.77 8.91
HO2' GNP D . -5.81 -8.67 8.82
H1' GNP D . -5.26 -5.71 8.00
H8 GNP D . -2.00 -7.45 7.34
HN1 GNP D . -5.32 -5.98 2.36
HN21 GNP D . -7.27 -4.51 2.98
HN22 GNP D . -7.90 -4.91 4.27
MG MG E . 3.31 -8.16 13.67
C9 6L8 F . -15.69 -4.91 -34.59
C10 6L8 F . -15.56 -5.46 -35.86
C11 6L8 F . -14.99 -6.75 -36.03
C6 6L8 F . -14.54 -7.45 -34.91
C7 6L8 F . -14.69 -6.90 -33.64
C8 6L8 F . -15.26 -5.63 -33.47
C12 6L8 F . -15.44 -5.03 -32.13
C13 6L8 F . -16.00 -4.72 -37.06
F2 6L8 F . -16.59 -5.60 -37.81
F1 6L8 F . -16.74 -3.69 -36.97
F3 6L8 F . -14.97 -4.15 -37.53
F6 6L8 F . -16.54 -4.39 -32.01
F5 6L8 F . -14.57 -4.19 -31.84
F4 6L8 F . -15.39 -5.93 -31.27
C5 6L8 F . -13.92 -8.78 -35.00
N3 6L8 F . -13.57 -9.44 -33.96
C4 6L8 F . -13.02 -10.54 -34.33
N2 6L8 F . -13.04 -10.54 -35.57
N4 6L8 F . -13.56 -9.46 -36.01
C3 6L8 F . -12.48 -11.63 -36.33
C2 6L8 F . -13.40 -12.82 -36.39
C1' 6L8 F . -13.94 -13.16 -35.00
C4' 6L8 F . -15.26 -13.02 -34.56
N2' 6L8 F . -15.61 -13.35 -33.30
C3' 6L8 F . -14.73 -13.81 -32.38
N1' 6L8 F . -13.45 -13.93 -32.77
C2' 6L8 F . -13.04 -13.64 -34.01
C1 6L8 F . -14.44 -12.47 -37.43
O1 6L8 F . -15.45 -11.89 -37.20
N1 6L8 F . -14.05 -12.90 -38.75
H1 6L8 F . -16.08 -4.07 -34.50
H2 6L8 F . -14.88 -7.11 -36.87
H3 6L8 F . -14.40 -7.37 -32.89
H4 6L8 F . -12.70 -11.21 -33.78
H5 6L8 F . -12.28 -11.34 -37.24
H6 6L8 F . -11.65 -11.93 -35.93
H7 6L8 F . -12.90 -13.58 -36.73
H8 6L8 F . -15.93 -12.73 -35.13
H9 6L8 F . -15.00 -14.02 -31.52
H10 6L8 F . -12.13 -13.74 -34.23
H11 6L8 F . -14.55 -12.74 -39.42
H12 6L8 F . -13.31 -13.30 -38.86
#